data_7KQH
#
_entry.id   7KQH
#
_cell.length_a   132.660
_cell.length_b   132.660
_cell.length_c   93.130
_cell.angle_alpha   90.000
_cell.angle_beta   90.000
_cell.angle_gamma   120.000
#
_symmetry.space_group_name_H-M   'P 31'
#
loop_
_entity.id
_entity.type
_entity.pdbx_description
1 polymer Hemagglutinin
2 polymer '2365 Fab heavy chain'
3 polymer '2365 Fab light chain'
4 branched beta-D-mannopyranose-(1-4)-2-acetamido-2-deoxy-beta-D-glucopyranose-(1-4)-2-acetamido-2-deoxy-beta-D-glucopyranose
5 branched alpha-D-mannopyranose-(1-6)-beta-D-mannopyranose-(1-4)-2-acetamido-2-deoxy-beta-D-glucopyranose-(1-4)-2-acetamido-2-deoxy-beta-D-glucopyranose
#
loop_
_entity_poly.entity_id
_entity_poly.type
_entity_poly.pdbx_seq_one_letter_code
_entity_poly.pdbx_strand_id
1 'polypeptide(L)'
;PLTTTPTKSYFANLKGTRTRGKLCPDCLNCTDLDVALGRPMCVGTTPSAKASILHEVRPVTSGCFPIMHDRTKIRQLPNL
LRGYEKIRLSTQNVIDAEKAPGGPYRLGTSGSCPNATSKIGFFATMAWAVPKDNYKNATNPLTVEVPYICTEGEDQITVW
GFHSDNKIQMKSLYGDSNPQKFTSSANGVTTHYVSQIGDFPDQTEDGGLPQSGRIVVDYMMQKPGKTGTIVYQRGVLLPQ
KVWCASGRSKVIKGSLPLIGEADCLHEEYGGLNKSKPYYTGKHAKAIGNCPIWVKTPLK
;
A,B
2 'polypeptide(L)'
;ASEVQLVESGGGLVQPGRSLRLSCAASGFTFDDYPMHWVRQVPGKGLEWVSSINWNGGSTDHADSVKGRFTISRDNARNS
LYLEMNSLKSEDTALYYCAKDLRASSSMDYYYYSGMDVWGQGTMVTVSGASTKGPSVFPLAPSSKSTSGGTAALGCLVKD
YFPEPVTVSWNSGALTSGVHTFPAVLQSSGLYSLSSVVTVPSSSLGTQTYICNVNHKPSNTKVDKRVEPKSCDKHHHHHH
;
H,C
3 'polypeptide(L)'
;ASDIQMTQSPSSLSASVGDRVTITCQASQGINNYLNWYQQKPGKAPKVLIYDASNLQTGVPSRFSGSGSGTDFIFTISSL
KPEDVATYYCQQYENVPITFGQGTRLDIKRTVAAPSVFIFPPSDEQLKSGTASVVCLLNNFYPREAKVQWKVDNALQSGN
SQESVTEQDSKDSTYSLSSTLTLSKADYEKHKVYACEVTHQGLSSPVTKSFNRGEC
;
L,D
#
# COMPACT_ATOMS: atom_id res chain seq x y z
N GLY A 16 -25.06 57.01 -17.46
CA GLY A 16 -24.70 56.80 -18.86
C GLY A 16 -24.30 55.36 -19.16
N THR A 17 -23.05 55.02 -18.84
CA THR A 17 -22.54 53.68 -19.10
C THR A 17 -23.14 52.69 -18.09
N ARG A 18 -22.79 51.42 -18.25
CA ARG A 18 -23.30 50.35 -17.41
C ARG A 18 -22.14 49.45 -16.98
N THR A 19 -22.44 48.56 -16.04
CA THR A 19 -21.44 47.69 -15.45
C THR A 19 -21.93 46.25 -15.46
N ARG A 20 -20.98 45.33 -15.30
CA ARG A 20 -21.29 43.90 -15.17
C ARG A 20 -20.34 43.28 -14.17
N GLY A 21 -20.89 42.67 -13.13
CA GLY A 21 -20.09 41.90 -12.19
C GLY A 21 -20.18 40.43 -12.51
N LYS A 22 -21.40 39.96 -12.77
CA LYS A 22 -21.63 38.59 -13.22
C LYS A 22 -21.36 38.51 -14.72
N LEU A 23 -20.43 37.64 -15.11
CA LEU A 23 -20.07 37.53 -16.52
C LEU A 23 -21.27 37.11 -17.38
N CYS A 24 -22.20 36.36 -16.80
CA CYS A 24 -23.45 36.02 -17.47
C CYS A 24 -24.61 36.22 -16.50
N PRO A 25 -25.30 37.36 -16.56
CA PRO A 25 -26.65 37.41 -15.99
C PRO A 25 -27.58 36.51 -16.78
N ASP A 26 -28.62 36.00 -16.11
CA ASP A 26 -29.54 34.94 -16.53
C ASP A 26 -28.91 33.55 -16.39
N CYS A 27 -27.64 33.47 -15.96
CA CYS A 27 -26.98 32.21 -15.63
C CYS A 27 -27.09 32.01 -14.11
N LEU A 28 -28.28 31.60 -13.68
CA LEU A 28 -28.54 31.46 -12.25
C LEU A 28 -27.71 30.34 -11.64
N ASN A 29 -27.40 30.49 -10.35
CA ASN A 29 -26.63 29.53 -9.56
C ASN A 29 -25.24 29.26 -10.13
N CYS A 30 -24.77 30.09 -11.07
CA CYS A 30 -23.48 29.91 -11.72
C CYS A 30 -22.54 31.04 -11.31
N THR A 31 -21.37 30.68 -10.80
CA THR A 31 -20.35 31.66 -10.46
C THR A 31 -19.65 32.12 -11.75
N ASP A 32 -18.66 32.99 -11.59
CA ASP A 32 -17.91 33.48 -12.74
C ASP A 32 -17.06 32.38 -13.36
N LEU A 33 -16.43 31.55 -12.52
CA LEU A 33 -15.63 30.45 -13.03
C LEU A 33 -16.48 29.28 -13.52
N ASP A 34 -17.75 29.20 -13.09
CA ASP A 34 -18.67 28.20 -13.63
C ASP A 34 -18.96 28.49 -15.10
N VAL A 35 -19.31 29.73 -15.42
CA VAL A 35 -19.55 30.11 -16.82
C VAL A 35 -18.24 30.17 -17.59
N ALA A 36 -17.11 30.39 -16.89
CA ALA A 36 -15.82 30.49 -17.57
C ALA A 36 -15.39 29.16 -18.15
N LEU A 37 -15.55 28.07 -17.40
CA LEU A 37 -15.17 26.74 -17.88
C LEU A 37 -16.16 26.16 -18.89
N GLY A 38 -17.28 26.84 -19.12
CA GLY A 38 -18.31 26.26 -19.97
C GLY A 38 -19.08 25.14 -19.31
N ARG A 39 -19.27 25.22 -18.00
CA ARG A 39 -20.02 24.20 -17.28
C ARG A 39 -21.45 24.12 -17.83
N PRO A 40 -22.00 22.92 -18.00
CA PRO A 40 -23.37 22.81 -18.53
C PRO A 40 -24.37 23.50 -17.61
N MET A 41 -25.44 24.01 -18.23
CA MET A 41 -26.46 24.83 -17.58
C MET A 41 -25.92 26.16 -17.06
N CYS A 42 -24.74 26.58 -17.52
CA CYS A 42 -24.18 27.89 -17.21
C CYS A 42 -23.81 28.68 -18.45
N VAL A 43 -24.14 28.19 -19.64
CA VAL A 43 -23.83 28.88 -20.89
C VAL A 43 -24.97 29.82 -21.22
N GLY A 44 -24.62 31.07 -21.55
CA GLY A 44 -25.63 32.04 -21.89
C GLY A 44 -25.01 33.26 -22.53
N THR A 45 -25.85 34.29 -22.74
CA THR A 45 -25.39 35.52 -23.34
C THR A 45 -24.48 36.27 -22.37
N THR A 46 -23.22 36.45 -22.76
CA THR A 46 -22.27 37.18 -21.94
C THR A 46 -22.05 38.58 -22.53
N PRO A 47 -22.79 39.59 -22.07
CA PRO A 47 -22.71 40.91 -22.71
C PRO A 47 -21.41 41.63 -22.41
N SER A 48 -21.31 42.87 -22.88
CA SER A 48 -20.12 43.68 -22.75
C SER A 48 -20.42 44.98 -22.02
N ALA A 49 -19.55 45.33 -21.09
CA ALA A 49 -19.61 46.62 -20.41
C ALA A 49 -18.18 47.10 -20.20
N LYS A 50 -17.93 48.37 -20.52
CA LYS A 50 -16.58 48.90 -20.45
C LYS A 50 -16.07 48.99 -19.02
N ALA A 51 -16.95 49.06 -18.03
CA ALA A 51 -16.56 49.16 -16.61
C ALA A 51 -17.10 47.94 -15.87
N SER A 52 -16.24 46.94 -15.68
CA SER A 52 -16.58 45.72 -14.96
C SER A 52 -15.91 45.74 -13.58
N ILE A 53 -16.57 45.12 -12.61
CA ILE A 53 -16.12 45.10 -11.22
C ILE A 53 -15.58 43.71 -10.90
N LEU A 54 -14.47 43.67 -10.15
CA LEU A 54 -13.89 42.44 -9.66
C LEU A 54 -14.36 42.19 -8.23
N HIS A 55 -14.69 40.94 -7.93
CA HIS A 55 -15.35 40.63 -6.65
C HIS A 55 -14.69 39.45 -5.94
N GLU A 56 -14.13 38.51 -6.70
CA GLU A 56 -13.62 37.26 -6.14
C GLU A 56 -12.11 37.29 -6.10
N VAL A 57 -11.55 37.19 -4.89
CA VAL A 57 -10.11 36.93 -4.75
C VAL A 57 -9.79 35.51 -5.18
N ARG A 58 -10.67 34.56 -4.84
CA ARG A 58 -10.53 33.14 -5.18
C ARG A 58 -11.73 32.73 -6.01
N PRO A 59 -11.66 32.80 -7.33
CA PRO A 59 -12.76 32.29 -8.17
C PRO A 59 -12.95 30.79 -7.94
N VAL A 60 -14.13 30.44 -7.42
CA VAL A 60 -14.44 29.07 -7.02
C VAL A 60 -15.53 28.53 -7.93
N THR A 61 -15.38 27.27 -8.33
CA THR A 61 -16.38 26.62 -9.17
C THR A 61 -17.40 25.86 -8.33
N SER A 62 -18.42 25.33 -9.00
CA SER A 62 -19.43 24.51 -8.35
C SER A 62 -20.12 23.69 -9.41
N GLY A 63 -20.03 22.36 -9.31
CA GLY A 63 -20.67 21.50 -10.28
C GLY A 63 -19.77 20.43 -10.87
N CYS A 64 -19.25 20.69 -12.07
CA CYS A 64 -18.60 19.67 -12.88
C CYS A 64 -17.35 19.09 -12.21
N PHE A 65 -16.75 18.09 -12.85
CA PHE A 65 -15.63 17.27 -12.38
C PHE A 65 -14.63 18.08 -11.57
N PRO A 66 -14.19 17.56 -10.41
CA PRO A 66 -13.26 18.31 -9.56
C PRO A 66 -11.98 18.66 -10.29
N ILE A 67 -11.36 19.76 -9.85
CA ILE A 67 -10.22 20.36 -10.52
C ILE A 67 -9.06 20.47 -9.54
N MET A 68 -7.86 20.16 -10.02
CA MET A 68 -6.61 20.46 -9.30
C MET A 68 -6.24 21.90 -9.63
N HIS A 69 -6.89 22.84 -8.95
CA HIS A 69 -6.78 24.25 -9.31
C HIS A 69 -5.35 24.76 -9.14
N ASP A 70 -4.66 24.29 -8.09
CA ASP A 70 -3.34 24.80 -7.76
C ASP A 70 -2.27 24.34 -8.73
N ARG A 71 -2.52 23.28 -9.51
CA ARG A 71 -1.51 22.79 -10.44
C ARG A 71 -1.18 23.83 -11.51
N THR A 72 -2.16 24.62 -11.93
CA THR A 72 -1.94 25.56 -13.03
C THR A 72 -2.32 26.99 -12.64
N LYS A 73 -2.30 27.88 -13.62
CA LYS A 73 -2.73 29.26 -13.47
C LYS A 73 -4.19 29.47 -13.89
N ILE A 74 -5.02 28.43 -13.77
CA ILE A 74 -6.38 28.46 -14.29
C ILE A 74 -7.29 29.40 -13.51
N ARG A 75 -6.96 29.68 -12.25
CA ARG A 75 -7.88 30.40 -11.38
C ARG A 75 -8.18 31.81 -11.87
N GLN A 76 -7.28 32.42 -12.64
CA GLN A 76 -7.42 33.81 -13.07
C GLN A 76 -7.83 33.93 -14.53
N LEU A 77 -8.69 33.02 -15.00
CA LEU A 77 -9.25 33.17 -16.35
C LEU A 77 -10.29 34.28 -16.40
N PRO A 78 -11.26 34.38 -15.49
CA PRO A 78 -12.23 35.48 -15.59
C PRO A 78 -11.65 36.85 -15.26
N ASN A 79 -10.77 36.93 -14.27
CA ASN A 79 -10.18 38.22 -13.91
C ASN A 79 -9.37 38.80 -15.06
N LEU A 80 -8.79 37.95 -15.92
CA LEU A 80 -8.20 38.42 -17.16
C LEU A 80 -9.28 38.66 -18.21
N LEU A 81 -10.29 37.79 -18.27
CA LEU A 81 -11.38 37.96 -19.23
C LEU A 81 -12.23 39.19 -18.91
N ARG A 82 -12.38 39.53 -17.63
CA ARG A 82 -13.13 40.72 -17.25
C ARG A 82 -12.45 41.99 -17.71
N GLY A 83 -11.12 41.96 -17.89
CA GLY A 83 -10.41 43.09 -18.46
C GLY A 83 -10.65 43.31 -19.94
N TYR A 84 -11.35 42.37 -20.60
CA TYR A 84 -11.68 42.49 -22.02
C TYR A 84 -13.09 43.04 -22.17
N GLU A 85 -13.29 43.88 -23.19
CA GLU A 85 -14.55 44.58 -23.40
C GLU A 85 -15.65 43.62 -23.83
N LYS A 86 -15.55 43.11 -25.07
CA LYS A 86 -16.54 42.21 -25.62
C LYS A 86 -16.11 40.76 -25.41
N ILE A 87 -17.07 39.91 -25.06
CA ILE A 87 -16.81 38.50 -24.79
C ILE A 87 -17.90 37.67 -25.44
N ARG A 88 -17.51 36.55 -26.05
CA ARG A 88 -18.44 35.57 -26.56
C ARG A 88 -17.71 34.25 -26.75
N LEU A 89 -18.34 33.16 -26.34
CA LEU A 89 -17.74 31.85 -26.52
C LEU A 89 -17.79 31.45 -28.00
N SER A 90 -16.97 30.47 -28.36
CA SER A 90 -16.91 30.01 -29.74
C SER A 90 -18.27 29.53 -30.21
N THR A 91 -18.75 30.10 -31.32
CA THR A 91 -20.00 29.64 -31.91
C THR A 91 -19.90 28.19 -32.36
N GLN A 92 -18.69 27.74 -32.70
CA GLN A 92 -18.47 26.41 -33.25
C GLN A 92 -17.24 25.79 -32.63
N ASN A 93 -17.09 24.48 -32.84
CA ASN A 93 -15.95 23.76 -32.30
C ASN A 93 -14.66 24.18 -33.02
N VAL A 94 -13.54 24.07 -32.29
CA VAL A 94 -12.25 24.44 -32.87
C VAL A 94 -11.67 23.30 -33.71
N ILE A 95 -11.71 22.07 -33.19
CA ILE A 95 -11.17 20.91 -33.89
C ILE A 95 -12.12 19.73 -33.73
N ASP A 96 -12.14 18.87 -34.75
CA ASP A 96 -12.85 17.59 -34.64
C ASP A 96 -12.08 16.67 -33.70
N ALA A 97 -12.63 16.44 -32.51
CA ALA A 97 -11.89 15.70 -31.49
C ALA A 97 -11.69 14.24 -31.88
N GLU A 98 -12.71 13.61 -32.46
CA GLU A 98 -12.62 12.18 -32.78
C GLU A 98 -11.61 11.89 -33.89
N LYS A 99 -11.31 12.87 -34.74
CA LYS A 99 -10.37 12.68 -35.84
C LYS A 99 -8.99 13.26 -35.54
N ALA A 100 -8.65 13.44 -34.26
CA ALA A 100 -7.31 13.85 -33.86
C ALA A 100 -6.36 12.66 -33.95
N PRO A 101 -5.07 12.92 -34.17
CA PRO A 101 -4.12 11.82 -34.32
C PRO A 101 -4.01 10.98 -33.05
N GLY A 102 -3.55 9.74 -33.23
CA GLY A 102 -3.38 8.81 -32.13
C GLY A 102 -4.47 7.77 -31.96
N GLY A 103 -5.40 7.66 -32.90
CA GLY A 103 -6.44 6.67 -32.82
C GLY A 103 -7.82 7.29 -32.71
N PRO A 104 -8.86 6.47 -32.90
CA PRO A 104 -10.23 6.98 -32.78
C PRO A 104 -10.56 7.37 -31.35
N TYR A 105 -11.36 8.43 -31.21
CA TYR A 105 -11.69 8.98 -29.90
C TYR A 105 -13.21 9.07 -29.75
N ARG A 106 -13.68 8.75 -28.56
CA ARG A 106 -15.09 8.85 -28.21
C ARG A 106 -15.28 10.08 -27.32
N LEU A 107 -16.30 10.87 -27.62
CA LEU A 107 -16.60 12.07 -26.85
C LEU A 107 -17.02 11.68 -25.44
N GLY A 108 -16.12 11.86 -24.47
CA GLY A 108 -16.40 11.47 -23.10
C GLY A 108 -17.49 12.29 -22.43
N THR A 109 -18.70 11.75 -22.37
CA THR A 109 -19.76 12.38 -21.61
C THR A 109 -19.61 12.00 -20.14
N SER A 110 -20.33 12.70 -19.27
CA SER A 110 -20.21 12.45 -17.84
C SER A 110 -21.52 12.84 -17.16
N GLY A 111 -21.88 12.07 -16.13
CA GLY A 111 -23.02 12.36 -15.29
C GLY A 111 -22.77 13.27 -14.11
N SER A 112 -21.52 13.67 -13.88
CA SER A 112 -21.15 14.60 -12.82
C SER A 112 -21.40 16.05 -13.19
N CYS A 113 -21.82 16.33 -14.43
CA CYS A 113 -22.04 17.69 -14.91
C CYS A 113 -23.37 17.69 -15.67
N PRO A 114 -24.47 17.93 -14.98
CA PRO A 114 -25.79 17.61 -15.52
C PRO A 114 -26.29 18.66 -16.52
N ASN A 115 -27.50 18.41 -17.01
CA ASN A 115 -28.08 19.12 -18.14
C ASN A 115 -29.59 19.11 -17.95
N ALA A 116 -30.26 20.15 -18.45
CA ALA A 116 -31.69 20.29 -18.21
C ALA A 116 -32.47 19.09 -18.73
N THR A 117 -32.00 18.46 -19.81
CA THR A 117 -32.71 17.32 -20.37
C THR A 117 -32.31 16.02 -19.69
N SER A 118 -31.01 15.80 -19.48
CA SER A 118 -30.52 14.57 -18.88
C SER A 118 -29.43 14.89 -17.88
N LYS A 119 -29.26 14.01 -16.89
CA LYS A 119 -28.27 14.21 -15.84
C LYS A 119 -26.82 14.13 -16.35
N ILE A 120 -26.61 13.96 -17.65
CA ILE A 120 -25.26 13.83 -18.21
C ILE A 120 -24.90 15.12 -18.95
N GLY A 121 -23.61 15.27 -19.24
CA GLY A 121 -23.11 16.45 -19.91
C GLY A 121 -21.64 16.66 -19.56
N PHE A 122 -21.07 17.67 -20.17
CA PHE A 122 -19.66 17.96 -19.96
C PHE A 122 -19.40 19.40 -20.40
N PHE A 123 -18.19 19.86 -20.17
CA PHE A 123 -17.79 21.18 -20.66
C PHE A 123 -17.94 21.26 -22.17
N ALA A 124 -18.26 22.46 -22.66
CA ALA A 124 -18.20 22.73 -24.09
C ALA A 124 -16.84 23.29 -24.51
N THR A 125 -16.18 24.04 -23.62
CA THR A 125 -14.85 24.57 -23.92
C THR A 125 -13.82 23.46 -24.07
N MET A 126 -14.03 22.33 -23.40
CA MET A 126 -13.14 21.19 -23.45
C MET A 126 -13.96 19.93 -23.66
N ALA A 127 -13.42 18.99 -24.43
CA ALA A 127 -14.02 17.68 -24.61
C ALA A 127 -13.12 16.61 -24.02
N TRP A 128 -13.73 15.57 -23.46
CA TRP A 128 -12.99 14.45 -22.89
C TRP A 128 -12.74 13.41 -23.97
N ALA A 129 -11.47 13.20 -24.31
CA ALA A 129 -11.10 12.20 -25.31
C ALA A 129 -10.87 10.86 -24.63
N VAL A 130 -11.48 9.82 -25.18
CA VAL A 130 -11.31 8.45 -24.69
C VAL A 130 -10.98 7.56 -25.86
N PRO A 131 -9.85 6.84 -25.85
CA PRO A 131 -9.53 5.96 -26.97
C PRO A 131 -10.45 4.76 -27.01
N LYS A 132 -10.87 4.40 -28.22
CA LYS A 132 -11.69 3.21 -28.40
C LYS A 132 -10.94 1.98 -27.92
N ASP A 133 -11.69 0.92 -27.61
CA ASP A 133 -11.10 -0.32 -27.11
C ASP A 133 -10.23 -1.01 -28.15
N ASN A 134 -10.16 -0.50 -29.39
CA ASN A 134 -9.17 -0.98 -30.35
C ASN A 134 -7.76 -0.54 -29.98
N TYR A 135 -7.61 0.34 -29.00
CA TYR A 135 -6.31 0.91 -28.64
C TYR A 135 -5.66 0.05 -27.55
N LYS A 136 -4.54 -0.59 -27.91
CA LYS A 136 -3.68 -1.28 -26.95
C LYS A 136 -2.33 -1.47 -27.64
N ASN A 137 -1.42 -0.52 -27.41
CA ASN A 137 -0.18 -0.48 -28.16
C ASN A 137 0.79 0.48 -27.48
N ALA A 138 2.08 0.22 -27.68
CA ALA A 138 3.11 1.17 -27.26
C ALA A 138 2.98 2.45 -28.07
N THR A 139 2.71 3.55 -27.38
CA THR A 139 2.33 4.81 -28.03
C THR A 139 3.56 5.64 -28.41
N ASN A 140 3.31 6.66 -29.23
CA ASN A 140 4.28 7.67 -29.63
C ASN A 140 3.68 9.04 -29.38
N PRO A 141 4.51 10.04 -29.09
CA PRO A 141 3.99 11.39 -28.83
C PRO A 141 3.22 11.94 -30.02
N LEU A 142 2.27 12.84 -29.72
CA LEU A 142 1.33 13.35 -30.70
C LEU A 142 1.33 14.87 -30.67
N THR A 143 0.79 15.47 -31.74
CA THR A 143 0.76 16.92 -31.90
C THR A 143 -0.51 17.30 -32.63
N VAL A 144 -1.04 18.49 -32.31
CA VAL A 144 -2.21 19.04 -32.98
C VAL A 144 -2.17 20.56 -32.87
N GLU A 145 -2.38 21.25 -33.98
CA GLU A 145 -2.43 22.70 -33.98
C GLU A 145 -3.83 23.18 -33.60
N VAL A 146 -3.92 24.46 -33.24
CA VAL A 146 -5.18 25.06 -32.83
C VAL A 146 -5.45 26.29 -33.71
N PRO A 147 -6.46 26.24 -34.58
CA PRO A 147 -6.72 27.36 -35.49
C PRO A 147 -7.26 28.57 -34.76
N TYR A 148 -7.31 29.69 -35.49
CA TYR A 148 -7.85 30.96 -35.01
C TYR A 148 -9.21 31.18 -35.66
N ILE A 149 -10.26 30.62 -35.02
CA ILE A 149 -11.62 30.76 -35.53
C ILE A 149 -12.23 32.13 -35.20
N CYS A 150 -11.70 32.82 -34.20
CA CYS A 150 -12.26 34.09 -33.74
C CYS A 150 -12.22 35.15 -34.84
N THR A 151 -12.87 36.28 -34.55
CA THR A 151 -13.25 37.27 -35.53
C THR A 151 -12.10 38.25 -35.77
N GLU A 152 -12.46 39.45 -36.24
CA GLU A 152 -11.50 40.45 -36.73
C GLU A 152 -10.35 40.72 -35.77
N GLY A 153 -10.65 41.02 -34.52
CA GLY A 153 -9.60 41.34 -33.56
C GLY A 153 -9.71 40.57 -32.26
N GLU A 154 -10.79 39.81 -32.09
CA GLU A 154 -11.01 39.07 -30.86
C GLU A 154 -9.92 38.02 -30.64
N ASP A 155 -9.24 38.11 -29.50
CA ASP A 155 -8.14 37.21 -29.20
C ASP A 155 -8.65 35.78 -28.98
N GLN A 156 -7.80 34.82 -29.32
CA GLN A 156 -8.12 33.40 -29.18
C GLN A 156 -7.75 32.96 -27.77
N ILE A 157 -8.76 32.80 -26.92
CA ILE A 157 -8.56 32.33 -25.55
C ILE A 157 -8.98 30.86 -25.55
N THR A 158 -8.00 29.98 -25.76
CA THR A 158 -8.25 28.55 -25.80
C THR A 158 -8.08 27.94 -24.42
N VAL A 159 -9.00 27.05 -24.05
CA VAL A 159 -8.99 26.40 -22.75
C VAL A 159 -8.77 24.91 -22.96
N TRP A 160 -7.67 24.39 -22.42
CA TRP A 160 -7.26 22.99 -22.58
C TRP A 160 -7.14 22.32 -21.22
N GLY A 161 -6.72 21.07 -21.23
CA GLY A 161 -6.54 20.32 -20.00
C GLY A 161 -6.37 18.84 -20.27
N PHE A 162 -6.31 18.08 -19.19
CA PHE A 162 -6.18 16.62 -19.28
C PHE A 162 -6.75 15.98 -18.02
N HIS A 163 -7.13 14.72 -18.16
CA HIS A 163 -7.68 13.93 -17.07
C HIS A 163 -6.68 12.89 -16.62
N SER A 164 -6.69 12.61 -15.32
CA SER A 164 -5.87 11.55 -14.74
C SER A 164 -6.61 10.93 -13.57
N ASP A 165 -6.56 9.61 -13.47
CA ASP A 165 -7.29 8.86 -12.46
C ASP A 165 -6.30 8.00 -11.66
N ASN A 166 -6.83 7.11 -10.84
CA ASN A 166 -6.03 6.20 -10.04
C ASN A 166 -5.26 5.23 -10.93
N LYS A 167 -4.35 4.47 -10.31
CA LYS A 167 -3.40 3.67 -11.09
C LYS A 167 -4.10 2.64 -11.96
N ILE A 168 -5.05 1.91 -11.38
CA ILE A 168 -5.73 0.85 -12.15
C ILE A 168 -6.73 1.43 -13.14
N GLN A 169 -7.43 2.50 -12.74
CA GLN A 169 -8.40 3.11 -13.65
C GLN A 169 -7.73 3.67 -14.91
N MET A 170 -6.51 4.23 -14.77
CA MET A 170 -5.76 4.64 -15.96
C MET A 170 -5.47 3.45 -16.86
N LYS A 171 -5.00 2.34 -16.27
CA LYS A 171 -4.81 1.12 -17.04
C LYS A 171 -6.14 0.54 -17.50
N SER A 172 -7.23 0.80 -16.75
CA SER A 172 -8.55 0.36 -17.19
C SER A 172 -9.04 1.16 -18.38
N LEU A 173 -8.66 2.43 -18.47
CA LEU A 173 -9.03 3.29 -19.59
C LEU A 173 -7.98 3.37 -20.68
N TYR A 174 -6.68 3.27 -20.33
CA TYR A 174 -5.59 3.47 -21.27
C TYR A 174 -4.65 2.27 -21.23
N GLY A 175 -3.57 2.34 -21.99
CA GLY A 175 -2.73 1.16 -22.18
C GLY A 175 -1.83 0.87 -20.99
N ASP A 176 -1.35 1.92 -20.33
CA ASP A 176 -0.39 1.76 -19.25
C ASP A 176 -0.84 2.56 -18.03
N SER A 177 -0.42 2.08 -16.85
CA SER A 177 -0.67 2.78 -15.59
C SER A 177 0.30 3.93 -15.36
N ASN A 178 1.34 4.06 -16.18
CA ASN A 178 2.35 5.07 -15.98
C ASN A 178 1.82 6.46 -16.29
N PRO A 179 2.43 7.51 -15.74
CA PRO A 179 1.93 8.87 -15.95
C PRO A 179 2.01 9.29 -17.42
N GLN A 180 1.27 10.35 -17.73
CA GLN A 180 1.16 10.88 -19.08
C GLN A 180 1.81 12.25 -19.16
N LYS A 181 2.29 12.61 -20.36
CA LYS A 181 3.06 13.83 -20.58
C LYS A 181 2.34 14.71 -21.58
N PHE A 182 2.19 15.99 -21.24
CA PHE A 182 1.52 16.97 -22.09
C PHE A 182 2.32 18.26 -22.09
N THR A 183 2.10 19.06 -23.14
CA THR A 183 2.72 20.38 -23.22
C THR A 183 2.03 21.18 -24.32
N SER A 184 1.97 22.50 -24.11
CA SER A 184 1.38 23.41 -25.08
C SER A 184 2.26 24.65 -25.22
N SER A 185 2.14 25.31 -26.36
CA SER A 185 2.93 26.50 -26.64
C SER A 185 2.17 27.41 -27.61
N ALA A 186 2.11 28.70 -27.28
CA ALA A 186 1.45 29.68 -28.14
C ALA A 186 1.89 31.07 -27.69
N ASN A 187 2.32 31.89 -28.65
CA ASN A 187 2.78 33.25 -28.38
C ASN A 187 3.94 33.25 -27.37
N GLY A 188 4.96 32.46 -27.67
CA GLY A 188 6.18 32.42 -26.87
C GLY A 188 6.03 31.77 -25.50
N VAL A 189 4.82 31.43 -25.07
CA VAL A 189 4.59 30.82 -23.76
C VAL A 189 4.56 29.31 -23.96
N THR A 190 5.57 28.62 -23.44
CA THR A 190 5.68 27.17 -23.58
C THR A 190 5.71 26.54 -22.19
N THR A 191 4.79 25.62 -21.94
CA THR A 191 4.67 24.98 -20.64
C THR A 191 4.39 23.49 -20.81
N HIS A 192 5.04 22.66 -19.98
CA HIS A 192 4.88 21.22 -19.98
C HIS A 192 4.05 20.78 -18.78
N TYR A 193 3.46 19.59 -18.88
CA TYR A 193 2.65 19.03 -17.81
C TYR A 193 2.76 17.51 -17.80
N VAL A 194 2.94 16.96 -16.60
CA VAL A 194 2.92 15.51 -16.39
C VAL A 194 1.77 15.19 -15.44
N SER A 195 1.09 14.07 -15.69
CA SER A 195 -0.10 13.72 -14.94
C SER A 195 0.26 13.14 -13.57
N GLN A 196 -0.73 13.11 -12.68
CA GLN A 196 -0.57 12.64 -11.32
C GLN A 196 -1.42 11.38 -11.12
N ILE A 197 -0.87 10.39 -10.43
CA ILE A 197 -1.53 9.11 -10.22
C ILE A 197 -1.62 8.84 -8.72
N GLY A 198 -2.82 8.53 -8.24
CA GLY A 198 -3.01 8.10 -6.87
C GLY A 198 -2.90 9.19 -5.82
N ASP A 199 -3.57 8.97 -4.68
CA ASP A 199 -3.53 9.90 -3.54
C ASP A 199 -3.90 11.32 -3.97
N PHE A 200 -4.94 11.44 -4.79
CA PHE A 200 -5.41 12.74 -5.22
C PHE A 200 -5.97 13.52 -4.02
N PRO A 201 -5.80 14.84 -4.01
CA PRO A 201 -6.34 15.64 -2.92
C PRO A 201 -7.86 15.55 -2.84
N ASP A 202 -8.39 16.16 -1.78
CA ASP A 202 -9.82 16.07 -1.49
C ASP A 202 -10.64 16.68 -2.62
N GLN A 203 -11.85 16.16 -2.80
CA GLN A 203 -12.76 16.71 -3.80
C GLN A 203 -13.22 18.09 -3.37
N THR A 204 -13.06 19.07 -4.27
CA THR A 204 -13.39 20.45 -3.96
C THR A 204 -14.04 21.08 -5.18
N GLU A 205 -15.00 21.97 -4.92
CA GLU A 205 -15.66 22.77 -5.96
C GLU A 205 -16.31 21.87 -7.01
N ASP A 206 -16.89 20.77 -6.56
CA ASP A 206 -17.54 19.80 -7.45
C ASP A 206 -19.04 19.75 -7.12
N GLY A 207 -19.73 18.81 -7.75
CA GLY A 207 -21.13 18.57 -7.51
C GLY A 207 -21.43 17.60 -6.38
N GLY A 208 -20.41 17.17 -5.63
CA GLY A 208 -20.63 16.27 -4.52
C GLY A 208 -20.59 14.80 -4.85
N LEU A 209 -20.21 14.43 -6.07
CA LEU A 209 -20.17 13.00 -6.39
C LEU A 209 -18.74 12.47 -6.30
N PRO A 210 -18.57 11.27 -5.74
CA PRO A 210 -17.23 10.70 -5.61
C PRO A 210 -16.60 10.40 -6.95
N GLN A 211 -15.35 10.84 -7.12
CA GLN A 211 -14.61 10.64 -8.36
C GLN A 211 -13.15 10.40 -8.01
N SER A 212 -12.65 9.22 -8.35
CA SER A 212 -11.23 8.93 -8.15
C SER A 212 -10.35 9.69 -9.13
N GLY A 213 -10.90 10.12 -10.26
CA GLY A 213 -10.14 10.89 -11.23
C GLY A 213 -10.11 12.37 -10.89
N ARG A 214 -9.18 13.07 -11.55
CA ARG A 214 -9.02 14.50 -11.36
C ARG A 214 -8.80 15.16 -12.71
N ILE A 215 -9.01 16.48 -12.73
CA ILE A 215 -8.93 17.29 -13.94
C ILE A 215 -7.92 18.39 -13.71
N VAL A 216 -7.00 18.57 -14.66
CA VAL A 216 -6.04 19.65 -14.64
C VAL A 216 -6.38 20.58 -15.79
N VAL A 217 -6.71 21.84 -15.48
CA VAL A 217 -7.20 22.80 -16.47
C VAL A 217 -6.19 23.93 -16.63
N ASP A 218 -6.03 24.41 -17.86
CA ASP A 218 -5.18 25.55 -18.17
C ASP A 218 -5.70 26.20 -19.44
N TYR A 219 -5.13 27.36 -19.78
CA TYR A 219 -5.52 28.10 -20.97
C TYR A 219 -4.29 28.67 -21.64
N MET A 220 -4.41 28.99 -22.92
CA MET A 220 -3.36 29.66 -23.67
C MET A 220 -3.96 30.74 -24.54
N MET A 221 -3.16 31.78 -24.77
CA MET A 221 -3.59 32.96 -25.52
C MET A 221 -2.94 32.96 -26.89
N GLN A 222 -3.75 33.19 -27.93
CA GLN A 222 -3.26 33.36 -29.29
C GLN A 222 -3.72 34.72 -29.79
N LYS A 223 -2.75 35.60 -30.07
CA LYS A 223 -3.07 36.85 -30.74
C LYS A 223 -3.62 36.56 -32.13
N PRO A 224 -4.40 37.49 -32.71
CA PRO A 224 -5.08 37.20 -33.98
C PRO A 224 -4.15 36.69 -35.07
N GLY A 225 -4.37 35.44 -35.50
CA GLY A 225 -3.54 34.80 -36.50
C GLY A 225 -2.51 33.84 -35.95
N LYS A 226 -2.11 34.01 -34.69
CA LYS A 226 -1.13 33.12 -34.09
C LYS A 226 -1.71 31.73 -33.91
N THR A 227 -0.99 30.73 -34.40
CA THR A 227 -1.44 29.35 -34.26
C THR A 227 -1.12 28.83 -32.87
N GLY A 228 -1.98 27.94 -32.39
CA GLY A 228 -1.82 27.32 -31.09
C GLY A 228 -1.36 25.87 -31.25
N THR A 229 -0.26 25.55 -30.57
CA THR A 229 0.33 24.23 -30.63
C THR A 229 0.00 23.44 -29.36
N ILE A 230 -0.34 22.16 -29.53
CA ILE A 230 -0.70 21.29 -28.42
C ILE A 230 -0.08 19.91 -28.64
N VAL A 231 0.77 19.49 -27.72
CA VAL A 231 1.36 18.15 -27.72
C VAL A 231 0.83 17.41 -26.50
N TYR A 232 0.29 16.22 -26.72
CA TYR A 232 -0.48 15.54 -25.68
C TYR A 232 -0.15 14.05 -25.69
N GLN A 233 -0.75 13.34 -24.74
CA GLN A 233 -0.74 11.88 -24.69
C GLN A 233 -2.15 11.44 -24.27
N ARG A 234 -2.28 10.21 -23.78
CA ARG A 234 -3.59 9.70 -23.40
C ARG A 234 -4.14 10.43 -22.17
N GLY A 235 -5.45 10.60 -22.13
CA GLY A 235 -6.10 11.30 -21.05
C GLY A 235 -6.21 12.80 -21.22
N VAL A 236 -6.08 13.32 -22.44
CA VAL A 236 -6.10 14.75 -22.69
C VAL A 236 -7.54 15.23 -22.80
N LEU A 237 -7.76 16.50 -22.46
CA LEU A 237 -9.05 17.18 -22.62
C LEU A 237 -8.87 18.22 -23.71
N LEU A 238 -9.09 17.81 -24.96
CA LEU A 238 -8.94 18.72 -26.09
C LEU A 238 -10.02 19.79 -26.06
N PRO A 239 -9.71 21.02 -26.45
CA PRO A 239 -10.74 22.07 -26.49
C PRO A 239 -11.68 21.89 -27.66
N GLN A 240 -12.94 22.29 -27.43
CA GLN A 240 -13.92 22.40 -28.50
C GLN A 240 -14.40 23.83 -28.65
N LYS A 241 -14.97 24.41 -27.59
CA LYS A 241 -15.33 25.82 -27.61
C LYS A 241 -14.19 26.65 -27.02
N VAL A 242 -14.11 27.90 -27.46
CA VAL A 242 -13.06 28.81 -27.05
C VAL A 242 -13.65 30.21 -26.92
N TRP A 243 -12.88 31.10 -26.32
CA TRP A 243 -13.33 32.46 -26.04
C TRP A 243 -12.76 33.44 -27.07
N CYS A 244 -13.62 34.32 -27.56
CA CYS A 244 -13.24 35.38 -28.48
C CYS A 244 -13.49 36.71 -27.77
N ALA A 245 -12.43 37.32 -27.25
CA ALA A 245 -12.53 38.58 -26.52
C ALA A 245 -11.54 39.57 -27.10
N SER A 246 -11.94 40.85 -27.12
CA SER A 246 -11.14 41.91 -27.72
C SER A 246 -11.21 43.16 -26.85
N GLY A 247 -10.36 44.13 -27.19
CA GLY A 247 -10.32 45.41 -26.52
C GLY A 247 -9.90 45.29 -25.06
N ARG A 248 -10.21 46.34 -24.30
CA ARG A 248 -9.95 46.39 -22.87
C ARG A 248 -11.18 46.92 -22.15
N SER A 249 -11.50 46.29 -21.01
CA SER A 249 -12.57 46.73 -20.13
C SER A 249 -11.95 47.20 -18.82
N LYS A 250 -12.48 48.29 -18.28
CA LYS A 250 -11.93 48.88 -17.07
C LYS A 250 -12.12 47.94 -15.88
N VAL A 251 -11.04 47.62 -15.20
CA VAL A 251 -11.03 46.70 -14.07
C VAL A 251 -10.99 47.51 -12.78
N ILE A 252 -11.71 47.04 -11.76
CA ILE A 252 -11.73 47.72 -10.46
C ILE A 252 -12.11 46.74 -9.37
N GLU B 3 33.79 19.20 29.26
CA GLU B 3 33.93 18.51 27.98
C GLU B 3 32.56 18.10 27.44
N VAL B 4 32.58 17.27 26.40
CA VAL B 4 31.34 16.75 25.83
C VAL B 4 30.66 15.82 26.83
N GLN B 5 29.35 15.99 26.98
CA GLN B 5 28.58 15.30 28.00
C GLN B 5 27.53 14.40 27.35
N LEU B 6 27.41 13.17 27.86
CA LEU B 6 26.30 12.28 27.52
C LEU B 6 25.74 11.69 28.80
N VAL B 7 24.47 12.00 29.09
CA VAL B 7 23.81 11.61 30.33
C VAL B 7 22.68 10.65 30.00
N GLU B 8 22.73 9.45 30.56
CA GLU B 8 21.67 8.47 30.41
C GLU B 8 20.61 8.63 31.50
N SER B 9 19.41 8.16 31.20
CA SER B 9 18.28 8.26 32.12
C SER B 9 17.20 7.29 31.68
N GLY B 10 16.41 6.83 32.65
CA GLY B 10 15.32 5.92 32.40
C GLY B 10 15.57 4.48 32.77
N GLY B 11 16.41 4.22 33.78
CA GLY B 11 16.73 2.86 34.18
C GLY B 11 15.85 2.37 35.31
N GLY B 12 16.12 1.14 35.73
CA GLY B 12 15.35 0.51 36.79
C GLY B 12 15.12 -0.96 36.54
N LEU B 13 13.99 -1.50 36.98
CA LEU B 13 13.62 -2.88 36.70
C LEU B 13 12.21 -2.94 36.11
N VAL B 14 11.99 -3.95 35.27
CA VAL B 14 10.75 -4.07 34.50
C VAL B 14 10.23 -5.49 34.57
N GLN B 15 8.91 -5.63 34.52
CA GLN B 15 8.30 -6.92 34.31
C GLN B 15 8.52 -7.34 32.85
N PRO B 16 8.69 -8.64 32.60
CA PRO B 16 8.74 -9.11 31.22
C PRO B 16 7.45 -8.78 30.47
N GLY B 17 7.60 -8.52 29.17
CA GLY B 17 6.50 -8.14 28.32
C GLY B 17 6.18 -6.67 28.31
N ARG B 18 6.54 -5.95 29.38
CA ARG B 18 6.34 -4.52 29.45
C ARG B 18 7.30 -3.81 28.50
N SER B 19 7.15 -2.49 28.39
CA SER B 19 7.98 -1.67 27.51
C SER B 19 8.59 -0.52 28.30
N LEU B 20 9.85 -0.20 27.99
CA LEU B 20 10.56 0.93 28.58
C LEU B 20 11.10 1.84 27.48
N ARG B 21 11.40 3.07 27.85
CA ARG B 21 11.94 4.07 26.92
C ARG B 21 13.18 4.70 27.56
N LEU B 22 14.35 4.37 27.03
CA LEU B 22 15.61 4.92 27.51
C LEU B 22 15.93 6.22 26.80
N SER B 23 16.61 7.11 27.52
CA SER B 23 16.93 8.45 27.02
C SER B 23 18.39 8.77 27.27
N CYS B 24 18.94 9.65 26.43
CA CYS B 24 20.32 10.08 26.49
C CYS B 24 20.38 11.57 26.16
N ALA B 25 20.98 12.36 27.05
CA ALA B 25 21.08 13.81 26.89
C ALA B 25 22.46 14.19 26.37
N ALA B 26 22.50 14.99 25.31
CA ALA B 26 23.74 15.43 24.69
C ALA B 26 24.05 16.88 25.05
N SER B 27 25.33 17.22 25.03
CA SER B 27 25.79 18.55 25.37
C SER B 27 27.20 18.76 24.87
N GLY B 28 27.50 19.99 24.45
CA GLY B 28 28.85 20.36 24.08
C GLY B 28 29.19 20.20 22.61
N PHE B 29 28.21 19.93 21.74
CA PHE B 29 28.49 19.74 20.33
C PHE B 29 27.21 19.91 19.53
N THR B 30 27.37 20.05 18.21
CA THR B 30 26.25 20.12 17.29
C THR B 30 25.60 18.74 17.21
N PHE B 31 24.51 18.56 17.94
CA PHE B 31 23.91 17.24 18.10
C PHE B 31 23.44 16.68 16.76
N ASP B 32 22.92 17.53 15.89
CA ASP B 32 22.31 17.06 14.65
C ASP B 32 23.32 16.64 13.59
N ASP B 33 24.62 16.83 13.82
CA ASP B 33 25.59 16.51 12.79
C ASP B 33 26.05 15.06 12.81
N TYR B 34 26.03 14.41 13.98
CA TYR B 34 26.62 13.08 14.11
C TYR B 34 25.55 12.01 14.34
N PRO B 35 25.61 10.90 13.63
CA PRO B 35 24.74 9.76 13.95
C PRO B 35 25.14 9.12 15.27
N MET B 36 24.19 8.43 15.88
CA MET B 36 24.38 7.83 17.20
C MET B 36 23.84 6.41 17.21
N HIS B 37 24.47 5.55 18.02
CA HIS B 37 24.02 4.16 18.23
C HIS B 37 23.84 3.90 19.72
N TRP B 38 23.31 2.72 20.02
CA TRP B 38 23.19 2.20 21.38
C TRP B 38 23.92 0.88 21.48
N VAL B 39 24.64 0.68 22.58
CA VAL B 39 25.42 -0.54 22.81
C VAL B 39 25.14 -1.03 24.22
N ARG B 40 24.91 -2.33 24.37
CA ARG B 40 24.63 -2.94 25.66
C ARG B 40 25.86 -3.68 26.18
N GLN B 41 25.84 -3.95 27.49
CA GLN B 41 26.93 -4.68 28.13
C GLN B 41 26.41 -5.21 29.46
N VAL B 42 26.25 -6.53 29.55
CA VAL B 42 25.92 -7.16 30.83
C VAL B 42 27.16 -7.12 31.73
N PRO B 43 27.05 -6.72 32.99
CA PRO B 43 28.25 -6.54 33.82
C PRO B 43 29.07 -7.81 33.93
N GLY B 44 30.37 -7.67 33.65
CA GLY B 44 31.27 -8.81 33.68
C GLY B 44 31.44 -9.51 32.35
N LYS B 45 31.05 -8.88 31.24
CA LYS B 45 31.12 -9.50 29.92
C LYS B 45 31.58 -8.46 28.91
N GLY B 46 31.52 -8.83 27.64
CA GLY B 46 31.92 -7.96 26.56
C GLY B 46 30.82 -7.03 26.14
N LEU B 47 30.93 -6.56 24.90
CA LEU B 47 29.99 -5.61 24.33
C LEU B 47 29.19 -6.25 23.21
N GLU B 48 27.88 -6.01 23.22
CA GLU B 48 26.98 -6.41 22.16
C GLU B 48 26.33 -5.17 21.59
N TRP B 49 26.37 -5.02 20.27
CA TRP B 49 25.77 -3.86 19.63
C TRP B 49 24.26 -4.03 19.56
N VAL B 50 23.55 -2.93 19.81
CA VAL B 50 22.10 -2.98 19.89
C VAL B 50 21.46 -2.45 18.61
N SER B 51 21.67 -1.16 18.32
CA SER B 51 20.95 -0.54 17.22
C SER B 51 21.64 0.76 16.80
N SER B 52 21.40 1.16 15.56
CA SER B 52 22.09 2.27 14.90
C SER B 52 21.10 3.18 14.19
N ILE B 53 21.29 4.49 14.33
CA ILE B 53 20.41 5.46 13.70
C ILE B 53 21.26 6.58 13.09
N ASN B 54 20.84 7.05 11.92
CA ASN B 54 21.48 8.21 11.28
C ASN B 54 21.07 9.48 12.02
N TRP B 55 21.58 10.62 11.55
CA TRP B 55 21.36 11.85 12.28
C TRP B 55 19.95 12.39 12.12
N ASN B 56 19.18 11.90 11.15
CA ASN B 56 17.79 12.30 10.98
C ASN B 56 16.81 11.32 11.60
N GLY B 57 17.02 10.02 11.37
CA GLY B 57 16.06 9.00 11.71
C GLY B 57 15.37 8.37 10.52
N GLY B 58 15.80 8.69 9.30
CA GLY B 58 15.18 8.10 8.12
C GLY B 58 15.66 6.70 7.80
N SER B 59 16.91 6.39 8.16
CA SER B 59 17.47 5.06 7.95
C SER B 59 17.93 4.53 9.31
N THR B 60 17.20 3.55 9.85
CA THR B 60 17.50 2.96 11.14
C THR B 60 17.87 1.49 10.96
N ASP B 61 18.77 1.01 11.82
CA ASP B 61 19.25 -0.36 11.76
C ASP B 61 19.30 -0.95 13.16
N HIS B 62 18.90 -2.21 13.29
CA HIS B 62 18.86 -2.91 14.57
C HIS B 62 19.58 -4.24 14.46
N ALA B 63 20.05 -4.74 15.60
CA ALA B 63 20.64 -6.06 15.63
C ALA B 63 19.56 -7.13 15.55
N ASP B 64 19.99 -8.37 15.27
CA ASP B 64 19.03 -9.46 15.14
C ASP B 64 18.38 -9.80 16.48
N SER B 65 19.09 -9.55 17.60
CA SER B 65 18.52 -9.80 18.92
C SER B 65 17.40 -8.82 19.26
N VAL B 66 17.32 -7.70 18.57
CA VAL B 66 16.34 -6.65 18.85
C VAL B 66 15.42 -6.41 17.67
N LYS B 67 15.26 -7.42 16.81
CA LYS B 67 14.42 -7.28 15.62
C LYS B 67 12.97 -7.08 16.02
N GLY B 68 12.40 -5.93 15.65
CA GLY B 68 11.04 -5.59 15.97
C GLY B 68 10.73 -5.35 17.44
N ARG B 69 11.70 -5.55 18.33
CA ARG B 69 11.50 -5.35 19.76
C ARG B 69 12.02 -4.02 20.27
N PHE B 70 13.08 -3.49 19.64
CA PHE B 70 13.68 -2.22 20.04
C PHE B 70 13.54 -1.21 18.89
N THR B 71 13.57 0.07 19.25
CA THR B 71 13.37 1.13 18.27
C THR B 71 14.10 2.39 18.71
N ILE B 72 14.82 3.01 17.79
CA ILE B 72 15.58 4.23 18.07
C ILE B 72 14.75 5.43 17.64
N SER B 73 15.04 6.57 18.28
CA SER B 73 14.40 7.83 17.95
C SER B 73 15.26 8.95 18.52
N ARG B 74 15.45 10.00 17.73
CA ARG B 74 16.20 11.15 18.17
C ARG B 74 15.42 12.43 17.91
N ASP B 75 15.51 13.37 18.84
CA ASP B 75 14.84 14.67 18.73
C ASP B 75 15.93 15.75 18.81
N ASN B 76 16.24 16.35 17.66
CA ASN B 76 17.30 17.33 17.58
C ASN B 76 16.90 18.70 18.09
N ALA B 77 15.62 18.88 18.45
CA ALA B 77 15.20 20.16 19.03
C ALA B 77 15.70 20.30 20.46
N ARG B 78 15.85 19.20 21.19
CA ARG B 78 16.34 19.22 22.57
C ARG B 78 17.70 18.56 22.72
N ASN B 79 18.33 18.13 21.62
CA ASN B 79 19.63 17.44 21.66
C ASN B 79 19.57 16.21 22.54
N SER B 80 18.50 15.44 22.42
CA SER B 80 18.28 14.24 23.22
C SER B 80 18.02 13.05 22.31
N LEU B 81 18.47 11.89 22.76
CA LEU B 81 18.32 10.63 22.03
C LEU B 81 17.50 9.67 22.86
N TYR B 82 16.52 9.02 22.23
CA TYR B 82 15.62 8.10 22.89
C TYR B 82 15.73 6.71 22.27
N LEU B 83 15.33 5.69 23.05
CA LEU B 83 15.34 4.31 22.60
C LEU B 83 14.09 3.62 23.14
N GLU B 84 13.25 3.12 22.23
CA GLU B 84 12.01 2.45 22.60
C GLU B 84 12.22 0.94 22.59
N MET B 85 11.88 0.29 23.71
CA MET B 85 12.11 -1.13 23.91
C MET B 85 10.79 -1.82 24.22
N ASN B 86 10.44 -2.84 23.42
CA ASN B 86 9.17 -3.55 23.56
C ASN B 86 9.43 -5.04 23.79
N SER B 87 8.52 -5.67 24.53
CA SER B 87 8.56 -7.11 24.79
C SER B 87 9.90 -7.52 25.39
N LEU B 88 10.16 -7.01 26.60
CA LEU B 88 11.45 -7.19 27.25
C LEU B 88 11.54 -8.58 27.87
N LYS B 89 12.56 -9.34 27.48
CA LYS B 89 12.81 -10.64 28.05
C LYS B 89 13.83 -10.53 29.19
N SER B 90 13.95 -11.61 29.95
CA SER B 90 14.89 -11.62 31.07
C SER B 90 16.34 -11.59 30.60
N GLU B 91 16.61 -12.02 29.35
CA GLU B 91 17.97 -11.97 28.82
C GLU B 91 18.43 -10.52 28.60
N ASP B 92 17.51 -9.61 28.30
CA ASP B 92 17.84 -8.21 28.06
C ASP B 92 18.37 -7.49 29.30
N THR B 93 18.43 -8.15 30.45
CA THR B 93 19.00 -7.58 31.66
C THR B 93 20.46 -7.21 31.42
N ALA B 94 20.73 -5.92 31.25
CA ALA B 94 22.07 -5.47 30.88
C ALA B 94 22.17 -3.96 31.14
N LEU B 95 23.37 -3.44 30.94
CA LEU B 95 23.68 -2.02 31.03
C LEU B 95 23.82 -1.48 29.61
N TYR B 96 23.19 -0.33 29.35
CA TYR B 96 23.04 0.20 27.99
C TYR B 96 23.71 1.56 27.88
N TYR B 97 24.50 1.74 26.81
CA TYR B 97 25.26 2.96 26.56
C TYR B 97 24.76 3.68 25.32
N CYS B 98 24.89 5.00 25.33
CA CYS B 98 24.69 5.82 24.13
C CYS B 98 26.03 6.39 23.68
N ALA B 99 26.23 6.46 22.36
CA ALA B 99 27.50 6.92 21.83
C ALA B 99 27.27 7.72 20.56
N LYS B 100 28.27 8.50 20.19
CA LYS B 100 28.21 9.40 19.04
C LYS B 100 29.30 9.05 18.03
N ASP B 101 28.96 9.10 16.74
CA ASP B 101 29.94 8.84 15.69
C ASP B 101 30.94 9.99 15.59
N LEU B 102 32.19 9.65 15.28
CA LEU B 102 33.19 10.71 15.07
C LEU B 102 33.03 11.35 13.69
N ARG B 103 32.76 10.55 12.67
CA ARG B 103 32.47 11.10 11.35
C ARG B 103 31.00 11.47 11.25
N ALA B 104 30.73 12.64 10.66
CA ALA B 104 29.38 13.19 10.58
C ALA B 104 28.70 12.85 9.27
N SER B 105 28.84 11.59 8.81
CA SER B 105 28.33 11.18 7.51
C SER B 105 26.83 11.45 7.39
N SER B 106 26.47 12.35 6.48
CA SER B 106 25.07 12.60 6.15
C SER B 106 24.64 11.63 5.05
N SER B 107 24.63 10.35 5.43
CA SER B 107 24.46 9.27 4.46
C SER B 107 23.01 9.14 3.98
N MET B 108 22.06 9.12 4.93
CA MET B 108 20.63 9.00 4.63
C MET B 108 20.26 7.64 4.04
N ASP B 109 21.26 6.82 3.69
CA ASP B 109 21.00 5.54 3.05
C ASP B 109 21.71 4.40 3.77
N TYR B 110 23.04 4.45 3.79
CA TYR B 110 23.86 3.37 4.32
C TYR B 110 25.19 3.92 4.80
N TYR B 111 25.86 3.15 5.64
CA TYR B 111 27.26 3.35 5.98
C TYR B 111 27.51 4.67 6.71
N TYR B 112 26.48 5.24 7.32
CA TYR B 112 26.66 6.41 8.16
C TYR B 112 27.41 6.09 9.45
N TYR B 113 27.70 4.82 9.71
CA TYR B 113 28.34 4.38 10.95
C TYR B 113 29.85 4.36 10.74
N SER B 114 30.56 5.11 11.57
CA SER B 114 32.00 5.13 11.54
C SER B 114 32.59 4.70 12.88
N GLY B 115 32.22 5.33 13.96
CA GLY B 115 32.88 5.03 15.22
C GLY B 115 32.18 5.51 16.47
N MET B 116 31.88 4.56 17.37
CA MET B 116 31.11 4.87 18.57
C MET B 116 32.09 5.21 19.70
N ASP B 117 32.18 6.50 20.02
CA ASP B 117 33.05 6.92 21.10
C ASP B 117 32.49 8.15 21.80
N VAL B 118 32.19 7.96 23.10
CA VAL B 118 31.86 8.93 24.13
C VAL B 118 31.40 8.08 25.30
N TRP B 119 30.34 7.29 25.08
CA TRP B 119 29.86 6.22 25.98
C TRP B 119 29.11 6.77 27.19
N GLY B 120 29.48 7.94 27.69
CA GLY B 120 28.78 8.51 28.82
C GLY B 120 28.78 7.62 30.04
N GLN B 121 27.83 7.84 30.95
CA GLN B 121 27.80 7.10 32.21
C GLN B 121 27.15 5.73 32.05
N GLY B 122 26.06 5.65 31.28
CA GLY B 122 25.30 4.42 31.16
C GLY B 122 24.26 4.29 32.26
N THR B 123 23.34 3.34 32.05
CA THR B 123 22.29 3.08 33.02
C THR B 123 22.03 1.58 33.12
N MET B 124 21.82 1.10 34.35
CA MET B 124 21.59 -0.32 34.60
C MET B 124 20.10 -0.65 34.45
N VAL B 125 19.81 -1.66 33.64
CA VAL B 125 18.45 -2.13 33.40
C VAL B 125 18.37 -3.59 33.87
N THR B 126 17.44 -3.86 34.78
CA THR B 126 17.21 -5.21 35.27
C THR B 126 15.83 -5.67 34.78
N VAL B 127 15.77 -6.88 34.23
CA VAL B 127 14.48 -7.43 33.85
C VAL B 127 14.15 -8.56 34.81
N SER B 128 13.50 -8.20 35.93
CA SER B 128 13.15 -9.18 36.94
C SER B 128 11.65 -9.19 37.20
N GLY B 129 11.21 -9.93 38.21
CA GLY B 129 9.80 -9.96 38.51
C GLY B 129 9.35 -8.73 39.28
N ALA B 130 9.79 -8.63 40.53
CA ALA B 130 9.39 -7.53 41.39
C ALA B 130 10.27 -7.42 42.63
N SER B 131 9.74 -6.80 43.67
CA SER B 131 10.39 -6.77 44.98
C SER B 131 11.74 -6.07 44.99
N THR B 132 11.77 -4.76 44.72
CA THR B 132 12.92 -3.95 45.11
C THR B 132 12.98 -3.87 46.64
N LYS B 133 14.14 -4.20 47.21
CA LYS B 133 14.25 -4.27 48.66
C LYS B 133 15.13 -3.18 49.27
N GLY B 134 15.79 -2.37 48.44
CA GLY B 134 16.56 -1.26 48.94
C GLY B 134 17.77 -1.69 49.75
N PRO B 135 18.66 -0.75 50.04
CA PRO B 135 19.91 -1.07 50.72
C PRO B 135 19.77 -1.16 52.23
N SER B 136 20.72 -1.86 52.85
CA SER B 136 20.91 -1.88 54.29
C SER B 136 22.39 -1.72 54.57
N VAL B 137 22.75 -0.70 55.36
CA VAL B 137 24.13 -0.29 55.56
C VAL B 137 24.55 -0.57 57.00
N PHE B 138 25.79 -1.02 57.16
CA PHE B 138 26.37 -1.29 58.47
C PHE B 138 27.86 -0.96 58.41
N PRO B 139 28.40 -0.30 59.43
CA PRO B 139 29.84 0.03 59.42
C PRO B 139 30.70 -1.12 59.94
N LEU B 140 32.02 -0.92 59.96
CA LEU B 140 32.92 -1.88 60.57
C LEU B 140 34.10 -1.13 61.18
N ALA B 141 34.48 -1.55 62.39
CA ALA B 141 35.49 -0.85 63.18
C ALA B 141 36.90 -1.16 62.69
N PRO B 142 37.88 -0.31 63.03
CA PRO B 142 39.26 -0.59 62.65
C PRO B 142 40.00 -1.47 63.66
N SER B 143 41.28 -1.72 63.39
CA SER B 143 42.14 -2.46 64.29
C SER B 143 43.23 -1.54 64.82
N SER B 144 43.87 -1.98 65.90
CA SER B 144 44.92 -1.21 66.54
C SER B 144 45.93 -2.19 67.16
N LYS B 145 46.73 -1.69 68.11
CA LYS B 145 47.78 -2.43 68.82
C LYS B 145 48.68 -3.23 67.88
N SER B 146 48.79 -2.81 66.62
CA SER B 146 49.69 -3.45 65.66
C SER B 146 50.78 -2.50 65.19
N THR B 147 50.43 -1.38 64.57
CA THR B 147 51.43 -0.40 64.11
C THR B 147 50.77 0.97 64.04
N SER B 148 51.28 1.91 64.83
CA SER B 148 50.78 3.28 64.77
C SER B 148 51.22 3.98 63.49
N GLY B 149 52.43 3.67 63.02
CA GLY B 149 52.93 4.30 61.81
C GLY B 149 52.23 3.83 60.55
N GLY B 150 51.92 2.53 60.48
CA GLY B 150 51.24 1.99 59.32
C GLY B 150 49.80 2.48 59.26
N THR B 151 49.34 2.76 58.05
CA THR B 151 47.97 3.23 57.85
C THR B 151 46.98 2.12 58.24
N ALA B 152 45.83 2.53 58.76
CA ALA B 152 44.82 1.60 59.25
C ALA B 152 43.79 1.31 58.17
N ALA B 153 42.76 0.55 58.55
CA ALA B 153 41.71 0.16 57.63
C ALA B 153 40.35 0.26 58.32
N LEU B 154 39.33 0.64 57.55
CA LEU B 154 37.95 0.73 58.00
C LEU B 154 37.10 1.08 56.79
N GLY B 155 35.79 0.90 56.93
CA GLY B 155 34.89 1.20 55.84
C GLY B 155 33.43 1.09 56.19
N CYS B 156 32.62 0.70 55.21
CA CYS B 156 31.19 0.49 55.41
C CYS B 156 30.76 -0.73 54.63
N LEU B 157 29.82 -1.49 55.21
CA LEU B 157 29.34 -2.73 54.63
C LEU B 157 27.88 -2.56 54.23
N VAL B 158 27.55 -3.00 53.01
CA VAL B 158 26.19 -2.96 52.49
C VAL B 158 25.70 -4.40 52.34
N LYS B 159 24.60 -4.72 53.01
CA LYS B 159 24.08 -6.08 53.04
C LYS B 159 22.60 -6.06 52.65
N ASP B 160 22.18 -7.07 51.90
CA ASP B 160 20.77 -7.32 51.59
C ASP B 160 20.13 -6.13 50.85
N TYR B 161 20.57 -5.96 49.60
CA TYR B 161 19.99 -4.96 48.71
C TYR B 161 19.77 -5.61 47.35
N PHE B 162 18.58 -5.42 46.78
CA PHE B 162 18.32 -6.15 45.56
C PHE B 162 18.77 -5.45 44.29
N PRO B 163 18.27 -4.25 43.97
CA PRO B 163 18.50 -3.72 42.61
C PRO B 163 19.99 -3.48 42.35
N GLU B 164 20.36 -3.59 41.07
CA GLU B 164 21.78 -3.70 40.73
C GLU B 164 22.54 -2.39 40.91
N PRO B 165 22.11 -1.24 40.39
CA PRO B 165 22.93 -0.02 40.51
C PRO B 165 23.06 0.42 41.97
N VAL B 166 24.30 0.52 42.44
CA VAL B 166 24.62 0.95 43.78
C VAL B 166 25.84 1.86 43.73
N THR B 167 25.81 2.95 44.48
CA THR B 167 26.86 3.96 44.47
C THR B 167 27.39 4.15 45.88
N VAL B 168 28.71 4.17 46.02
CA VAL B 168 29.38 4.40 47.30
C VAL B 168 30.22 5.66 47.17
N SER B 169 30.00 6.60 48.08
CA SER B 169 30.78 7.83 48.14
C SER B 169 31.37 7.98 49.53
N TRP B 170 32.36 8.86 49.65
CA TRP B 170 33.07 9.05 50.91
C TRP B 170 33.26 10.54 51.15
N ASN B 171 32.79 11.00 52.32
CA ASN B 171 32.78 12.42 52.67
C ASN B 171 32.05 13.24 51.60
N SER B 172 30.90 12.72 51.16
CA SER B 172 30.13 13.28 50.05
C SER B 172 30.95 13.34 48.76
N GLY B 173 31.95 12.47 48.64
CA GLY B 173 32.80 12.41 47.47
C GLY B 173 34.17 13.03 47.63
N ALA B 174 34.61 13.33 48.84
CA ALA B 174 35.88 14.00 49.06
C ALA B 174 37.05 13.03 49.16
N LEU B 175 36.84 11.82 49.68
CA LEU B 175 37.92 10.85 49.86
C LEU B 175 37.98 9.95 48.65
N THR B 176 39.09 10.04 47.91
CA THR B 176 39.34 9.17 46.76
C THR B 176 40.61 8.35 46.90
N SER B 177 41.54 8.76 47.76
CA SER B 177 42.81 8.06 47.89
C SER B 177 42.66 6.88 48.84
N GLY B 178 43.20 5.73 48.45
CA GLY B 178 43.16 4.55 49.29
C GLY B 178 41.82 3.85 49.40
N VAL B 179 40.80 4.30 48.67
CA VAL B 179 39.49 3.69 48.75
C VAL B 179 39.45 2.45 47.86
N HIS B 180 38.56 1.52 48.21
CA HIS B 180 38.37 0.28 47.45
C HIS B 180 36.90 -0.08 47.47
N THR B 181 36.25 -0.03 46.31
CA THR B 181 34.86 -0.42 46.15
C THR B 181 34.81 -1.81 45.55
N PHE B 182 34.22 -2.77 46.27
CA PHE B 182 34.18 -4.16 45.85
C PHE B 182 33.00 -4.40 44.91
N PRO B 183 33.13 -5.36 43.98
CA PRO B 183 31.98 -5.72 43.14
C PRO B 183 30.88 -6.32 43.97
N ALA B 184 29.66 -6.22 43.45
CA ALA B 184 28.50 -6.77 44.14
C ALA B 184 28.61 -8.29 44.24
N VAL B 185 28.59 -8.81 45.47
CA VAL B 185 28.57 -10.24 45.72
C VAL B 185 27.13 -10.66 45.95
N LEU B 186 26.82 -11.92 45.68
CA LEU B 186 25.47 -12.44 45.82
C LEU B 186 25.38 -13.32 47.07
N GLN B 187 24.40 -13.03 47.92
CA GLN B 187 24.12 -13.89 49.06
C GLN B 187 23.20 -15.04 48.64
N SER B 188 23.18 -16.10 49.44
CA SER B 188 22.39 -17.29 49.11
C SER B 188 20.90 -17.01 49.10
N SER B 189 20.45 -15.89 49.66
CA SER B 189 19.04 -15.53 49.70
C SER B 189 18.60 -14.73 48.46
N GLY B 190 19.39 -14.75 47.40
CA GLY B 190 19.02 -14.02 46.20
C GLY B 190 19.16 -12.52 46.30
N LEU B 191 19.94 -12.03 47.26
CA LEU B 191 20.18 -10.60 47.46
C LEU B 191 21.65 -10.29 47.28
N TYR B 192 21.94 -9.14 46.68
CA TYR B 192 23.31 -8.72 46.46
C TYR B 192 23.91 -8.15 47.75
N SER B 193 25.23 -7.98 47.73
CA SER B 193 25.97 -7.49 48.88
C SER B 193 27.35 -7.04 48.41
N LEU B 194 27.97 -6.17 49.18
CA LEU B 194 29.33 -5.72 48.91
C LEU B 194 29.84 -4.95 50.13
N SER B 195 31.17 -4.83 50.19
CA SER B 195 31.83 -4.04 51.20
C SER B 195 32.64 -2.94 50.52
N SER B 196 32.93 -1.89 51.26
CA SER B 196 33.76 -0.80 50.74
C SER B 196 34.56 -0.23 51.90
N VAL B 197 35.88 -0.29 51.79
CA VAL B 197 36.79 0.17 52.84
C VAL B 197 37.81 1.11 52.23
N VAL B 198 38.52 1.82 53.10
CA VAL B 198 39.55 2.79 52.70
C VAL B 198 40.62 2.83 53.79
N THR B 199 41.88 2.91 53.37
CA THR B 199 43.00 2.98 54.30
C THR B 199 43.25 4.43 54.72
N VAL B 200 43.13 4.70 56.02
CA VAL B 200 43.42 6.01 56.58
C VAL B 200 44.47 5.83 57.66
N PRO B 201 45.25 6.87 57.95
CA PRO B 201 46.31 6.73 58.96
C PRO B 201 45.75 6.41 60.34
N SER B 202 46.55 5.70 61.14
CA SER B 202 46.15 5.36 62.49
C SER B 202 46.33 6.51 63.46
N SER B 203 47.36 7.35 63.25
CA SER B 203 47.49 8.58 64.02
C SER B 203 46.36 9.57 63.70
N SER B 204 45.59 9.32 62.65
CA SER B 204 44.44 10.14 62.29
C SER B 204 43.12 9.53 62.75
N LEU B 205 43.16 8.40 63.47
CA LEU B 205 41.93 7.74 63.87
C LEU B 205 41.08 8.63 64.77
N GLY B 206 41.69 9.24 65.78
CA GLY B 206 40.97 10.11 66.69
C GLY B 206 40.88 11.55 66.26
N THR B 207 41.42 11.90 65.10
CA THR B 207 41.49 13.29 64.63
C THR B 207 40.51 13.60 63.52
N GLN B 208 40.46 12.78 62.47
CA GLN B 208 39.70 13.08 61.27
C GLN B 208 38.35 12.38 61.29
N THR B 209 37.34 13.05 60.74
CA THR B 209 35.99 12.52 60.64
C THR B 209 35.81 11.83 59.29
N TYR B 210 35.25 10.61 59.32
CA TYR B 210 35.03 9.82 58.11
C TYR B 210 33.56 9.40 58.03
N ILE B 211 32.94 9.67 56.89
CA ILE B 211 31.55 9.33 56.64
C ILE B 211 31.46 8.68 55.28
N CYS B 212 30.80 7.52 55.21
CA CYS B 212 30.51 6.87 53.94
C CYS B 212 29.11 7.25 53.49
N ASN B 213 28.99 7.72 52.25
CA ASN B 213 27.73 8.17 51.71
C ASN B 213 27.28 7.19 50.63
N VAL B 214 26.22 6.45 50.90
CA VAL B 214 25.68 5.46 49.98
C VAL B 214 24.33 5.94 49.48
N ASN B 215 24.12 5.88 48.17
CA ASN B 215 22.85 6.25 47.54
C ASN B 215 22.42 5.13 46.61
N HIS B 216 21.12 4.86 46.57
CA HIS B 216 20.54 3.80 45.74
C HIS B 216 19.39 4.40 44.95
N LYS B 217 19.55 4.48 43.63
CA LYS B 217 18.57 5.19 42.80
C LYS B 217 17.25 4.44 42.67
N PRO B 218 17.21 3.12 42.39
CA PRO B 218 15.92 2.46 42.19
C PRO B 218 14.98 2.48 43.39
N SER B 219 15.50 2.62 44.61
CA SER B 219 14.66 2.65 45.81
C SER B 219 14.56 4.04 46.44
N ASN B 220 15.17 5.06 45.83
CA ASN B 220 15.14 6.44 46.34
C ASN B 220 15.65 6.51 47.78
N THR B 221 16.66 5.69 48.10
CA THR B 221 17.18 5.56 49.46
C THR B 221 18.61 6.10 49.50
N LYS B 222 18.78 7.23 50.20
CA LYS B 222 20.09 7.81 50.46
C LYS B 222 20.30 7.80 51.97
N VAL B 223 21.25 7.01 52.44
CA VAL B 223 21.55 6.89 53.87
C VAL B 223 23.05 7.05 54.05
N ASP B 224 23.45 8.05 54.84
CA ASP B 224 24.86 8.31 55.18
C ASP B 224 25.02 8.07 56.67
N LYS B 225 25.81 7.05 57.02
CA LYS B 225 26.03 6.69 58.42
C LYS B 225 27.51 6.90 58.77
N ARG B 226 27.75 7.38 59.98
CA ARG B 226 29.11 7.60 60.44
C ARG B 226 29.72 6.29 60.94
N VAL B 227 31.03 6.14 60.73
CA VAL B 227 31.75 4.96 61.20
C VAL B 227 32.17 5.12 62.65
N SER C 2 24.36 -12.38 5.84
CA SER C 2 25.69 -11.81 5.76
C SER C 2 26.08 -11.11 7.06
N ASP C 3 26.30 -11.89 8.12
CA ASP C 3 26.72 -11.38 9.42
C ASP C 3 28.21 -11.63 9.61
N ILE C 4 28.91 -10.65 10.17
CA ILE C 4 30.34 -10.78 10.42
C ILE C 4 30.53 -11.41 11.80
N GLN C 5 31.59 -12.21 11.93
CA GLN C 5 32.09 -12.68 13.21
C GLN C 5 33.50 -12.15 13.42
N MET C 6 33.72 -11.48 14.55
CA MET C 6 35.03 -10.95 14.92
C MET C 6 35.61 -11.82 16.03
N THR C 7 36.86 -12.24 15.87
CA THR C 7 37.53 -13.12 16.83
C THR C 7 38.84 -12.47 17.24
N GLN C 8 39.01 -12.26 18.54
CA GLN C 8 40.28 -11.78 19.09
C GLN C 8 41.12 -12.97 19.52
N SER C 9 42.26 -13.15 18.90
CA SER C 9 43.13 -14.30 19.13
C SER C 9 43.71 -14.38 20.53
N PRO C 10 44.19 -13.26 21.14
CA PRO C 10 44.81 -13.40 22.47
C PRO C 10 43.85 -13.89 23.55
N SER C 11 42.65 -13.29 23.66
CA SER C 11 41.57 -13.73 24.57
C SER C 11 41.87 -13.50 26.05
N SER C 12 43.15 -13.54 26.43
CA SER C 12 43.62 -13.33 27.79
C SER C 12 45.13 -13.15 27.73
N LEU C 13 45.65 -12.20 28.51
CA LEU C 13 47.04 -11.81 28.39
C LEU C 13 47.69 -11.59 29.74
N SER C 14 48.93 -12.06 29.85
CA SER C 14 49.79 -11.80 31.01
C SER C 14 51.20 -11.66 30.47
N ALA C 15 51.73 -10.44 30.49
CA ALA C 15 53.06 -10.17 29.96
C ALA C 15 53.62 -8.93 30.65
N SER C 16 54.90 -8.98 31.02
CA SER C 16 55.51 -8.10 32.01
C SER C 16 55.40 -6.62 31.61
N VAL C 17 55.67 -5.75 32.60
CA VAL C 17 55.67 -4.31 32.38
C VAL C 17 56.79 -3.93 31.41
N GLY C 18 56.54 -2.91 30.59
CA GLY C 18 57.47 -2.47 29.57
C GLY C 18 57.69 -3.45 28.43
N ASP C 19 56.94 -4.55 28.38
CA ASP C 19 57.05 -5.53 27.31
C ASP C 19 56.19 -5.12 26.12
N ARG C 20 56.61 -5.54 24.93
CA ARG C 20 55.86 -5.29 23.70
C ARG C 20 54.83 -6.39 23.52
N VAL C 21 53.55 -6.04 23.58
CA VAL C 21 52.45 -6.99 23.49
C VAL C 21 51.75 -6.81 22.15
N THR C 22 51.14 -7.89 21.67
CA THR C 22 50.48 -7.91 20.37
C THR C 22 49.16 -8.65 20.50
N ILE C 23 48.09 -8.01 20.00
CA ILE C 23 46.73 -8.54 20.05
C ILE C 23 46.16 -8.52 18.64
N THR C 24 45.74 -9.67 18.14
CA THR C 24 45.22 -9.75 16.79
C THR C 24 43.71 -9.95 16.83
N CYS C 25 43.04 -9.49 15.77
CA CYS C 25 41.59 -9.57 15.67
C CYS C 25 41.26 -9.93 14.23
N GLN C 26 40.77 -11.15 14.02
CA GLN C 26 40.49 -11.67 12.69
C GLN C 26 39.01 -11.53 12.36
N ALA C 27 38.73 -11.12 11.13
CA ALA C 27 37.37 -10.94 10.63
C ALA C 27 36.93 -12.18 9.86
N SER C 28 35.65 -12.53 10.01
CA SER C 28 35.09 -13.66 9.27
C SER C 28 35.04 -13.35 7.77
N GLN C 29 34.58 -12.16 7.42
CA GLN C 29 34.46 -11.72 6.03
C GLN C 29 35.53 -10.67 5.74
N GLY C 30 35.49 -10.15 4.51
CA GLY C 30 36.49 -9.18 4.09
C GLY C 30 36.16 -7.77 4.55
N ILE C 31 37.17 -7.09 5.07
CA ILE C 31 37.06 -5.70 5.50
C ILE C 31 38.13 -4.90 4.76
N ASN C 32 37.87 -3.61 4.53
CA ASN C 32 38.83 -2.75 3.86
C ASN C 32 39.16 -1.57 4.76
N ASN C 33 40.22 -1.69 5.56
CA ASN C 33 40.74 -0.63 6.41
C ASN C 33 39.75 -0.27 7.54
N TYR C 34 38.55 -0.87 7.57
CA TYR C 34 37.42 -0.39 8.36
C TYR C 34 37.38 -1.12 9.71
N LEU C 35 38.11 -0.58 10.69
CA LEU C 35 38.25 -1.25 11.98
C LEU C 35 38.59 -0.23 13.05
N ASN C 36 38.05 -0.42 14.25
CA ASN C 36 38.32 0.43 15.39
C ASN C 36 38.66 -0.42 16.61
N TRP C 37 39.45 0.13 17.53
CA TRP C 37 39.81 -0.52 18.78
C TRP C 37 39.38 0.33 19.97
N TYR C 38 39.01 -0.35 21.06
CA TYR C 38 38.52 0.32 22.25
C TYR C 38 39.17 -0.28 23.49
N GLN C 39 39.50 0.60 24.44
CA GLN C 39 39.99 0.21 25.75
C GLN C 39 38.92 0.53 26.78
N GLN C 40 38.57 -0.45 27.61
CA GLN C 40 37.60 -0.26 28.67
C GLN C 40 38.21 -0.76 29.98
N LYS C 41 38.58 0.18 30.85
CA LYS C 41 38.90 -0.19 32.21
C LYS C 41 37.61 -0.63 32.93
N PRO C 42 37.71 -1.60 33.84
CA PRO C 42 36.49 -2.11 34.49
C PRO C 42 35.77 -1.03 35.27
N GLY C 43 34.43 -1.09 35.23
CA GLY C 43 33.60 -0.12 35.91
C GLY C 43 33.57 1.25 35.29
N LYS C 44 34.27 1.48 34.19
CA LYS C 44 34.31 2.76 33.52
C LYS C 44 33.80 2.59 32.09
N ALA C 45 33.26 3.68 31.55
CA ALA C 45 32.88 3.69 30.15
C ALA C 45 34.11 3.44 29.29
N PRO C 46 33.97 2.74 28.16
CA PRO C 46 35.12 2.52 27.28
C PRO C 46 35.67 3.83 26.73
N LYS C 47 36.86 3.73 26.13
CA LYS C 47 37.49 4.87 25.51
C LYS C 47 37.96 4.45 24.13
N VAL C 48 37.70 5.31 23.14
CA VAL C 48 38.19 5.06 21.79
C VAL C 48 39.70 5.17 21.77
N LEU C 49 40.34 4.32 20.97
CA LEU C 49 41.80 4.31 20.84
C LEU C 49 42.26 4.68 19.45
N ILE C 50 41.75 4.00 18.42
CA ILE C 50 42.26 4.16 17.08
C ILE C 50 41.20 3.83 16.04
N TYR C 51 41.02 4.72 15.05
CA TYR C 51 40.05 4.50 13.98
C TYR C 51 40.77 4.17 12.68
N ASP C 52 40.10 3.40 11.82
CA ASP C 52 40.66 2.89 10.57
C ASP C 52 41.89 2.00 10.83
N ALA C 53 42.02 1.48 12.04
CA ALA C 53 43.01 0.46 12.37
C ALA C 53 44.44 0.98 12.29
N SER C 54 44.63 2.26 11.95
CA SER C 54 45.98 2.79 11.87
C SER C 54 46.13 4.22 12.37
N ASN C 55 45.06 5.01 12.49
CA ASN C 55 45.14 6.41 12.88
C ASN C 55 44.67 6.56 14.33
N LEU C 56 45.55 7.05 15.20
CA LEU C 56 45.22 7.18 16.61
C LEU C 56 44.35 8.41 16.85
N GLN C 57 43.30 8.23 17.65
CA GLN C 57 42.47 9.34 18.07
C GLN C 57 43.21 10.17 19.13
N THR C 58 42.86 11.44 19.20
CA THR C 58 43.46 12.34 20.18
C THR C 58 43.13 11.89 21.60
N GLY C 59 44.04 12.18 22.53
CA GLY C 59 43.84 11.85 23.92
C GLY C 59 44.30 10.47 24.33
N VAL C 60 44.91 9.70 23.42
CA VAL C 60 45.41 8.37 23.73
C VAL C 60 46.94 8.39 23.75
N PRO C 61 47.59 7.49 24.48
CA PRO C 61 49.06 7.49 24.51
C PRO C 61 49.64 7.14 23.15
N SER C 62 50.79 7.75 22.84
CA SER C 62 51.47 7.49 21.59
C SER C 62 52.06 6.09 21.54
N ARG C 63 52.27 5.45 22.69
CA ARG C 63 52.82 4.09 22.70
C ARG C 63 51.85 3.08 22.12
N PHE C 64 50.54 3.36 22.19
CA PHE C 64 49.57 2.56 21.48
C PHE C 64 49.77 2.68 19.97
N SER C 65 49.40 1.62 19.26
CA SER C 65 49.55 1.61 17.81
C SER C 65 48.78 0.43 17.24
N GLY C 66 48.22 0.64 16.05
CA GLY C 66 47.54 -0.42 15.35
C GLY C 66 47.92 -0.41 13.89
N SER C 67 47.55 -1.48 13.19
CA SER C 67 47.83 -1.63 11.77
C SER C 67 46.95 -2.75 11.24
N GLY C 68 47.14 -3.11 9.98
CA GLY C 68 46.38 -4.19 9.38
C GLY C 68 45.55 -3.74 8.20
N SER C 69 45.13 -4.70 7.38
CA SER C 69 44.32 -4.42 6.20
C SER C 69 43.73 -5.74 5.72
N GLY C 70 42.56 -5.66 5.11
CA GLY C 70 41.90 -6.85 4.60
C GLY C 70 41.17 -7.65 5.67
N THR C 71 41.64 -8.87 5.93
CA THR C 71 40.98 -9.75 6.88
C THR C 71 41.70 -9.87 8.20
N ASP C 72 42.98 -9.52 8.27
CA ASP C 72 43.79 -9.68 9.47
C ASP C 72 44.21 -8.31 9.99
N PHE C 73 44.10 -8.13 11.31
CA PHE C 73 44.43 -6.86 11.93
C PHE C 73 45.21 -7.09 13.22
N ILE C 74 46.13 -6.18 13.52
CA ILE C 74 47.10 -6.33 14.59
C ILE C 74 47.08 -5.07 15.46
N PHE C 75 47.23 -5.28 16.78
CA PHE C 75 47.36 -4.21 17.75
C PHE C 75 48.73 -4.31 18.42
N THR C 76 49.29 -3.16 18.81
CA THR C 76 50.65 -3.12 19.32
C THR C 76 50.76 -2.09 20.43
N ILE C 77 51.39 -2.48 21.54
CA ILE C 77 51.76 -1.56 22.60
C ILE C 77 53.27 -1.71 22.81
N SER C 78 54.03 -0.69 22.42
CA SER C 78 55.48 -0.79 22.44
C SER C 78 56.00 -0.97 23.86
N SER C 79 55.80 0.02 24.72
CA SER C 79 56.21 -0.03 26.12
C SER C 79 54.97 -0.10 26.97
N LEU C 80 54.76 -1.22 27.65
CA LEU C 80 53.55 -1.41 28.45
C LEU C 80 53.70 -0.64 29.76
N LYS C 81 52.78 0.27 30.00
CA LYS C 81 52.72 0.98 31.26
C LYS C 81 51.56 0.44 32.11
N PRO C 82 51.63 0.57 33.43
CA PRO C 82 50.56 0.03 34.29
C PRO C 82 49.20 0.66 34.03
N GLU C 83 49.12 1.81 33.36
CA GLU C 83 47.84 2.45 33.10
C GLU C 83 46.98 1.68 32.12
N ASP C 84 47.54 0.69 31.43
CA ASP C 84 46.87 -0.01 30.34
C ASP C 84 46.07 -1.21 30.80
N VAL C 85 45.94 -1.43 32.11
CA VAL C 85 45.20 -2.59 32.62
C VAL C 85 43.72 -2.39 32.30
N ALA C 86 43.20 -3.21 31.39
CA ALA C 86 41.81 -3.11 30.96
C ALA C 86 41.52 -4.30 30.04
N THR C 87 40.28 -4.37 29.58
CA THR C 87 39.87 -5.29 28.53
C THR C 87 39.79 -4.50 27.22
N TYR C 88 40.33 -5.09 26.15
CA TYR C 88 40.45 -4.41 24.87
C TYR C 88 39.62 -5.13 23.83
N TYR C 89 38.86 -4.37 23.04
CA TYR C 89 37.91 -4.90 22.09
C TYR C 89 38.17 -4.30 20.73
N CYS C 90 38.01 -5.12 19.69
CA CYS C 90 38.04 -4.66 18.32
C CYS C 90 36.61 -4.57 17.78
N GLN C 91 36.42 -3.67 16.82
CA GLN C 91 35.10 -3.40 16.29
C GLN C 91 35.22 -2.96 14.83
N GLN C 92 34.41 -3.57 13.96
CA GLN C 92 34.39 -3.23 12.55
C GLN C 92 33.23 -2.30 12.24
N TYR C 93 33.36 -1.59 11.11
CA TYR C 93 32.25 -0.72 10.73
C TYR C 93 31.92 -0.76 9.24
N GLU C 94 32.37 -1.78 8.51
CA GLU C 94 32.05 -1.87 7.10
C GLU C 94 30.77 -2.64 6.83
N ASN C 95 30.13 -3.15 7.85
CA ASN C 95 28.97 -3.99 7.61
C ASN C 95 27.75 -3.43 8.34
N VAL C 96 26.60 -3.96 7.96
CA VAL C 96 25.29 -3.52 8.46
C VAL C 96 25.24 -3.72 9.98
N PRO C 97 25.79 -4.84 10.54
CA PRO C 97 25.78 -4.97 12.01
C PRO C 97 27.14 -4.82 12.66
N ILE C 98 27.24 -3.86 13.60
CA ILE C 98 28.48 -3.66 14.35
C ILE C 98 28.71 -4.89 15.25
N THR C 99 29.96 -5.35 15.28
CA THR C 99 30.32 -6.55 16.05
C THR C 99 31.59 -6.30 16.84
N PHE C 100 31.68 -6.95 18.00
CA PHE C 100 32.84 -6.89 18.87
C PHE C 100 33.37 -8.30 19.11
N GLY C 101 34.65 -8.37 19.45
CA GLY C 101 35.24 -9.64 19.82
C GLY C 101 34.88 -10.04 21.23
N GLN C 102 35.41 -11.21 21.64
CA GLN C 102 35.22 -11.70 22.99
C GLN C 102 35.85 -10.79 24.04
N GLY C 103 36.73 -9.88 23.63
CA GLY C 103 37.47 -9.06 24.57
C GLY C 103 38.71 -9.77 25.06
N THR C 104 39.82 -9.03 25.20
CA THR C 104 41.07 -9.57 25.67
C THR C 104 41.51 -8.80 26.91
N ARG C 105 41.45 -9.46 28.05
CA ARG C 105 41.95 -8.85 29.28
C ARG C 105 43.47 -9.06 29.35
N LEU C 106 44.17 -8.04 29.83
CA LEU C 106 45.59 -8.18 30.14
C LEU C 106 45.84 -7.68 31.56
N ASP C 107 46.70 -8.39 32.28
CA ASP C 107 47.05 -8.05 33.65
C ASP C 107 48.46 -8.56 33.92
N ILE C 108 49.23 -7.77 34.66
CA ILE C 108 50.61 -8.17 34.94
C ILE C 108 51.26 -7.29 35.99
N LYS C 109 52.02 -7.92 36.88
CA LYS C 109 53.04 -7.27 37.70
C LYS C 109 53.99 -8.34 38.20
N ARG C 110 55.14 -7.89 38.69
CA ARG C 110 56.11 -8.76 39.32
C ARG C 110 56.32 -8.45 40.79
N THR C 111 55.93 -7.25 41.23
CA THR C 111 56.09 -6.83 42.61
C THR C 111 55.19 -7.64 43.52
N VAL C 112 55.65 -8.80 43.97
CA VAL C 112 54.86 -9.63 44.87
C VAL C 112 54.97 -9.02 46.27
N ALA C 113 54.16 -7.99 46.50
CA ALA C 113 54.12 -7.35 47.81
C ALA C 113 53.30 -8.21 48.76
N ALA C 114 53.72 -8.24 50.02
CA ALA C 114 53.04 -9.05 51.01
C ALA C 114 51.62 -8.55 51.22
N PRO C 115 50.62 -9.43 51.24
CA PRO C 115 49.25 -8.98 51.54
C PRO C 115 49.14 -8.40 52.94
N SER C 116 48.56 -7.21 53.03
CA SER C 116 48.14 -6.70 54.33
C SER C 116 46.82 -7.36 54.71
N VAL C 117 46.57 -7.46 56.01
CA VAL C 117 45.42 -8.19 56.53
C VAL C 117 44.80 -7.41 57.67
N PHE C 118 43.49 -7.19 57.59
CA PHE C 118 42.71 -6.58 58.66
C PHE C 118 41.47 -7.43 58.88
N ILE C 119 41.20 -7.75 60.15
CA ILE C 119 40.05 -8.58 60.54
C ILE C 119 39.18 -7.74 61.46
N PHE C 120 37.91 -7.59 61.09
CA PHE C 120 37.02 -6.65 61.76
C PHE C 120 35.77 -7.38 62.28
N PRO C 121 35.47 -7.27 63.57
CA PRO C 121 34.24 -7.88 64.10
C PRO C 121 33.02 -7.08 63.69
N PRO C 122 31.83 -7.68 63.71
CA PRO C 122 30.62 -6.93 63.35
C PRO C 122 30.34 -5.83 64.36
N SER C 123 29.68 -4.78 63.87
CA SER C 123 29.29 -3.69 64.75
C SER C 123 28.12 -4.09 65.63
N ASP C 124 27.98 -3.39 66.75
CA ASP C 124 26.81 -3.61 67.59
C ASP C 124 25.53 -3.22 66.87
N GLU C 125 25.62 -2.31 65.91
CA GLU C 125 24.44 -1.87 65.16
C GLU C 125 23.91 -2.99 64.26
N GLN C 126 24.77 -3.93 63.86
CA GLN C 126 24.33 -5.02 63.00
C GLN C 126 23.61 -6.10 63.79
N LEU C 127 24.11 -6.44 64.99
CA LEU C 127 23.49 -7.48 65.79
C LEU C 127 22.09 -7.11 66.25
N LYS C 128 21.74 -5.82 66.24
CA LYS C 128 20.39 -5.38 66.58
C LYS C 128 19.36 -5.75 65.53
N SER C 129 19.80 -6.35 64.41
CA SER C 129 18.90 -6.92 63.42
C SER C 129 18.91 -8.45 63.45
N GLY C 130 19.51 -9.05 64.48
CA GLY C 130 19.59 -10.49 64.58
C GLY C 130 20.47 -11.14 63.54
N THR C 131 21.43 -10.39 62.98
CA THR C 131 22.26 -10.86 61.89
C THR C 131 23.72 -10.57 62.21
N ALA C 132 24.62 -11.35 61.61
CA ALA C 132 26.04 -11.20 61.83
C ALA C 132 26.80 -11.41 60.52
N SER C 133 27.88 -10.65 60.35
CA SER C 133 28.74 -10.79 59.17
C SER C 133 30.13 -10.27 59.55
N VAL C 134 31.14 -11.11 59.36
CA VAL C 134 32.52 -10.77 59.69
C VAL C 134 33.34 -10.72 58.40
N VAL C 135 34.28 -9.79 58.34
CA VAL C 135 35.08 -9.56 57.13
C VAL C 135 36.55 -9.61 57.49
N CYS C 136 37.32 -10.39 56.73
CA CYS C 136 38.78 -10.36 56.75
C CYS C 136 39.25 -9.71 55.46
N LEU C 137 40.13 -8.72 55.59
CA LEU C 137 40.51 -7.85 54.48
C LEU C 137 41.92 -8.17 53.99
N LEU C 138 42.14 -7.97 52.69
CA LEU C 138 43.46 -8.09 52.07
C LEU C 138 43.71 -6.84 51.23
N ASN C 139 44.84 -6.17 51.48
CA ASN C 139 45.19 -4.98 50.72
C ASN C 139 46.66 -4.98 50.35
N ASN C 140 46.93 -4.70 49.07
CA ASN C 140 48.25 -4.66 48.43
C ASN C 140 48.95 -6.03 48.47
N PHE C 141 48.37 -6.96 47.71
CA PHE C 141 49.01 -8.23 47.39
C PHE C 141 48.97 -8.46 45.89
N TYR C 142 50.06 -9.01 45.34
CA TYR C 142 50.06 -9.41 43.93
C TYR C 142 49.67 -10.86 43.69
N PRO C 143 50.10 -11.81 44.53
CA PRO C 143 49.77 -13.23 44.28
C PRO C 143 48.29 -13.55 44.18
N ARG C 144 47.55 -12.91 43.27
CA ARG C 144 46.10 -13.00 43.15
C ARG C 144 45.53 -14.42 43.31
N GLU C 145 46.30 -15.44 42.91
CA GLU C 145 45.91 -16.83 43.14
C GLU C 145 46.06 -17.13 44.62
N ALA C 146 44.94 -17.16 45.35
CA ALA C 146 44.96 -17.23 46.80
C ALA C 146 43.73 -17.95 47.33
N LYS C 147 43.91 -18.64 48.45
CA LYS C 147 42.80 -19.18 49.23
C LYS C 147 43.10 -18.94 50.70
N VAL C 148 42.21 -18.20 51.36
CA VAL C 148 42.40 -17.80 52.75
C VAL C 148 41.68 -18.77 53.66
N GLN C 149 42.35 -19.22 54.72
CA GLN C 149 41.77 -20.11 55.70
C GLN C 149 41.32 -19.33 56.93
N TRP C 150 40.28 -19.84 57.58
CA TRP C 150 39.76 -19.28 58.82
C TRP C 150 40.12 -20.18 59.99
N LYS C 151 40.16 -19.58 61.18
CA LYS C 151 40.41 -20.30 62.42
C LYS C 151 39.54 -19.69 63.52
N VAL C 152 38.44 -20.37 63.85
CA VAL C 152 37.60 -19.98 64.98
C VAL C 152 38.09 -20.82 66.17
N ASP C 153 39.09 -20.29 66.87
CA ASP C 153 39.86 -21.04 67.87
C ASP C 153 40.43 -22.32 67.26
N ASN C 154 41.08 -22.16 66.10
CA ASN C 154 41.68 -23.21 65.26
C ASN C 154 40.67 -24.21 64.73
N ALA C 155 39.37 -23.91 64.81
CA ALA C 155 38.30 -24.73 64.23
C ALA C 155 37.77 -24.00 63.00
N LEU C 156 37.99 -24.57 61.83
CA LEU C 156 37.59 -23.96 60.56
C LEU C 156 36.28 -24.58 60.08
N GLN C 157 35.24 -23.77 60.01
CA GLN C 157 33.94 -24.17 59.48
C GLN C 157 33.79 -23.56 58.09
N SER C 158 33.75 -24.41 57.07
CA SER C 158 33.74 -23.98 55.68
C SER C 158 32.44 -24.38 55.01
N GLY C 159 31.88 -23.45 54.24
CA GLY C 159 30.63 -23.70 53.52
C GLY C 159 29.70 -22.51 53.50
N ASN C 160 29.90 -21.58 54.46
CA ASN C 160 29.09 -20.39 54.59
C ASN C 160 29.88 -19.11 54.34
N SER C 161 30.97 -19.21 53.58
CA SER C 161 31.87 -18.09 53.34
C SER C 161 31.68 -17.52 51.94
N GLN C 162 31.94 -16.22 51.79
CA GLN C 162 31.89 -15.54 50.52
C GLN C 162 33.07 -14.57 50.44
N GLU C 163 33.49 -14.26 49.21
CA GLU C 163 34.62 -13.38 48.98
C GLU C 163 34.28 -12.41 47.84
N SER C 164 35.18 -11.46 47.62
CA SER C 164 35.01 -10.46 46.57
C SER C 164 36.40 -10.04 46.09
N VAL C 165 36.65 -10.15 44.78
CA VAL C 165 37.93 -9.77 44.19
C VAL C 165 37.65 -8.83 43.03
N THR C 166 38.24 -7.63 43.08
CA THR C 166 38.17 -6.69 41.96
C THR C 166 39.33 -6.99 41.00
N GLU C 167 39.63 -6.05 40.13
CA GLU C 167 40.84 -6.08 39.32
C GLU C 167 41.81 -5.04 39.85
N GLN C 168 43.10 -5.37 39.85
CA GLN C 168 44.10 -4.47 40.41
C GLN C 168 44.13 -3.17 39.63
N ASP C 169 44.25 -2.05 40.34
CA ASP C 169 44.30 -0.75 39.70
C ASP C 169 45.63 -0.60 38.95
N SER C 170 45.88 0.60 38.43
CA SER C 170 47.10 0.86 37.67
C SER C 170 48.34 0.62 38.54
N LYS C 171 48.38 1.22 39.73
CA LYS C 171 49.47 0.94 40.66
C LYS C 171 49.57 -0.54 41.04
N ASP C 172 48.74 -1.41 40.47
CA ASP C 172 48.78 -2.86 40.65
C ASP C 172 48.77 -3.26 42.13
N SER C 173 47.65 -2.91 42.78
CA SER C 173 47.46 -3.28 44.17
C SER C 173 46.81 -4.65 44.26
N THR C 174 45.86 -4.76 45.18
CA THR C 174 45.51 -6.06 45.74
C THR C 174 44.67 -6.86 44.77
N TYR C 175 43.88 -6.16 43.95
CA TYR C 175 42.68 -6.60 43.25
C TYR C 175 41.52 -6.41 44.22
N SER C 176 41.73 -5.57 45.24
CA SER C 176 40.82 -5.30 46.36
C SER C 176 39.99 -6.54 46.76
N LEU C 177 40.57 -7.42 47.57
CA LEU C 177 39.96 -8.68 47.97
C LEU C 177 39.61 -8.67 49.45
N SER C 178 38.39 -9.09 49.78
CA SER C 178 37.97 -9.29 51.16
C SER C 178 37.02 -10.46 51.22
N SER C 179 36.95 -11.11 52.38
CA SER C 179 36.12 -12.28 52.59
C SER C 179 35.10 -11.99 53.68
N THR C 180 33.82 -12.06 53.33
CA THR C 180 32.73 -11.84 54.28
C THR C 180 32.24 -13.20 54.78
N LEU C 181 32.57 -13.51 56.03
CA LEU C 181 32.14 -14.76 56.65
C LEU C 181 30.83 -14.50 57.39
N THR C 182 29.73 -15.02 56.85
CA THR C 182 28.39 -14.72 57.34
C THR C 182 27.87 -15.84 58.24
N LEU C 183 27.20 -15.45 59.33
CA LEU C 183 26.61 -16.38 60.28
C LEU C 183 25.35 -15.74 60.86
N SER C 184 24.75 -16.42 61.84
CA SER C 184 23.68 -15.84 62.65
C SER C 184 24.26 -15.36 63.98
N LYS C 185 23.41 -14.67 64.74
CA LYS C 185 23.88 -14.03 65.96
C LYS C 185 24.28 -15.06 67.02
N ALA C 186 23.46 -16.09 67.20
CA ALA C 186 23.65 -16.99 68.34
C ALA C 186 24.98 -17.70 68.28
N ASP C 187 25.34 -18.24 67.12
CA ASP C 187 26.57 -19.04 67.03
C ASP C 187 27.81 -18.18 67.19
N TYR C 188 27.72 -16.89 66.87
CA TYR C 188 28.88 -16.01 67.00
C TYR C 188 29.28 -15.86 68.46
N GLU C 189 28.32 -15.66 69.35
CA GLU C 189 28.62 -15.47 70.77
C GLU C 189 29.10 -16.74 71.45
N LYS C 190 29.24 -17.85 70.73
CA LYS C 190 29.67 -19.11 71.32
C LYS C 190 31.18 -19.29 71.31
N HIS C 191 31.92 -18.48 70.54
CA HIS C 191 33.36 -18.61 70.43
C HIS C 191 34.01 -17.26 70.73
N LYS C 192 35.28 -17.32 71.14
CA LYS C 192 36.00 -16.14 71.59
C LYS C 192 36.96 -15.57 70.55
N VAL C 193 37.83 -16.40 69.99
CA VAL C 193 38.89 -15.95 69.08
C VAL C 193 38.54 -16.38 67.65
N TYR C 194 38.56 -15.42 66.74
CA TYR C 194 38.40 -15.65 65.30
C TYR C 194 39.61 -15.09 64.57
N ALA C 195 40.11 -15.83 63.60
CA ALA C 195 41.36 -15.48 62.94
C ALA C 195 41.39 -16.05 61.53
N CYS C 196 41.97 -15.29 60.60
CA CYS C 196 42.10 -15.68 59.21
C CYS C 196 43.56 -15.82 58.83
N GLU C 197 43.89 -16.89 58.11
CA GLU C 197 45.25 -17.17 57.70
C GLU C 197 45.66 -16.34 56.49
N VAL C 198 46.96 -16.03 56.42
CA VAL C 198 47.52 -15.23 55.33
C VAL C 198 48.39 -16.14 54.46
N THR C 199 48.03 -17.42 54.44
CA THR C 199 48.87 -18.54 54.00
C THR C 199 49.82 -18.27 52.83
N HIS C 200 49.36 -17.63 51.76
CA HIS C 200 50.12 -17.60 50.51
C HIS C 200 51.02 -16.38 50.40
N GLN C 201 52.25 -16.61 49.93
CA GLN C 201 53.16 -15.55 49.43
C GLN C 201 53.45 -14.50 50.50
N GLY C 202 53.96 -14.96 51.63
CA GLY C 202 54.47 -14.07 52.65
C GLY C 202 55.75 -14.64 53.23
N LEU C 203 56.57 -13.73 53.75
CA LEU C 203 57.69 -14.15 54.58
C LEU C 203 57.14 -14.78 55.85
N SER C 204 57.51 -16.03 56.11
CA SER C 204 56.80 -16.87 57.06
C SER C 204 55.31 -16.94 56.67
N SER C 205 55.10 -17.54 55.51
CA SER C 205 53.83 -17.48 54.80
C SER C 205 52.61 -17.84 55.66
N PRO C 206 52.60 -18.97 56.41
CA PRO C 206 51.42 -19.23 57.25
C PRO C 206 51.39 -18.38 58.51
N VAL C 207 50.58 -17.33 58.50
CA VAL C 207 50.40 -16.42 59.63
C VAL C 207 48.93 -16.01 59.69
N THR C 208 48.43 -15.76 60.90
CA THR C 208 47.05 -15.37 61.07
C THR C 208 46.93 -14.30 62.15
N LYS C 209 46.06 -13.32 61.89
CA LYS C 209 45.76 -12.25 62.84
C LYS C 209 44.44 -12.56 63.54
N SER C 210 44.41 -12.35 64.85
CA SER C 210 43.30 -12.78 65.69
C SER C 210 42.79 -11.63 66.55
N PHE C 211 41.59 -11.85 67.09
CA PHE C 211 40.98 -10.94 68.05
C PHE C 211 40.18 -11.76 69.05
N ASN C 212 39.73 -11.11 70.12
CA ASN C 212 38.91 -11.73 71.15
C ASN C 212 37.51 -11.13 71.10
N ARG C 213 36.50 -11.98 70.98
CA ARG C 213 35.13 -11.50 70.76
C ARG C 213 34.61 -10.77 72.00
N GLY C 214 34.17 -9.53 71.80
CA GLY C 214 33.56 -8.75 72.85
C GLY C 214 34.50 -7.84 73.63
N GLU C 215 35.79 -7.82 73.30
CA GLU C 215 36.77 -7.00 73.99
C GLU C 215 37.26 -5.87 73.10
N CYS C 216 38.05 -4.97 73.69
CA CYS C 216 38.58 -3.82 72.98
C CYS C 216 40.10 -3.77 73.04
N GLU D 3 -28.10 -9.02 -39.22
CA GLU D 3 -28.98 -9.51 -38.17
C GLU D 3 -28.39 -9.28 -36.78
N VAL D 4 -29.06 -8.46 -35.98
CA VAL D 4 -28.61 -8.18 -34.62
C VAL D 4 -28.79 -9.43 -33.77
N GLN D 5 -27.70 -9.93 -33.20
CA GLN D 5 -27.71 -11.16 -32.41
C GLN D 5 -27.04 -10.94 -31.07
N LEU D 6 -27.56 -11.60 -30.06
CA LEU D 6 -26.90 -11.75 -28.76
C LEU D 6 -26.99 -13.22 -28.37
N VAL D 7 -25.84 -13.87 -28.26
CA VAL D 7 -25.77 -15.31 -28.00
C VAL D 7 -25.03 -15.53 -26.70
N GLU D 8 -25.71 -16.09 -25.71
CA GLU D 8 -25.07 -16.49 -24.47
C GLU D 8 -24.33 -17.81 -24.67
N SER D 9 -23.38 -18.08 -23.79
CA SER D 9 -22.55 -19.27 -23.91
C SER D 9 -21.97 -19.62 -22.55
N GLY D 10 -21.68 -20.91 -22.36
CA GLY D 10 -21.09 -21.39 -21.14
C GLY D 10 -22.08 -21.92 -20.11
N GLY D 11 -23.23 -22.46 -20.55
CA GLY D 11 -24.20 -22.98 -19.62
C GLY D 11 -23.90 -24.40 -19.20
N GLY D 12 -24.65 -24.86 -18.19
CA GLY D 12 -24.46 -26.21 -17.69
C GLY D 12 -24.73 -26.36 -16.21
N LEU D 13 -23.81 -27.03 -15.51
CA LEU D 13 -23.99 -27.39 -14.12
C LEU D 13 -22.76 -27.01 -13.31
N VAL D 14 -22.99 -26.48 -12.11
CA VAL D 14 -21.92 -26.20 -11.14
C VAL D 14 -22.44 -26.51 -9.74
N GLN D 15 -21.59 -27.16 -8.94
CA GLN D 15 -21.93 -27.47 -7.57
C GLN D 15 -21.77 -26.24 -6.68
N PRO D 16 -22.41 -26.20 -5.51
CA PRO D 16 -22.36 -25.00 -4.68
C PRO D 16 -20.93 -24.62 -4.30
N GLY D 17 -20.69 -23.32 -4.21
CA GLY D 17 -19.39 -22.79 -3.86
C GLY D 17 -18.43 -22.63 -5.02
N ARG D 18 -18.78 -23.11 -6.21
CA ARG D 18 -17.88 -23.08 -7.36
C ARG D 18 -17.82 -21.67 -7.95
N SER D 19 -17.16 -21.56 -9.10
CA SER D 19 -17.00 -20.28 -9.79
C SER D 19 -17.08 -20.53 -11.29
N LEU D 20 -17.61 -19.55 -12.01
CA LEU D 20 -17.80 -19.67 -13.45
C LEU D 20 -17.42 -18.38 -14.16
N ARG D 21 -17.23 -18.51 -15.47
CA ARG D 21 -16.91 -17.38 -16.36
C ARG D 21 -17.85 -17.45 -17.55
N LEU D 22 -18.93 -16.67 -17.51
CA LEU D 22 -19.90 -16.66 -18.59
C LEU D 22 -19.48 -15.69 -19.69
N SER D 23 -19.93 -15.98 -20.91
CA SER D 23 -19.54 -15.20 -22.07
C SER D 23 -20.78 -14.88 -22.90
N CYS D 24 -20.70 -13.76 -23.64
CA CYS D 24 -21.78 -13.30 -24.49
C CYS D 24 -21.18 -12.72 -25.76
N ALA D 25 -21.68 -13.17 -26.91
CA ALA D 25 -21.16 -12.74 -28.20
C ALA D 25 -22.15 -11.78 -28.85
N ALA D 26 -21.64 -10.65 -29.34
CA ALA D 26 -22.45 -9.62 -29.97
C ALA D 26 -22.15 -9.54 -31.46
N SER D 27 -23.15 -9.15 -32.24
CA SER D 27 -23.01 -9.04 -33.68
C SER D 27 -24.18 -8.23 -34.22
N GLY D 28 -23.94 -7.52 -35.32
CA GLY D 28 -24.97 -6.78 -36.00
C GLY D 28 -25.14 -5.33 -35.58
N PHE D 29 -24.26 -4.80 -34.73
CA PHE D 29 -24.36 -3.43 -34.29
C PHE D 29 -23.00 -2.96 -33.77
N THR D 30 -22.86 -1.64 -33.66
CA THR D 30 -21.63 -1.05 -33.11
C THR D 30 -21.55 -1.37 -31.62
N PHE D 31 -20.84 -2.45 -31.29
CA PHE D 31 -20.80 -2.96 -29.92
C PHE D 31 -20.17 -1.99 -28.94
N ASP D 32 -19.35 -1.05 -29.42
CA ASP D 32 -18.55 -0.21 -28.53
C ASP D 32 -19.32 0.97 -27.96
N ASP D 33 -20.46 1.35 -28.53
CA ASP D 33 -21.16 2.57 -28.10
C ASP D 33 -22.20 2.33 -27.02
N TYR D 34 -22.70 1.11 -26.87
CA TYR D 34 -23.80 0.86 -25.95
C TYR D 34 -23.31 0.15 -24.71
N PRO D 35 -23.67 0.62 -23.51
CA PRO D 35 -23.40 -0.16 -22.29
C PRO D 35 -24.14 -1.49 -22.30
N MET D 36 -23.76 -2.36 -21.37
CA MET D 36 -24.29 -3.71 -21.29
C MET D 36 -24.82 -4.01 -19.90
N HIS D 37 -25.81 -4.92 -19.83
CA HIS D 37 -26.38 -5.37 -18.58
C HIS D 37 -26.45 -6.89 -18.55
N TRP D 38 -26.52 -7.44 -17.35
CA TRP D 38 -26.81 -8.85 -17.12
C TRP D 38 -28.05 -8.96 -16.23
N VAL D 39 -29.01 -9.78 -16.65
CA VAL D 39 -30.27 -9.94 -15.93
C VAL D 39 -30.55 -11.43 -15.78
N ARG D 40 -30.85 -11.85 -14.55
CA ARG D 40 -31.19 -13.23 -14.23
C ARG D 40 -32.70 -13.38 -14.11
N GLN D 41 -33.15 -14.64 -14.17
CA GLN D 41 -34.57 -14.95 -14.03
C GLN D 41 -34.71 -16.41 -13.64
N VAL D 42 -35.32 -16.67 -12.49
CA VAL D 42 -35.67 -18.04 -12.11
C VAL D 42 -36.78 -18.53 -13.04
N PRO D 43 -36.70 -19.75 -13.59
CA PRO D 43 -37.70 -20.18 -14.58
C PRO D 43 -39.12 -20.18 -13.99
N GLY D 44 -40.00 -19.44 -14.64
CA GLY D 44 -41.37 -19.26 -14.17
C GLY D 44 -41.54 -18.23 -13.08
N LYS D 45 -40.56 -17.36 -12.86
CA LYS D 45 -40.61 -16.37 -11.79
C LYS D 45 -40.28 -14.97 -12.31
N GLY D 46 -40.07 -14.01 -11.41
CA GLY D 46 -39.80 -12.65 -11.78
C GLY D 46 -38.39 -12.44 -12.29
N LEU D 47 -38.05 -11.15 -12.47
CA LEU D 47 -36.74 -10.75 -12.98
C LEU D 47 -35.93 -10.09 -11.87
N GLU D 48 -34.65 -10.43 -11.82
CA GLU D 48 -33.71 -9.81 -10.90
C GLU D 48 -32.49 -9.36 -11.70
N TRP D 49 -31.99 -8.16 -11.37
CA TRP D 49 -30.84 -7.61 -12.08
C TRP D 49 -29.54 -8.12 -11.44
N VAL D 50 -28.53 -8.36 -12.28
CA VAL D 50 -27.26 -8.94 -11.83
C VAL D 50 -26.20 -7.86 -11.74
N SER D 51 -25.75 -7.35 -12.89
CA SER D 51 -24.71 -6.32 -12.92
C SER D 51 -24.76 -5.60 -14.26
N SER D 52 -24.32 -4.35 -14.26
CA SER D 52 -24.29 -3.51 -15.44
C SER D 52 -22.95 -2.82 -15.55
N ILE D 53 -22.51 -2.63 -16.79
CA ILE D 53 -21.26 -1.92 -17.09
C ILE D 53 -21.52 -0.96 -18.23
N ASN D 54 -20.85 0.19 -18.21
CA ASN D 54 -20.91 1.13 -19.31
C ASN D 54 -20.14 0.57 -20.51
N TRP D 55 -20.16 1.32 -21.61
CA TRP D 55 -19.40 0.91 -22.79
C TRP D 55 -17.92 0.76 -22.48
N ASN D 56 -17.41 1.55 -21.53
CA ASN D 56 -16.03 1.49 -21.06
C ASN D 56 -15.94 0.56 -19.85
N GLY D 57 -14.71 0.28 -19.44
CA GLY D 57 -14.49 -0.54 -18.26
C GLY D 57 -14.33 0.34 -17.04
N GLY D 58 -14.73 1.60 -17.17
CA GLY D 58 -14.47 2.59 -16.14
C GLY D 58 -15.46 2.59 -15.00
N SER D 59 -16.72 2.22 -15.25
CA SER D 59 -17.77 2.27 -14.23
C SER D 59 -18.45 0.91 -14.16
N THR D 60 -18.22 0.17 -13.07
CA THR D 60 -18.85 -1.11 -12.85
C THR D 60 -19.81 -1.01 -11.67
N ASP D 61 -20.99 -1.61 -11.82
CA ASP D 61 -22.02 -1.61 -10.79
C ASP D 61 -22.56 -3.02 -10.62
N HIS D 62 -22.64 -3.49 -9.37
CA HIS D 62 -23.13 -4.81 -9.06
C HIS D 62 -24.34 -4.72 -8.13
N ALA D 63 -25.22 -5.72 -8.22
CA ALA D 63 -26.31 -5.83 -7.28
C ALA D 63 -25.80 -6.28 -5.93
N ASP D 64 -26.53 -5.92 -4.88
CA ASP D 64 -26.12 -6.30 -3.53
C ASP D 64 -26.24 -7.81 -3.32
N SER D 65 -27.10 -8.50 -4.07
CA SER D 65 -27.22 -9.95 -3.92
C SER D 65 -25.98 -10.68 -4.41
N VAL D 66 -25.18 -10.06 -5.27
CA VAL D 66 -23.96 -10.67 -5.80
C VAL D 66 -22.77 -9.73 -5.57
N LYS D 67 -22.90 -8.85 -4.58
CA LYS D 67 -21.83 -7.91 -4.27
C LYS D 67 -20.59 -8.67 -3.81
N GLY D 68 -19.46 -8.40 -4.47
CA GLY D 68 -18.21 -9.05 -4.13
C GLY D 68 -18.06 -10.48 -4.60
N ARG D 69 -19.13 -11.11 -5.11
CA ARG D 69 -19.05 -12.46 -5.62
C ARG D 69 -19.00 -12.52 -7.15
N PHE D 70 -19.65 -11.59 -7.84
CA PHE D 70 -19.65 -11.54 -9.29
C PHE D 70 -18.87 -10.31 -9.75
N THR D 71 -18.46 -10.34 -11.03
CA THR D 71 -17.70 -9.24 -11.61
C THR D 71 -17.91 -9.25 -13.12
N ILE D 72 -18.11 -8.04 -13.69
CA ILE D 72 -18.42 -7.88 -15.10
C ILE D 72 -17.15 -7.46 -15.84
N SER D 73 -17.06 -7.84 -17.12
CA SER D 73 -15.91 -7.54 -17.95
C SER D 73 -16.31 -7.67 -19.41
N ARG D 74 -15.73 -6.81 -20.25
CA ARG D 74 -16.09 -6.81 -21.67
C ARG D 74 -14.86 -6.48 -22.50
N ASP D 75 -14.90 -6.90 -23.76
CA ASP D 75 -13.86 -6.60 -24.74
C ASP D 75 -14.54 -6.16 -26.03
N ASN D 76 -14.42 -4.86 -26.35
CA ASN D 76 -15.05 -4.32 -27.55
C ASN D 76 -14.24 -4.59 -28.81
N ALA D 77 -12.96 -4.94 -28.68
CA ALA D 77 -12.17 -5.31 -29.85
C ALA D 77 -12.57 -6.68 -30.37
N ARG D 78 -13.10 -7.54 -29.50
CA ARG D 78 -13.56 -8.88 -29.88
C ARG D 78 -15.07 -9.01 -29.90
N ASN D 79 -15.80 -7.92 -29.60
CA ASN D 79 -17.27 -7.91 -29.61
C ASN D 79 -17.85 -8.99 -28.69
N SER D 80 -17.25 -9.14 -27.51
CA SER D 80 -17.66 -10.16 -26.56
C SER D 80 -17.83 -9.55 -25.17
N LEU D 81 -18.78 -10.09 -24.43
CA LEU D 81 -19.06 -9.67 -23.06
C LEU D 81 -18.90 -10.86 -22.13
N TYR D 82 -18.28 -10.63 -20.97
CA TYR D 82 -18.01 -11.67 -19.99
C TYR D 82 -18.68 -11.32 -18.66
N LEU D 83 -18.89 -12.36 -17.85
CA LEU D 83 -19.37 -12.19 -16.48
C LEU D 83 -18.65 -13.22 -15.61
N GLU D 84 -17.83 -12.74 -14.69
CA GLU D 84 -17.04 -13.60 -13.83
C GLU D 84 -17.79 -13.83 -12.53
N MET D 85 -18.08 -15.09 -12.22
CA MET D 85 -18.86 -15.48 -11.06
C MET D 85 -17.96 -16.25 -10.09
N ASN D 86 -18.03 -15.89 -8.81
CA ASN D 86 -17.22 -16.53 -7.77
C ASN D 86 -18.10 -16.92 -6.59
N SER D 87 -17.82 -18.08 -6.01
CA SER D 87 -18.49 -18.58 -4.81
C SER D 87 -20.01 -18.57 -4.98
N LEU D 88 -20.46 -19.44 -5.88
CA LEU D 88 -21.87 -19.48 -6.23
C LEU D 88 -22.72 -20.02 -5.09
N LYS D 89 -23.76 -19.28 -4.74
CA LYS D 89 -24.69 -19.68 -3.70
C LYS D 89 -25.79 -20.58 -4.27
N SER D 90 -26.62 -21.13 -3.38
CA SER D 90 -27.69 -22.01 -3.81
C SER D 90 -28.84 -21.23 -4.45
N GLU D 91 -29.09 -20.00 -3.99
CA GLU D 91 -30.17 -19.20 -4.56
C GLU D 91 -29.84 -18.71 -5.96
N ASP D 92 -28.57 -18.65 -6.34
CA ASP D 92 -28.17 -18.15 -7.65
C ASP D 92 -28.61 -19.06 -8.80
N THR D 93 -29.24 -20.20 -8.50
CA THR D 93 -29.78 -21.06 -9.54
C THR D 93 -30.88 -20.33 -10.31
N ALA D 94 -30.62 -19.96 -11.56
CA ALA D 94 -31.58 -19.21 -12.35
C ALA D 94 -31.12 -19.20 -13.80
N LEU D 95 -31.98 -18.65 -14.66
CA LEU D 95 -31.65 -18.41 -16.06
C LEU D 95 -31.15 -16.98 -16.20
N TYR D 96 -29.98 -16.81 -16.80
CA TYR D 96 -29.31 -15.52 -16.90
C TYR D 96 -29.32 -15.03 -18.34
N TYR D 97 -29.72 -13.77 -18.53
CA TYR D 97 -29.83 -13.17 -19.85
C TYR D 97 -28.72 -12.16 -20.08
N CYS D 98 -28.28 -12.07 -21.33
CA CYS D 98 -27.34 -11.06 -21.79
C CYS D 98 -28.11 -10.03 -22.61
N ALA D 99 -27.93 -8.75 -22.28
CA ALA D 99 -28.65 -7.68 -22.95
C ALA D 99 -27.76 -6.47 -23.11
N LYS D 100 -28.02 -5.69 -24.16
CA LYS D 100 -27.32 -4.43 -24.42
C LYS D 100 -28.24 -3.27 -24.05
N ASP D 101 -27.62 -2.11 -23.80
CA ASP D 101 -28.39 -0.90 -23.53
C ASP D 101 -28.78 -0.24 -24.85
N LEU D 102 -29.85 0.56 -24.80
CA LEU D 102 -30.30 1.27 -25.99
C LEU D 102 -29.60 2.62 -26.17
N ARG D 103 -29.29 3.30 -25.06
CA ARG D 103 -28.58 4.57 -25.14
C ARG D 103 -27.12 4.35 -25.54
N ALA D 104 -26.62 5.19 -26.43
CA ALA D 104 -25.23 5.16 -26.84
C ALA D 104 -24.36 6.13 -26.06
N SER D 105 -24.89 6.72 -24.99
CA SER D 105 -24.16 7.72 -24.23
C SER D 105 -22.94 7.08 -23.57
N SER D 106 -21.77 7.63 -23.89
CA SER D 106 -20.50 7.18 -23.32
C SER D 106 -20.31 7.90 -21.99
N SER D 107 -21.00 7.39 -20.97
CA SER D 107 -21.20 8.18 -19.75
C SER D 107 -20.00 8.11 -18.81
N MET D 108 -19.38 6.93 -18.65
CA MET D 108 -18.22 6.75 -17.77
C MET D 108 -18.50 7.17 -16.32
N ASP D 109 -19.72 7.59 -16.02
CA ASP D 109 -20.12 8.02 -14.69
C ASP D 109 -21.20 7.09 -14.16
N TYR D 110 -21.76 7.46 -13.01
CA TYR D 110 -22.72 6.60 -12.34
C TYR D 110 -23.95 6.37 -13.20
N TYR D 111 -24.48 7.42 -13.82
CA TYR D 111 -25.74 7.34 -14.53
C TYR D 111 -25.48 7.06 -16.00
N TYR D 112 -25.51 5.78 -16.37
CA TYR D 112 -25.33 5.35 -17.75
C TYR D 112 -26.32 4.30 -18.21
N TYR D 113 -27.09 3.70 -17.30
CA TYR D 113 -27.93 2.54 -17.61
C TYR D 113 -29.31 2.99 -18.07
N SER D 114 -29.84 2.30 -19.07
CA SER D 114 -31.18 2.58 -19.57
C SER D 114 -31.82 1.26 -19.99
N GLY D 115 -32.89 1.33 -20.78
CA GLY D 115 -33.56 0.12 -21.23
C GLY D 115 -32.68 -0.74 -22.11
N MET D 116 -33.11 -1.99 -22.27
CA MET D 116 -32.33 -3.01 -22.99
C MET D 116 -32.58 -2.97 -24.50
N ASP D 117 -33.81 -3.28 -24.92
CA ASP D 117 -34.24 -3.25 -26.32
C ASP D 117 -33.71 -4.45 -27.12
N VAL D 118 -32.66 -5.11 -26.62
CA VAL D 118 -32.09 -6.28 -27.29
C VAL D 118 -31.70 -7.28 -26.22
N TRP D 119 -32.27 -8.48 -26.27
CA TRP D 119 -31.97 -9.55 -25.33
C TRP D 119 -31.50 -10.78 -26.09
N GLY D 120 -30.59 -11.52 -25.47
CA GLY D 120 -30.23 -12.84 -25.96
C GLY D 120 -31.21 -13.89 -25.51
N GLN D 121 -31.04 -15.09 -26.04
CA GLN D 121 -31.94 -16.18 -25.67
C GLN D 121 -31.66 -16.72 -24.28
N GLY D 122 -30.49 -16.43 -23.72
CA GLY D 122 -30.17 -16.79 -22.35
C GLY D 122 -29.62 -18.21 -22.22
N THR D 123 -28.92 -18.44 -21.11
CA THR D 123 -28.38 -19.75 -20.80
C THR D 123 -28.61 -20.06 -19.32
N MET D 124 -28.76 -21.34 -19.02
CA MET D 124 -29.18 -21.78 -17.69
C MET D 124 -27.98 -21.99 -16.78
N VAL D 125 -28.07 -21.45 -15.57
CA VAL D 125 -27.09 -21.66 -14.51
C VAL D 125 -27.75 -22.50 -13.42
N THR D 126 -27.16 -23.65 -13.12
CA THR D 126 -27.74 -24.60 -12.18
C THR D 126 -26.79 -24.76 -11.00
N VAL D 127 -27.30 -24.50 -9.80
CA VAL D 127 -26.54 -24.72 -8.58
C VAL D 127 -27.24 -25.75 -7.70
N GLY D 129 -26.42 -30.10 -7.49
CA GLY D 129 -25.08 -30.72 -7.46
C GLY D 129 -25.16 -32.22 -7.62
N ALA D 130 -25.45 -32.70 -8.83
CA ALA D 130 -25.47 -34.16 -9.10
C ALA D 130 -25.03 -34.43 -10.53
N SER D 131 -24.59 -35.66 -10.83
CA SER D 131 -24.05 -35.93 -12.18
C SER D 131 -25.12 -35.65 -13.23
N THR D 132 -24.71 -35.03 -14.33
CA THR D 132 -25.67 -34.69 -15.41
C THR D 132 -26.13 -35.99 -16.08
N LYS D 133 -27.44 -36.12 -16.31
CA LYS D 133 -27.95 -37.34 -16.90
C LYS D 133 -28.41 -37.09 -18.34
N GLY D 134 -28.26 -38.12 -19.16
CA GLY D 134 -28.76 -38.11 -20.52
C GLY D 134 -30.13 -38.76 -20.60
N PRO D 135 -31.01 -38.20 -21.43
CA PRO D 135 -32.40 -38.66 -21.46
C PRO D 135 -32.59 -39.99 -22.18
N SER D 136 -33.67 -40.66 -21.80
CA SER D 136 -34.19 -41.81 -22.53
C SER D 136 -35.43 -41.35 -23.30
N VAL D 137 -35.43 -41.54 -24.61
CA VAL D 137 -36.49 -41.05 -25.48
C VAL D 137 -37.41 -42.20 -25.87
N PHE D 138 -38.73 -41.96 -25.80
CA PHE D 138 -39.74 -42.97 -26.12
C PHE D 138 -40.83 -42.33 -26.98
N PRO D 139 -41.24 -42.98 -28.06
CA PRO D 139 -42.27 -42.41 -28.94
C PRO D 139 -43.67 -42.73 -28.44
N LEU D 140 -44.66 -42.33 -29.24
CA LEU D 140 -46.07 -42.60 -28.93
C LEU D 140 -46.77 -43.20 -30.15
N THR D 151 -59.24 -37.76 -36.42
CA THR D 151 -57.82 -37.44 -36.50
C THR D 151 -57.03 -38.19 -35.43
N ALA D 152 -55.74 -38.34 -35.67
CA ALA D 152 -54.83 -39.04 -34.76
C ALA D 152 -53.84 -38.06 -34.14
N ALA D 153 -53.04 -38.58 -33.22
CA ALA D 153 -52.01 -37.79 -32.57
C ALA D 153 -50.84 -38.70 -32.20
N LEU D 154 -49.69 -38.08 -31.93
CA LEU D 154 -48.49 -38.81 -31.54
C LEU D 154 -47.50 -37.80 -30.97
N GLY D 155 -46.49 -38.33 -30.31
CA GLY D 155 -45.47 -37.47 -29.75
C GLY D 155 -44.27 -38.29 -29.34
N CYS D 156 -43.36 -37.63 -28.63
CA CYS D 156 -42.15 -38.25 -28.11
C CYS D 156 -41.98 -37.90 -26.65
N LEU D 157 -41.56 -38.89 -25.87
CA LEU D 157 -41.34 -38.73 -24.44
C LEU D 157 -39.84 -38.62 -24.16
N VAL D 158 -39.47 -37.60 -23.39
CA VAL D 158 -38.16 -37.51 -22.77
C VAL D 158 -38.32 -38.04 -21.35
N LYS D 159 -37.57 -39.09 -21.00
CA LYS D 159 -37.60 -39.63 -19.64
C LYS D 159 -36.19 -39.92 -19.17
N ASP D 160 -35.98 -39.84 -17.85
CA ASP D 160 -34.73 -40.22 -17.18
C ASP D 160 -33.55 -39.31 -17.60
N TYR D 161 -33.69 -38.02 -17.25
CA TYR D 161 -32.64 -37.04 -17.51
C TYR D 161 -32.51 -36.07 -16.35
N PHE D 162 -31.55 -35.15 -16.45
CA PHE D 162 -31.32 -34.22 -15.30
C PHE D 162 -31.48 -32.76 -15.71
N PRO D 163 -30.47 -32.04 -16.27
CA PRO D 163 -30.62 -30.60 -16.56
C PRO D 163 -31.87 -30.13 -17.31
N GLU D 164 -32.58 -29.13 -16.78
CA GLU D 164 -33.76 -28.55 -17.41
C GLU D 164 -33.55 -28.00 -18.83
N PRO D 165 -32.44 -27.33 -19.14
CA PRO D 165 -32.27 -26.82 -20.52
C PRO D 165 -32.21 -27.95 -21.52
N VAL D 166 -33.23 -27.98 -22.39
CA VAL D 166 -33.41 -28.98 -23.44
C VAL D 166 -34.48 -28.48 -24.40
N THR D 167 -34.34 -28.82 -25.69
CA THR D 167 -35.31 -28.44 -26.70
C THR D 167 -35.58 -29.63 -27.61
N VAL D 168 -36.78 -29.67 -28.18
CA VAL D 168 -37.19 -30.73 -29.10
C VAL D 168 -37.51 -30.11 -30.45
N SER D 169 -36.94 -30.68 -31.50
CA SER D 169 -37.26 -30.35 -32.88
C SER D 169 -38.04 -31.49 -33.52
N TRP D 170 -38.69 -31.21 -34.65
CA TRP D 170 -39.53 -32.19 -35.34
C TRP D 170 -39.23 -32.16 -36.83
N ASN D 171 -38.87 -33.33 -37.37
CA ASN D 171 -38.44 -33.47 -38.76
C ASN D 171 -37.28 -32.53 -39.07
N SER D 172 -36.28 -32.54 -38.17
CA SER D 172 -35.13 -31.63 -38.22
C SER D 172 -35.55 -30.16 -38.16
N GLY D 173 -36.70 -29.90 -37.54
CA GLY D 173 -37.23 -28.55 -37.44
C GLY D 173 -38.27 -28.17 -38.46
N ALA D 174 -38.87 -29.13 -39.15
CA ALA D 174 -39.78 -28.86 -40.26
C ALA D 174 -41.24 -28.71 -39.84
N LEU D 175 -41.53 -28.74 -38.54
CA LEU D 175 -42.91 -28.62 -38.09
C LEU D 175 -42.94 -28.00 -36.70
N THR D 176 -43.50 -26.79 -36.61
CA THR D 176 -43.84 -26.17 -35.34
C THR D 176 -45.32 -25.82 -35.24
N SER D 177 -46.06 -25.90 -36.34
CA SER D 177 -47.48 -25.59 -36.34
C SER D 177 -48.28 -26.77 -35.80
N GLY D 178 -49.26 -26.46 -34.94
CA GLY D 178 -50.06 -27.48 -34.30
C GLY D 178 -49.36 -28.28 -33.23
N VAL D 179 -48.12 -27.94 -32.89
CA VAL D 179 -47.34 -28.66 -31.91
C VAL D 179 -47.46 -27.95 -30.56
N HIS D 180 -47.22 -28.70 -29.48
CA HIS D 180 -47.26 -28.17 -28.14
C HIS D 180 -46.15 -28.81 -27.32
N THR D 181 -45.24 -28.00 -26.80
CA THR D 181 -44.13 -28.48 -25.98
C THR D 181 -44.46 -28.25 -24.51
N PHE D 182 -44.42 -29.32 -23.73
CA PHE D 182 -44.79 -29.31 -22.33
C PHE D 182 -43.58 -28.99 -21.46
N PRO D 183 -43.69 -28.10 -20.48
CA PRO D 183 -42.57 -27.87 -19.56
C PRO D 183 -42.22 -29.13 -18.77
N ALA D 184 -41.02 -29.10 -18.20
CA ALA D 184 -40.51 -30.25 -17.47
C ALA D 184 -41.28 -30.44 -16.16
N VAL D 185 -41.54 -31.70 -15.82
CA VAL D 185 -42.16 -32.05 -14.54
C VAL D 185 -41.06 -32.47 -13.58
N LEU D 186 -41.33 -32.31 -12.28
CA LEU D 186 -40.38 -32.67 -11.23
C LEU D 186 -40.87 -33.94 -10.56
N GLN D 187 -40.22 -35.06 -10.85
CA GLN D 187 -40.55 -36.31 -10.19
C GLN D 187 -39.94 -36.36 -8.80
N SER D 188 -40.45 -37.27 -7.97
CA SER D 188 -39.86 -37.48 -6.65
C SER D 188 -38.45 -38.05 -6.72
N SER D 189 -38.02 -38.53 -7.90
CA SER D 189 -36.69 -39.05 -8.10
C SER D 189 -35.67 -37.97 -8.44
N GLY D 190 -36.00 -36.71 -8.25
CA GLY D 190 -35.07 -35.63 -8.55
C GLY D 190 -34.69 -35.49 -10.00
N LEU D 191 -35.41 -36.14 -10.90
CA LEU D 191 -35.18 -36.04 -12.34
C LEU D 191 -36.33 -35.32 -13.01
N TYR D 192 -35.98 -34.48 -13.98
CA TYR D 192 -36.97 -33.72 -14.75
C TYR D 192 -37.70 -34.66 -15.72
N SER D 193 -38.82 -34.16 -16.26
CA SER D 193 -39.54 -34.93 -17.24
C SER D 193 -40.50 -34.07 -18.02
N LEU D 194 -40.53 -34.24 -19.35
CA LEU D 194 -41.44 -33.50 -20.22
C LEU D 194 -41.58 -34.25 -21.53
N SER D 195 -42.64 -33.94 -22.26
CA SER D 195 -42.91 -34.53 -23.57
C SER D 195 -43.39 -33.43 -24.49
N SER D 196 -43.52 -33.76 -25.77
CA SER D 196 -44.08 -32.85 -26.77
C SER D 196 -44.81 -33.65 -27.84
N VAL D 197 -46.04 -33.25 -28.16
CA VAL D 197 -46.88 -33.95 -29.12
C VAL D 197 -47.32 -32.98 -30.22
N VAL D 198 -47.86 -33.54 -31.30
CA VAL D 198 -48.24 -32.78 -32.48
C VAL D 198 -49.55 -33.33 -33.06
N THR D 199 -50.42 -32.44 -33.50
CA THR D 199 -51.68 -32.84 -34.12
C THR D 199 -51.45 -33.18 -35.60
N VAL D 200 -51.89 -34.35 -36.02
CA VAL D 200 -51.71 -34.83 -37.39
C VAL D 200 -53.02 -35.34 -37.94
N PRO D 201 -53.24 -35.29 -39.26
CA PRO D 201 -54.45 -35.90 -39.84
C PRO D 201 -54.38 -37.42 -39.84
N SER D 202 -55.43 -38.08 -40.36
CA SER D 202 -55.48 -39.53 -40.32
C SER D 202 -54.62 -40.17 -41.41
N SER D 203 -54.64 -39.61 -42.62
CA SER D 203 -53.92 -40.18 -43.76
C SER D 203 -52.42 -39.97 -43.70
N SER D 204 -51.91 -39.21 -42.72
CA SER D 204 -50.48 -38.94 -42.63
C SER D 204 -49.67 -40.13 -42.13
N LEU D 205 -50.33 -41.22 -41.72
CA LEU D 205 -49.61 -42.36 -41.19
C LEU D 205 -48.83 -43.11 -42.27
N GLY D 206 -49.29 -43.06 -43.51
CA GLY D 206 -48.65 -43.82 -44.58
C GLY D 206 -47.88 -43.00 -45.59
N THR D 207 -48.06 -41.68 -45.59
CA THR D 207 -47.43 -40.81 -46.57
C THR D 207 -46.14 -40.17 -46.06
N GLN D 208 -46.20 -39.50 -44.91
CA GLN D 208 -45.06 -38.80 -44.35
C GLN D 208 -44.53 -39.53 -43.13
N THR D 209 -43.21 -39.65 -43.05
CA THR D 209 -42.53 -40.17 -41.86
C THR D 209 -42.14 -38.98 -40.97
N TYR D 210 -42.67 -38.95 -39.76
CA TYR D 210 -42.43 -37.85 -38.83
C TYR D 210 -41.34 -38.24 -37.84
N ILE D 211 -40.41 -37.31 -37.60
CA ILE D 211 -39.26 -37.54 -36.75
C ILE D 211 -39.21 -36.43 -35.70
N CYS D 212 -38.96 -36.81 -34.44
CA CYS D 212 -38.78 -35.86 -33.35
C CYS D 212 -37.30 -35.81 -32.99
N ASN D 213 -36.78 -34.58 -32.83
CA ASN D 213 -35.35 -34.36 -32.66
C ASN D 213 -35.10 -33.66 -31.33
N VAL D 214 -34.28 -34.29 -30.47
CA VAL D 214 -34.02 -33.80 -29.12
C VAL D 214 -32.53 -33.54 -28.96
N ASN D 215 -32.19 -32.61 -28.06
CA ASN D 215 -30.80 -32.25 -27.82
C ASN D 215 -30.65 -31.85 -26.36
N HIS D 216 -29.60 -32.37 -25.72
CA HIS D 216 -29.23 -32.02 -24.34
C HIS D 216 -27.80 -31.51 -24.36
N LYS D 217 -27.60 -30.27 -23.93
CA LYS D 217 -26.32 -29.60 -24.06
C LYS D 217 -25.28 -30.05 -23.03
N PRO D 218 -25.56 -30.00 -21.72
CA PRO D 218 -24.49 -30.32 -20.75
C PRO D 218 -23.96 -31.75 -20.84
N SER D 219 -24.77 -32.70 -21.32
CA SER D 219 -24.35 -34.07 -21.48
C SER D 219 -24.05 -34.45 -22.93
N ASN D 220 -24.18 -33.50 -23.86
CA ASN D 220 -23.90 -33.74 -25.28
C ASN D 220 -24.72 -34.90 -25.84
N THR D 221 -26.01 -34.94 -25.49
CA THR D 221 -26.89 -36.05 -25.82
C THR D 221 -27.94 -35.57 -26.83
N LYS D 222 -28.01 -36.25 -27.98
CA LYS D 222 -28.98 -35.95 -29.02
C LYS D 222 -29.56 -37.25 -29.54
N VAL D 223 -30.89 -37.38 -29.51
CA VAL D 223 -31.58 -38.59 -29.96
C VAL D 223 -32.78 -38.17 -30.80
N ASP D 224 -32.84 -38.66 -32.04
CA ASP D 224 -33.97 -38.44 -32.94
C ASP D 224 -34.63 -39.77 -33.22
N LYS D 225 -35.91 -39.90 -32.86
CA LYS D 225 -36.60 -41.17 -32.91
C LYS D 225 -37.81 -41.09 -33.84
N ARG D 226 -38.08 -42.20 -34.53
CA ARG D 226 -39.21 -42.35 -35.43
C ARG D 226 -40.27 -43.24 -34.79
N VAL D 227 -41.54 -42.92 -35.06
CA VAL D 227 -42.64 -43.73 -34.57
C VAL D 227 -42.95 -44.86 -35.55
N ASP E 3 -32.69 1.53 -1.43
CA ASP E 3 -32.83 0.95 -2.76
C ASP E 3 -34.25 1.10 -3.28
N ILE E 4 -34.38 1.20 -4.60
CA ILE E 4 -35.68 1.33 -5.25
C ILE E 4 -36.36 -0.03 -5.30
N GLN E 5 -37.68 -0.03 -5.21
CA GLN E 5 -38.47 -1.24 -5.40
C GLN E 5 -39.74 -0.89 -6.15
N MET E 6 -40.12 -1.74 -7.09
CA MET E 6 -41.30 -1.55 -7.91
C MET E 6 -42.38 -2.54 -7.52
N THR E 7 -43.63 -2.07 -7.47
CA THR E 7 -44.78 -2.88 -7.13
C THR E 7 -45.86 -2.65 -8.18
N GLN E 8 -46.23 -3.70 -8.90
CA GLN E 8 -47.25 -3.64 -9.93
C GLN E 8 -48.58 -4.12 -9.37
N SER E 9 -49.67 -3.58 -9.92
CA SER E 9 -50.98 -3.64 -9.25
C SER E 9 -51.77 -4.93 -9.48
N PRO E 10 -52.09 -5.34 -10.73
CA PRO E 10 -53.08 -6.40 -10.90
C PRO E 10 -52.53 -7.82 -10.77
N SER E 11 -51.29 -8.04 -11.22
CA SER E 11 -50.61 -9.34 -11.12
C SER E 11 -51.26 -10.45 -11.95
N SER E 12 -52.58 -10.41 -12.14
CA SER E 12 -53.29 -11.40 -12.96
C SER E 12 -54.50 -10.70 -13.58
N LEU E 13 -54.48 -10.51 -14.90
CA LEU E 13 -55.52 -9.77 -15.61
C LEU E 13 -56.19 -10.69 -16.63
N SER E 14 -57.52 -10.75 -16.56
CA SER E 14 -58.33 -11.51 -17.50
C SER E 14 -59.28 -10.54 -18.21
N ALA E 15 -59.17 -10.47 -19.53
CA ALA E 15 -60.02 -9.57 -20.31
C ALA E 15 -60.30 -10.19 -21.68
N SER E 16 -61.40 -9.72 -22.28
CA SER E 16 -61.91 -10.29 -23.51
C SER E 16 -61.05 -9.87 -24.71
N VAL E 17 -61.36 -10.40 -25.88
CA VAL E 17 -60.67 -10.00 -27.11
C VAL E 17 -61.02 -8.56 -27.45
N GLY E 18 -60.06 -7.82 -27.97
CA GLY E 18 -60.31 -6.44 -28.33
C GLY E 18 -60.57 -5.50 -27.17
N ASP E 19 -60.28 -5.92 -25.95
CA ASP E 19 -60.51 -5.11 -24.76
C ASP E 19 -59.32 -4.21 -24.44
N ARG E 20 -59.62 -3.10 -23.77
CA ARG E 20 -58.60 -2.19 -23.27
C ARG E 20 -58.23 -2.59 -21.84
N VAL E 21 -56.96 -2.94 -21.63
CA VAL E 21 -56.48 -3.33 -20.31
C VAL E 21 -55.52 -2.25 -19.80
N THR E 22 -55.44 -2.13 -18.48
CA THR E 22 -54.63 -1.10 -17.82
C THR E 22 -53.84 -1.74 -16.69
N ILE E 23 -52.53 -1.49 -16.66
CA ILE E 23 -51.63 -1.98 -15.63
C ILE E 23 -50.89 -0.78 -15.05
N THR E 24 -50.88 -0.66 -13.72
CA THR E 24 -50.18 0.44 -13.07
C THR E 24 -48.93 -0.09 -12.37
N CYS E 25 -47.93 0.77 -12.26
CA CYS E 25 -46.66 0.41 -11.62
C CYS E 25 -46.23 1.60 -10.78
N GLN E 26 -46.38 1.49 -9.47
CA GLN E 26 -45.99 2.54 -8.54
C GLN E 26 -44.66 2.20 -7.90
N ALA E 27 -43.79 3.20 -7.78
CA ALA E 27 -42.45 3.00 -7.25
C ALA E 27 -42.40 3.22 -5.75
N SER E 28 -41.43 2.56 -5.09
CA SER E 28 -41.26 2.75 -3.65
C SER E 28 -40.85 4.18 -3.34
N GLN E 29 -39.81 4.67 -4.01
CA GLN E 29 -39.40 6.06 -3.90
C GLN E 29 -39.77 6.80 -5.18
N GLY E 30 -39.37 8.05 -5.26
CA GLY E 30 -39.71 8.90 -6.40
C GLY E 30 -38.75 8.72 -7.57
N ILE E 31 -39.31 8.64 -8.77
CA ILE E 31 -38.55 8.51 -10.01
C ILE E 31 -39.19 9.38 -11.08
N ASN E 32 -38.36 10.11 -11.83
CA ASN E 32 -38.84 11.10 -12.80
C ASN E 32 -38.73 10.51 -14.20
N ASN E 33 -39.83 9.88 -14.66
CA ASN E 33 -39.95 9.40 -16.03
C ASN E 33 -39.02 8.23 -16.34
N TYR E 34 -38.14 7.87 -15.41
CA TYR E 34 -37.17 6.80 -15.69
C TYR E 34 -37.85 5.46 -15.44
N LEU E 35 -38.54 4.97 -16.47
CA LEU E 35 -39.28 3.71 -16.35
C LEU E 35 -39.47 3.11 -17.74
N ASN E 36 -39.36 1.78 -17.83
CA ASN E 36 -39.52 1.06 -19.08
C ASN E 36 -40.40 -0.16 -18.85
N TRP E 37 -40.93 -0.72 -19.94
CA TRP E 37 -41.84 -1.85 -19.88
C TRP E 37 -41.38 -2.94 -20.84
N TYR E 38 -41.67 -4.20 -20.48
CA TYR E 38 -41.20 -5.34 -21.26
C TYR E 38 -42.30 -6.38 -21.37
N GLN E 39 -42.34 -7.03 -22.53
CA GLN E 39 -43.24 -8.15 -22.81
C GLN E 39 -42.46 -9.45 -22.83
N GLN E 40 -42.97 -10.47 -22.14
CA GLN E 40 -42.29 -11.77 -22.09
C GLN E 40 -43.32 -12.88 -22.23
N LYS E 41 -43.35 -13.53 -23.39
CA LYS E 41 -44.06 -14.79 -23.49
C LYS E 41 -43.25 -15.90 -22.82
N PRO E 42 -43.91 -16.93 -22.28
CA PRO E 42 -43.18 -18.00 -21.60
C PRO E 42 -42.25 -18.75 -22.54
N GLY E 43 -41.07 -19.09 -22.02
CA GLY E 43 -40.10 -19.89 -22.76
C GLY E 43 -39.27 -19.14 -23.77
N LYS E 44 -39.52 -17.84 -23.98
CA LYS E 44 -38.78 -17.06 -24.94
C LYS E 44 -38.27 -15.78 -24.31
N ALA E 45 -37.36 -15.11 -25.01
CA ALA E 45 -36.70 -13.94 -24.45
C ALA E 45 -37.64 -12.74 -24.44
N PRO E 46 -37.54 -11.87 -23.43
CA PRO E 46 -38.41 -10.68 -23.38
C PRO E 46 -38.04 -9.67 -24.44
N LYS E 47 -38.98 -8.76 -24.71
CA LYS E 47 -38.78 -7.67 -25.65
C LYS E 47 -39.36 -6.40 -25.04
N VAL E 48 -38.70 -5.27 -25.29
CA VAL E 48 -39.15 -3.99 -24.76
C VAL E 48 -40.35 -3.50 -25.57
N LEU E 49 -41.23 -2.75 -24.91
CA LEU E 49 -42.41 -2.17 -25.55
C LEU E 49 -42.47 -0.66 -25.40
N ILE E 50 -42.29 -0.14 -24.19
CA ILE E 50 -42.37 1.29 -23.92
C ILE E 50 -41.12 1.69 -23.16
N TYR E 51 -40.44 2.73 -23.63
CA TYR E 51 -39.23 3.24 -23.01
C TYR E 51 -39.45 4.67 -22.54
N ASP E 52 -38.96 4.98 -21.34
CA ASP E 52 -38.91 6.34 -20.80
C ASP E 52 -40.31 6.96 -20.73
N ALA E 53 -41.21 6.27 -20.03
CA ALA E 53 -42.54 6.78 -19.74
C ALA E 53 -43.32 7.22 -20.98
N SER E 54 -43.93 6.28 -21.72
CA SER E 54 -44.90 6.52 -22.80
C SER E 54 -44.31 6.79 -24.19
N ASN E 55 -43.00 6.65 -24.34
CA ASN E 55 -42.37 6.67 -25.66
C ASN E 55 -42.40 5.26 -26.23
N LEU E 56 -43.17 5.06 -27.29
CA LEU E 56 -43.31 3.75 -27.90
C LEU E 56 -42.06 3.39 -28.69
N GLN E 57 -41.62 2.14 -28.55
CA GLN E 57 -40.42 1.71 -29.26
C GLN E 57 -40.72 1.57 -30.75
N THR E 58 -39.79 2.06 -31.58
CA THR E 58 -39.93 1.89 -33.02
C THR E 58 -39.92 0.41 -33.38
N GLY E 59 -40.85 0.01 -34.24
CA GLY E 59 -40.96 -1.37 -34.66
C GLY E 59 -41.97 -2.20 -33.88
N VAL E 60 -42.68 -1.60 -32.93
CA VAL E 60 -43.72 -2.30 -32.18
C VAL E 60 -45.07 -1.70 -32.55
N PRO E 61 -46.18 -2.43 -32.39
CA PRO E 61 -47.48 -1.92 -32.87
C PRO E 61 -47.88 -0.63 -32.16
N SER E 62 -48.67 0.18 -32.88
CA SER E 62 -49.07 1.49 -32.37
C SER E 62 -50.12 1.40 -31.27
N ARG E 63 -50.77 0.23 -31.12
CA ARG E 63 -51.84 0.10 -30.14
C ARG E 63 -51.32 0.23 -28.71
N PHE E 64 -50.06 -0.10 -28.46
CA PHE E 64 -49.49 0.01 -27.13
C PHE E 64 -49.24 1.47 -26.76
N SER E 65 -49.24 1.74 -25.47
CA SER E 65 -49.09 3.11 -24.96
C SER E 65 -48.79 3.05 -23.47
N GLY E 66 -48.08 4.07 -22.99
CA GLY E 66 -47.82 4.23 -21.58
C GLY E 66 -48.17 5.63 -21.11
N SER E 67 -47.86 5.90 -19.85
CA SER E 67 -48.04 7.21 -19.25
C SER E 67 -47.39 7.20 -17.87
N GLY E 68 -47.47 8.33 -17.17
CA GLY E 68 -46.96 8.41 -15.82
C GLY E 68 -45.83 9.41 -15.62
N SER E 69 -45.71 9.92 -14.41
CA SER E 69 -44.66 10.85 -14.01
C SER E 69 -44.68 10.98 -12.49
N GLY E 70 -43.49 11.09 -11.90
CA GLY E 70 -43.41 11.26 -10.46
C GLY E 70 -43.56 9.96 -9.69
N THR E 71 -44.73 9.76 -9.07
CA THR E 71 -44.95 8.62 -8.18
C THR E 71 -45.78 7.51 -8.80
N ASP E 72 -46.70 7.83 -9.70
CA ASP E 72 -47.61 6.84 -10.29
C ASP E 72 -47.38 6.78 -11.79
N PHE E 73 -47.31 5.57 -12.33
CA PHE E 73 -47.07 5.34 -13.75
C PHE E 73 -48.07 4.32 -14.28
N ILE E 74 -48.50 4.53 -15.52
CA ILE E 74 -49.63 3.80 -16.10
C ILE E 74 -49.19 3.13 -17.40
N PHE E 75 -49.70 1.93 -17.64
CA PHE E 75 -49.51 1.20 -18.89
C PHE E 75 -50.88 0.96 -19.51
N THR E 76 -50.93 0.91 -20.84
CA THR E 76 -52.22 0.83 -21.52
C THR E 76 -52.08 0.02 -22.80
N ILE E 77 -53.07 -0.84 -23.05
CA ILE E 77 -53.22 -1.54 -24.32
C ILE E 77 -54.57 -1.13 -24.89
N SER E 78 -54.55 -0.37 -25.99
CA SER E 78 -55.78 0.20 -26.52
C SER E 78 -56.75 -0.90 -26.97
N SER E 79 -56.36 -1.67 -27.99
CA SER E 79 -57.18 -2.77 -28.49
C SER E 79 -56.40 -4.07 -28.32
N LEU E 80 -57.05 -5.08 -27.78
CA LEU E 80 -56.37 -6.33 -27.47
C LEU E 80 -56.45 -7.27 -28.66
N LYS E 81 -55.29 -7.76 -29.08
CA LYS E 81 -55.13 -8.84 -30.03
C LYS E 81 -54.66 -10.09 -29.28
N PRO E 82 -55.11 -11.30 -29.67
CA PRO E 82 -54.65 -12.51 -28.97
C PRO E 82 -53.14 -12.65 -28.90
N GLU E 83 -52.41 -11.99 -29.82
CA GLU E 83 -50.95 -12.03 -29.87
C GLU E 83 -50.27 -11.33 -28.70
N ASP E 84 -51.02 -10.67 -27.83
CA ASP E 84 -50.47 -9.86 -26.74
C ASP E 84 -50.37 -10.61 -25.42
N VAL E 85 -50.65 -11.92 -25.41
CA VAL E 85 -50.62 -12.66 -24.14
C VAL E 85 -49.17 -12.86 -23.71
N ALA E 86 -48.86 -12.42 -22.50
CA ALA E 86 -47.51 -12.50 -21.94
C ALA E 86 -47.53 -12.03 -20.50
N THR E 87 -46.39 -12.08 -19.81
CA THR E 87 -46.25 -11.43 -18.51
C THR E 87 -45.45 -10.13 -18.70
N TYR E 88 -45.94 -9.05 -18.10
CA TYR E 88 -45.40 -7.71 -18.31
C TYR E 88 -44.69 -7.21 -17.06
N TYR E 89 -43.56 -6.52 -17.26
CA TYR E 89 -42.77 -5.99 -16.16
C TYR E 89 -42.46 -4.52 -16.41
N CYS E 90 -42.51 -3.72 -15.35
CA CYS E 90 -42.00 -2.35 -15.41
C CYS E 90 -40.58 -2.34 -14.85
N GLN E 91 -39.73 -1.51 -15.43
CA GLN E 91 -38.33 -1.44 -15.06
C GLN E 91 -37.90 0.01 -15.02
N GLN E 92 -37.15 0.38 -13.97
CA GLN E 92 -36.64 1.73 -13.82
C GLN E 92 -35.17 1.77 -14.21
N TYR E 93 -34.72 2.95 -14.67
CA TYR E 93 -33.30 3.16 -14.92
C TYR E 93 -32.83 4.46 -14.25
N GLU E 94 -33.37 4.76 -13.08
CA GLU E 94 -32.84 5.79 -12.20
C GLU E 94 -31.68 5.23 -11.40
N ASN E 95 -31.25 5.95 -10.36
CA ASN E 95 -30.06 5.60 -9.59
C ASN E 95 -30.17 4.19 -8.99
N VAL E 96 -29.03 3.64 -8.57
CA VAL E 96 -28.83 2.36 -7.89
C VAL E 96 -29.26 1.20 -8.80
N PRO E 97 -29.04 -0.08 -8.38
CA PRO E 97 -29.55 -1.23 -9.14
C PRO E 97 -30.94 -1.02 -9.74
N ILE E 98 -31.07 -1.25 -11.05
CA ILE E 98 -32.39 -1.25 -11.67
C ILE E 98 -33.22 -2.35 -11.03
N THR E 99 -34.45 -2.02 -10.67
CA THR E 99 -35.35 -2.97 -10.06
C THR E 99 -36.60 -3.10 -10.93
N PHE E 100 -37.16 -4.30 -10.95
CA PHE E 100 -38.41 -4.58 -11.61
C PHE E 100 -39.51 -4.72 -10.57
N GLY E 101 -40.75 -4.62 -11.02
CA GLY E 101 -41.86 -5.04 -10.19
C GLY E 101 -41.84 -6.54 -10.02
N GLN E 102 -42.69 -7.02 -9.12
CA GLN E 102 -42.82 -8.47 -8.99
C GLN E 102 -43.51 -9.10 -10.21
N GLY E 103 -43.91 -8.28 -11.17
CA GLY E 103 -44.45 -8.76 -12.43
C GLY E 103 -45.96 -8.91 -12.39
N THR E 104 -46.59 -8.69 -13.55
CA THR E 104 -48.01 -8.93 -13.73
C THR E 104 -48.22 -9.92 -14.88
N ARG E 105 -48.97 -10.98 -14.61
CA ARG E 105 -49.32 -11.96 -15.63
C ARG E 105 -50.66 -11.58 -16.27
N LEU E 106 -50.78 -11.84 -17.56
CA LEU E 106 -51.99 -11.51 -18.30
C LEU E 106 -52.46 -12.73 -19.07
N ASP E 107 -53.76 -13.02 -19.01
CA ASP E 107 -54.34 -14.16 -19.68
C ASP E 107 -55.71 -13.79 -20.25
N ILE E 108 -56.23 -14.50 -21.25
CA ILE E 108 -57.48 -14.01 -21.91
C ILE E 108 -58.74 -14.80 -21.50
N LYS E 109 -59.95 -14.23 -21.73
CA LYS E 109 -61.21 -14.61 -21.03
C LYS E 109 -62.40 -14.84 -21.98
N ARG E 110 -62.18 -15.30 -23.21
CA ARG E 110 -63.15 -15.60 -24.26
C ARG E 110 -62.76 -16.85 -25.05
N THR E 111 -63.27 -18.01 -24.61
CA THR E 111 -63.33 -19.29 -25.32
C THR E 111 -64.03 -20.27 -24.37
N VAL E 112 -64.54 -21.37 -24.94
CA VAL E 112 -65.17 -22.42 -24.14
C VAL E 112 -64.90 -23.77 -24.81
N ALA E 113 -64.08 -23.74 -25.85
CA ALA E 113 -63.87 -24.90 -26.71
C ALA E 113 -63.52 -26.14 -25.90
N ALA E 114 -64.08 -27.29 -26.31
CA ALA E 114 -63.94 -28.55 -25.60
C ALA E 114 -62.57 -29.16 -25.86
N PRO E 115 -61.97 -29.81 -24.86
CA PRO E 115 -60.65 -30.41 -25.05
C PRO E 115 -60.71 -31.61 -26.01
N SER E 116 -59.71 -31.68 -26.88
CA SER E 116 -59.47 -32.91 -27.63
C SER E 116 -58.77 -33.91 -26.73
N VAL E 117 -59.19 -35.17 -26.81
CA VAL E 117 -58.71 -36.22 -25.92
C VAL E 117 -57.93 -37.25 -26.73
N PHE E 118 -56.75 -37.62 -26.23
CA PHE E 118 -55.93 -38.65 -26.86
C PHE E 118 -55.29 -39.52 -25.79
N ILE E 119 -55.23 -40.82 -26.05
CA ILE E 119 -54.68 -41.81 -25.13
C ILE E 119 -53.58 -42.57 -25.86
N PHE E 120 -52.44 -42.75 -25.19
CA PHE E 120 -51.25 -43.31 -25.82
C PHE E 120 -50.76 -44.50 -25.01
N PRO E 121 -50.68 -45.70 -25.62
CA PRO E 121 -50.02 -46.81 -24.94
C PRO E 121 -48.52 -46.59 -24.91
N PRO E 122 -47.86 -47.01 -23.83
CA PRO E 122 -46.39 -46.86 -23.76
C PRO E 122 -45.70 -47.69 -24.83
N SER E 123 -44.48 -47.27 -25.16
CA SER E 123 -43.69 -47.97 -26.16
C SER E 123 -43.17 -49.29 -25.62
N ASP E 124 -42.96 -50.25 -26.53
CA ASP E 124 -42.39 -51.53 -26.13
C ASP E 124 -40.94 -51.39 -25.69
N GLU E 125 -40.20 -50.47 -26.32
CA GLU E 125 -38.78 -50.30 -26.01
C GLU E 125 -38.56 -49.72 -24.61
N GLN E 126 -39.55 -49.03 -24.05
CA GLN E 126 -39.42 -48.55 -22.68
C GLN E 126 -39.58 -49.69 -21.67
N LEU E 127 -40.47 -50.65 -21.97
CA LEU E 127 -40.67 -51.80 -21.09
C LEU E 127 -39.42 -52.68 -20.96
N LYS E 128 -38.53 -52.66 -21.97
CA LYS E 128 -37.31 -53.46 -21.93
C LYS E 128 -36.26 -52.90 -20.96
N SER E 129 -36.51 -51.73 -20.37
CA SER E 129 -35.63 -51.17 -19.35
C SER E 129 -36.24 -51.24 -17.95
N GLY E 130 -37.34 -51.97 -17.79
CA GLY E 130 -37.95 -52.14 -16.49
C GLY E 130 -38.81 -50.98 -16.01
N THR E 131 -39.30 -50.14 -16.93
CA THR E 131 -40.11 -48.99 -16.57
C THR E 131 -41.24 -48.81 -17.58
N ALA E 132 -42.37 -48.30 -17.10
CA ALA E 132 -43.53 -48.03 -17.94
C ALA E 132 -44.12 -46.67 -17.53
N SER E 133 -44.60 -45.93 -18.53
CA SER E 133 -45.17 -44.61 -18.29
C SER E 133 -46.27 -44.37 -19.32
N VAL E 134 -47.46 -44.02 -18.84
CA VAL E 134 -48.63 -43.78 -19.69
C VAL E 134 -48.90 -42.29 -19.75
N VAL E 135 -49.37 -41.83 -20.91
CA VAL E 135 -49.63 -40.42 -21.17
C VAL E 135 -51.11 -40.25 -21.49
N CYS E 136 -51.75 -39.33 -20.77
CA CYS E 136 -53.12 -38.91 -21.04
C CYS E 136 -53.09 -37.44 -21.45
N LEU E 137 -53.65 -37.14 -22.63
CA LEU E 137 -53.51 -35.83 -23.24
C LEU E 137 -54.87 -35.15 -23.38
N LEU E 138 -54.91 -33.86 -23.06
CA LEU E 138 -56.04 -32.99 -23.35
C LEU E 138 -55.48 -31.73 -24.00
N ASN E 139 -55.82 -31.50 -25.26
CA ASN E 139 -55.17 -30.49 -26.08
C ASN E 139 -56.15 -29.42 -26.52
N ASN E 140 -55.75 -28.16 -26.37
CA ASN E 140 -56.48 -27.00 -26.87
C ASN E 140 -57.88 -26.92 -26.27
N PHE E 141 -57.91 -26.69 -24.95
CA PHE E 141 -59.13 -26.46 -24.21
C PHE E 141 -59.05 -25.11 -23.49
N TYR E 142 -60.15 -24.34 -23.50
CA TYR E 142 -60.07 -23.03 -22.87
C TYR E 142 -59.89 -23.09 -21.36
N PRO E 143 -60.75 -23.78 -20.59
CA PRO E 143 -60.90 -23.43 -19.16
C PRO E 143 -59.59 -23.30 -18.38
N ARG E 144 -58.67 -24.25 -18.53
CA ARG E 144 -57.49 -24.42 -17.67
C ARG E 144 -57.95 -24.96 -16.31
N GLU E 145 -59.04 -24.41 -15.79
CA GLU E 145 -59.72 -25.00 -14.64
C GLU E 145 -60.35 -26.30 -15.09
N ALA E 146 -59.67 -27.41 -14.81
CA ALA E 146 -60.11 -28.73 -15.26
C ALA E 146 -59.64 -29.77 -14.26
N LYS E 147 -60.27 -30.93 -14.29
CA LYS E 147 -59.98 -32.02 -13.37
C LYS E 147 -59.75 -33.29 -14.18
N VAL E 148 -58.59 -33.90 -13.99
CA VAL E 148 -58.24 -35.16 -14.67
C VAL E 148 -57.87 -36.17 -13.60
N GLN E 149 -58.43 -37.37 -13.71
CA GLN E 149 -58.14 -38.47 -12.79
C GLN E 149 -57.78 -39.72 -13.57
N TRP E 150 -57.11 -40.64 -12.90
CA TRP E 150 -56.70 -41.92 -13.48
C TRP E 150 -57.50 -43.05 -12.87
N LYS E 151 -57.60 -44.15 -13.62
CA LYS E 151 -58.26 -45.36 -13.13
C LYS E 151 -57.68 -46.56 -13.86
N VAL E 152 -57.03 -47.45 -13.12
CA VAL E 152 -56.49 -48.69 -13.65
C VAL E 152 -57.31 -49.82 -13.04
N ASP E 153 -58.25 -50.36 -13.82
CA ASP E 153 -59.15 -51.42 -13.38
C ASP E 153 -59.98 -50.96 -12.17
N ASN E 154 -60.68 -49.84 -12.35
CA ASN E 154 -61.53 -49.22 -11.35
C ASN E 154 -60.79 -48.84 -10.08
N ALA E 155 -59.46 -48.85 -10.10
CA ALA E 155 -58.64 -48.48 -8.95
C ALA E 155 -58.14 -47.05 -9.14
N LEU E 156 -58.25 -46.24 -8.09
CA LEU E 156 -57.87 -44.83 -8.16
C LEU E 156 -56.36 -44.70 -8.02
N GLN E 157 -55.71 -44.08 -9.01
CA GLN E 157 -54.28 -43.82 -8.96
C GLN E 157 -54.06 -42.48 -8.25
N SER E 158 -53.33 -42.52 -7.14
CA SER E 158 -53.12 -41.36 -6.29
C SER E 158 -51.64 -41.05 -6.19
N GLY E 159 -51.28 -39.78 -6.42
CA GLY E 159 -49.91 -39.31 -6.25
C GLY E 159 -48.90 -39.86 -7.23
N ASN E 160 -49.24 -40.86 -8.03
CA ASN E 160 -48.31 -41.45 -8.98
C ASN E 160 -48.41 -40.82 -10.37
N SER E 161 -49.25 -39.82 -10.55
CA SER E 161 -49.42 -39.13 -11.82
C SER E 161 -48.86 -37.71 -11.72
N GLN E 162 -48.42 -37.18 -12.86
CA GLN E 162 -47.91 -35.83 -12.93
C GLN E 162 -48.46 -35.14 -14.17
N GLU E 163 -48.51 -33.80 -14.12
CA GLU E 163 -49.10 -32.99 -15.18
C GLU E 163 -48.12 -31.90 -15.59
N SER E 164 -48.45 -31.20 -16.68
CA SER E 164 -47.59 -30.17 -17.20
C SER E 164 -48.41 -28.95 -17.61
N VAL E 165 -47.79 -27.77 -17.52
CA VAL E 165 -48.46 -26.51 -17.87
C VAL E 165 -48.17 -26.21 -19.34
N THR E 166 -49.05 -26.70 -20.23
CA THR E 166 -48.88 -26.51 -21.67
C THR E 166 -48.92 -25.07 -22.12
N GLU E 167 -49.56 -24.19 -21.37
CA GLU E 167 -49.80 -22.79 -21.73
C GLU E 167 -50.69 -22.66 -22.97
N GLN E 168 -50.97 -21.43 -23.40
CA GLN E 168 -51.82 -21.21 -24.56
C GLN E 168 -51.04 -20.48 -25.64
N ASP E 169 -50.96 -21.09 -26.83
CA ASP E 169 -50.32 -20.43 -27.95
C ASP E 169 -51.21 -19.30 -28.47
N SER E 170 -50.58 -18.20 -28.87
CA SER E 170 -51.28 -16.94 -29.14
C SER E 170 -51.88 -16.92 -30.55
N LYS E 171 -52.75 -17.89 -30.81
CA LYS E 171 -53.46 -17.97 -32.09
C LYS E 171 -54.90 -18.37 -31.84
N ASP E 172 -55.59 -17.58 -31.00
CA ASP E 172 -56.94 -17.91 -30.51
C ASP E 172 -56.97 -19.27 -29.81
N SER E 173 -55.79 -19.80 -29.49
CA SER E 173 -55.69 -21.09 -28.84
C SER E 173 -55.79 -20.90 -27.33
N THR E 174 -55.76 -22.01 -26.62
CA THR E 174 -55.96 -22.03 -25.17
C THR E 174 -55.08 -23.13 -24.59
N TYR E 175 -55.06 -23.20 -23.26
CA TYR E 175 -54.24 -24.18 -22.56
C TYR E 175 -54.57 -25.60 -23.02
N SER E 176 -53.54 -26.45 -23.07
CA SER E 176 -53.66 -27.89 -23.26
C SER E 176 -53.26 -28.56 -21.94
N LEU E 177 -53.08 -29.88 -21.96
CA LEU E 177 -52.62 -30.58 -20.75
C LEU E 177 -52.29 -32.03 -21.10
N SER E 178 -51.22 -32.53 -20.49
CA SER E 178 -50.87 -33.94 -20.54
C SER E 178 -50.71 -34.47 -19.12
N SER E 179 -51.15 -35.70 -18.91
CA SER E 179 -51.05 -36.38 -17.63
C SER E 179 -50.03 -37.51 -17.76
N THR E 180 -48.96 -37.43 -16.98
CA THR E 180 -47.89 -38.42 -17.00
C THR E 180 -48.07 -39.33 -15.78
N LEU E 181 -48.50 -40.57 -16.03
CA LEU E 181 -48.66 -41.56 -14.98
C LEU E 181 -47.39 -42.42 -14.93
N THR E 182 -46.59 -42.22 -13.88
CA THR E 182 -45.35 -42.94 -13.70
C THR E 182 -45.62 -44.28 -13.04
N LEU E 183 -45.02 -45.34 -13.58
CA LEU E 183 -45.23 -46.69 -13.07
C LEU E 183 -43.91 -47.47 -13.11
N SER E 184 -43.94 -48.66 -12.52
CA SER E 184 -42.87 -49.63 -12.63
C SER E 184 -43.32 -50.76 -13.55
N LYS E 185 -42.37 -51.62 -13.91
CA LYS E 185 -42.69 -52.73 -14.81
C LYS E 185 -43.55 -53.79 -14.11
N ALA E 186 -43.28 -54.04 -12.83
CA ALA E 186 -44.00 -55.09 -12.10
C ALA E 186 -45.48 -54.76 -11.97
N ASP E 187 -45.80 -53.55 -11.49
CA ASP E 187 -47.19 -53.13 -11.34
C ASP E 187 -47.90 -53.02 -12.68
N TYR E 188 -47.17 -52.84 -13.78
CA TYR E 188 -47.79 -52.61 -15.08
C TYR E 188 -48.49 -53.87 -15.60
N GLU E 189 -47.78 -55.01 -15.64
CA GLU E 189 -48.32 -56.24 -16.21
C GLU E 189 -49.25 -56.99 -15.27
N LYS E 190 -49.58 -56.43 -14.10
CA LYS E 190 -50.50 -57.08 -13.18
C LYS E 190 -51.96 -56.72 -13.42
N HIS E 191 -52.24 -55.63 -14.13
CA HIS E 191 -53.59 -55.21 -14.42
C HIS E 191 -53.71 -54.92 -15.92
N LYS E 192 -54.96 -54.84 -16.40
CA LYS E 192 -55.26 -54.89 -17.83
C LYS E 192 -55.75 -53.56 -18.41
N VAL E 193 -56.78 -52.97 -17.82
CA VAL E 193 -57.46 -51.82 -18.44
C VAL E 193 -56.85 -50.52 -17.93
N TYR E 194 -56.62 -49.58 -18.85
CA TYR E 194 -56.09 -48.27 -18.50
C TYR E 194 -56.94 -47.20 -19.15
N ALA E 195 -57.34 -46.20 -18.37
CA ALA E 195 -58.15 -45.10 -18.86
C ALA E 195 -58.07 -43.95 -17.85
N CYS E 196 -58.14 -42.73 -18.37
CA CYS E 196 -58.03 -41.53 -17.55
C CYS E 196 -59.36 -40.77 -17.57
N GLU E 197 -59.89 -40.49 -16.37
CA GLU E 197 -61.17 -39.82 -16.24
C GLU E 197 -61.00 -38.30 -16.38
N VAL E 198 -61.97 -37.67 -17.04
CA VAL E 198 -61.99 -36.22 -17.24
C VAL E 198 -63.27 -35.66 -16.65
N THR E 199 -63.15 -34.57 -15.89
CA THR E 199 -64.30 -33.93 -15.25
C THR E 199 -64.55 -32.53 -15.83
N VAL E 207 -66.19 -37.87 -19.66
CA VAL E 207 -65.70 -38.39 -20.94
C VAL E 207 -64.32 -39.01 -20.76
N THR E 208 -64.12 -40.20 -21.34
CA THR E 208 -62.90 -40.97 -21.13
C THR E 208 -62.66 -41.89 -22.32
N LYS E 209 -61.42 -41.94 -22.78
CA LYS E 209 -60.96 -42.90 -23.76
C LYS E 209 -60.17 -44.01 -23.07
N SER E 210 -60.29 -45.23 -23.60
CA SER E 210 -59.71 -46.40 -22.95
C SER E 210 -59.04 -47.31 -23.98
N PHE E 211 -58.20 -48.20 -23.47
CA PHE E 211 -57.55 -49.21 -24.29
C PHE E 211 -57.27 -50.43 -23.41
N ASN E 212 -56.82 -51.50 -24.05
CA ASN E 212 -56.50 -52.75 -23.38
C ASN E 212 -55.02 -53.06 -23.57
N ARG E 213 -54.39 -53.54 -22.50
CA ARG E 213 -52.95 -53.84 -22.51
C ARG E 213 -52.70 -55.08 -23.36
N GLY E 214 -52.21 -54.88 -24.58
CA GLY E 214 -51.83 -55.97 -25.46
C GLY E 214 -52.82 -56.32 -26.55
N GLU E 215 -53.83 -55.50 -26.78
CA GLU E 215 -54.84 -55.76 -27.80
C GLU E 215 -54.72 -54.74 -28.94
N CYS E 216 -55.55 -54.92 -29.96
CA CYS E 216 -55.57 -54.03 -31.11
C CYS E 216 -56.97 -53.49 -31.37
N GLY F 16 39.39 16.16 -42.09
CA GLY F 16 38.99 15.55 -40.83
C GLY F 16 40.03 15.67 -39.74
N THR F 17 39.61 16.17 -38.57
CA THR F 17 40.51 16.37 -37.45
C THR F 17 40.38 15.26 -36.41
N ARG F 18 39.21 15.13 -35.78
CA ARG F 18 38.96 14.11 -34.77
C ARG F 18 37.47 14.14 -34.44
N THR F 19 37.05 13.20 -33.59
CA THR F 19 35.67 13.10 -33.17
C THR F 19 35.62 12.76 -31.69
N ARG F 20 34.44 12.90 -31.10
CA ARG F 20 34.20 12.49 -29.72
C ARG F 20 33.10 11.44 -29.70
N GLY F 21 33.37 10.31 -29.05
CA GLY F 21 32.37 9.28 -28.88
C GLY F 21 31.74 9.38 -27.51
N LYS F 22 32.58 9.43 -26.49
CA LYS F 22 32.15 9.68 -25.12
C LYS F 22 32.58 11.08 -24.70
N LEU F 23 31.81 11.67 -23.78
CA LEU F 23 32.13 13.01 -23.32
C LEU F 23 33.44 13.03 -22.53
N CYS F 24 33.60 12.10 -21.59
CA CYS F 24 34.78 12.05 -20.73
C CYS F 24 35.54 10.74 -20.92
N PRO F 25 36.65 10.74 -21.66
CA PRO F 25 37.63 9.66 -21.48
C PRO F 25 38.30 9.77 -20.12
N ASP F 26 38.88 8.66 -19.68
CA ASP F 26 39.39 8.43 -18.34
C ASP F 26 38.27 8.25 -17.32
N CYS F 27 37.01 8.42 -17.73
CA CYS F 27 35.85 8.12 -16.89
C CYS F 27 35.48 6.65 -17.09
N LEU F 28 36.34 5.78 -16.55
CA LEU F 28 36.16 4.34 -16.71
C LEU F 28 34.89 3.87 -16.01
N ASN F 29 34.27 2.83 -16.57
CA ASN F 29 33.04 2.24 -16.05
C ASN F 29 31.91 3.26 -15.92
N CYS F 30 32.04 4.42 -16.57
CA CYS F 30 31.03 5.47 -16.56
C CYS F 30 30.41 5.54 -17.94
N THR F 31 29.09 5.38 -18.01
CA THR F 31 28.39 5.53 -19.27
C THR F 31 28.37 7.00 -19.69
N ASP F 32 27.91 7.25 -20.91
CA ASP F 32 27.82 8.61 -21.41
C ASP F 32 26.79 9.43 -20.64
N LEU F 33 25.83 8.77 -20.00
CA LEU F 33 24.85 9.45 -19.16
C LEU F 33 25.38 9.71 -17.75
N ASP F 34 26.15 8.78 -17.19
CA ASP F 34 26.65 8.94 -15.82
C ASP F 34 27.51 10.19 -15.67
N VAL F 35 28.40 10.43 -16.65
CA VAL F 35 29.27 11.59 -16.58
C VAL F 35 28.50 12.89 -16.68
N ALA F 36 27.31 12.87 -17.30
CA ALA F 36 26.53 14.08 -17.46
C ALA F 36 26.01 14.61 -16.13
N LEU F 37 25.48 13.72 -15.28
CA LEU F 37 24.91 14.16 -14.00
C LEU F 37 25.95 14.56 -12.97
N GLY F 38 27.23 14.66 -13.30
CA GLY F 38 28.23 14.88 -12.27
C GLY F 38 28.31 13.75 -11.28
N ARG F 39 27.91 12.55 -11.68
CA ARG F 39 27.95 11.41 -10.78
C ARG F 39 29.38 11.16 -10.32
N PRO F 40 29.58 10.88 -9.04
CA PRO F 40 30.95 10.67 -8.54
C PRO F 40 31.61 9.48 -9.22
N MET F 41 32.94 9.54 -9.27
CA MET F 41 33.83 8.65 -10.02
C MET F 41 33.74 8.87 -11.52
N CYS F 42 32.84 9.74 -12.00
CA CYS F 42 32.82 10.18 -13.39
C CYS F 42 33.22 11.66 -13.49
N VAL F 43 34.04 12.12 -12.53
CA VAL F 43 34.45 13.52 -12.47
C VAL F 43 35.65 13.73 -13.39
N GLY F 44 35.60 14.78 -14.18
CA GLY F 44 36.68 15.10 -15.09
C GLY F 44 36.24 16.07 -16.15
N THR F 45 37.22 16.55 -16.91
CA THR F 45 36.96 17.47 -18.00
C THR F 45 36.69 16.70 -19.29
N THR F 46 35.94 17.34 -20.19
CA THR F 46 35.53 16.71 -21.43
C THR F 46 36.24 17.35 -22.62
N PRO F 47 36.89 16.57 -23.48
CA PRO F 47 37.53 17.15 -24.67
C PRO F 47 36.50 17.72 -25.64
N SER F 48 36.80 18.89 -26.19
CA SER F 48 35.92 19.59 -27.11
C SER F 48 36.37 19.33 -28.55
N ALA F 49 35.42 19.00 -29.41
CA ALA F 49 35.71 18.74 -30.82
C ALA F 49 34.54 19.21 -31.66
N LYS F 50 34.82 19.50 -32.94
CA LYS F 50 33.81 19.96 -33.88
C LYS F 50 33.12 18.83 -34.62
N ALA F 51 33.56 17.59 -34.42
CA ALA F 51 32.90 16.42 -34.98
C ALA F 51 32.54 15.47 -33.85
N SER F 52 31.35 14.87 -33.93
CA SER F 52 30.85 14.00 -32.88
C SER F 52 29.92 12.96 -33.48
N ILE F 53 30.11 11.70 -33.09
CA ILE F 53 29.24 10.61 -33.53
C ILE F 53 28.26 10.30 -32.39
N LEU F 54 27.02 10.04 -32.75
CA LEU F 54 25.97 9.72 -31.78
C LEU F 54 25.79 8.22 -31.72
N HIS F 55 25.74 7.68 -30.51
CA HIS F 55 25.51 6.25 -30.31
C HIS F 55 24.50 5.94 -29.22
N GLU F 56 24.11 6.92 -28.40
CA GLU F 56 23.14 6.72 -27.32
C GLU F 56 21.82 7.35 -27.72
N VAL F 57 20.86 6.51 -28.10
CA VAL F 57 19.48 6.97 -28.25
C VAL F 57 18.71 6.86 -26.93
N ARG F 58 19.05 5.87 -26.10
CA ARG F 58 18.45 5.66 -24.78
C ARG F 58 19.57 5.55 -23.76
N PRO F 59 20.17 6.67 -23.35
CA PRO F 59 21.27 6.60 -22.38
C PRO F 59 20.79 6.04 -21.06
N VAL F 60 21.67 5.27 -20.41
CA VAL F 60 21.33 4.50 -19.23
C VAL F 60 22.46 4.63 -18.22
N THR F 61 22.10 4.80 -16.95
CA THR F 61 23.10 4.94 -15.90
C THR F 61 23.49 3.60 -15.30
N SER F 62 24.71 3.54 -14.79
CA SER F 62 25.22 2.38 -14.04
C SER F 62 25.99 2.95 -12.84
N GLY F 63 25.27 3.16 -11.74
CA GLY F 63 25.89 3.74 -10.56
C GLY F 63 24.93 4.46 -9.63
N CYS F 64 24.94 5.79 -9.71
CA CYS F 64 24.32 6.64 -8.70
C CYS F 64 22.82 6.33 -8.58
N PHE F 65 22.24 6.84 -7.48
CA PHE F 65 20.89 6.61 -6.96
C PHE F 65 19.87 6.44 -8.08
N PRO F 66 18.93 5.49 -7.93
CA PRO F 66 17.98 5.22 -9.01
C PRO F 66 17.19 6.44 -9.43
N ILE F 67 16.87 6.49 -10.73
CA ILE F 67 16.21 7.63 -11.35
C ILE F 67 14.97 7.13 -12.07
N MET F 68 13.96 8.02 -12.17
CA MET F 68 12.79 7.82 -13.01
C MET F 68 13.03 8.60 -14.30
N HIS F 69 13.44 7.89 -15.35
CA HIS F 69 13.99 8.54 -16.53
C HIS F 69 12.90 9.11 -17.44
N ASP F 70 12.02 8.25 -17.94
CA ASP F 70 11.03 8.69 -18.93
C ASP F 70 9.98 9.65 -18.38
N ARG F 71 10.06 10.02 -17.09
CA ARG F 71 9.13 11.00 -16.54
C ARG F 71 9.46 12.42 -16.97
N THR F 72 10.72 12.71 -17.30
CA THR F 72 11.15 14.01 -17.79
C THR F 72 11.91 13.84 -19.09
N LYS F 73 12.43 14.95 -19.61
CA LYS F 73 13.24 14.96 -20.82
C LYS F 73 14.73 14.76 -20.52
N ILE F 74 15.07 14.29 -19.31
CA ILE F 74 16.46 14.22 -18.88
C ILE F 74 17.29 13.22 -19.70
N ARG F 75 16.67 12.20 -20.30
CA ARG F 75 17.42 11.25 -21.10
C ARG F 75 18.05 11.92 -22.32
N GLN F 76 17.41 12.94 -22.87
CA GLN F 76 17.94 13.65 -24.03
C GLN F 76 18.96 14.71 -23.66
N LEU F 77 19.56 14.61 -22.48
CA LEU F 77 20.57 15.59 -22.06
C LEU F 77 21.92 15.33 -22.74
N PRO F 78 22.50 14.13 -22.67
CA PRO F 78 23.82 13.95 -23.31
C PRO F 78 23.79 14.08 -24.82
N ASN F 79 22.70 13.67 -25.48
CA ASN F 79 22.57 13.88 -26.92
C ASN F 79 22.44 15.35 -27.28
N LEU F 80 22.10 16.20 -26.31
CA LEU F 80 22.18 17.64 -26.47
C LEU F 80 23.56 18.18 -26.09
N LEU F 81 24.19 17.58 -25.07
CA LEU F 81 25.54 17.99 -24.68
C LEU F 81 26.53 17.70 -25.80
N ARG F 82 26.32 16.60 -26.53
CA ARG F 82 27.22 16.25 -27.63
C ARG F 82 27.11 17.24 -28.79
N GLY F 83 25.99 17.95 -28.91
CA GLY F 83 25.84 18.87 -30.02
C GLY F 83 26.66 20.13 -29.88
N TYR F 84 27.01 20.49 -28.64
CA TYR F 84 27.80 21.68 -28.37
C TYR F 84 29.29 21.34 -28.48
N GLU F 85 30.03 22.20 -29.20
CA GLU F 85 31.43 21.92 -29.49
C GLU F 85 32.29 21.99 -28.23
N LYS F 86 32.40 23.17 -27.64
CA LYS F 86 33.22 23.37 -26.45
C LYS F 86 32.29 23.37 -25.23
N ILE F 87 32.38 22.32 -24.42
CA ILE F 87 31.57 22.17 -23.22
C ILE F 87 32.47 22.13 -22.01
N ARG F 88 32.00 22.70 -20.90
CA ARG F 88 32.74 22.70 -19.65
C ARG F 88 31.77 22.71 -18.48
N LEU F 89 32.17 22.05 -17.40
CA LEU F 89 31.35 22.02 -16.19
C LEU F 89 31.59 23.28 -15.36
N SER F 90 30.73 23.47 -14.35
CA SER F 90 30.89 24.61 -13.46
C SER F 90 32.12 24.40 -12.58
N THR F 91 33.04 25.38 -12.60
CA THR F 91 34.22 25.29 -11.74
C THR F 91 33.86 25.55 -10.29
N GLN F 92 32.98 26.53 -10.04
CA GLN F 92 32.52 26.87 -8.71
C GLN F 92 31.03 26.55 -8.56
N ASN F 93 30.60 26.39 -7.32
CA ASN F 93 29.19 26.13 -7.04
C ASN F 93 28.33 27.33 -7.45
N VAL F 94 27.04 27.07 -7.66
CA VAL F 94 26.13 28.12 -8.11
C VAL F 94 25.70 28.99 -6.94
N ILE F 95 25.19 28.38 -5.87
CA ILE F 95 24.73 29.10 -4.69
C ILE F 95 25.05 28.26 -3.46
N ASP F 96 24.71 28.81 -2.29
CA ASP F 96 24.83 28.08 -1.04
C ASP F 96 23.62 27.17 -0.86
N ALA F 97 23.87 25.99 -0.28
CA ALA F 97 22.82 25.01 -0.01
C ALA F 97 22.23 25.13 1.38
N GLU F 98 23.05 25.37 2.40
CA GLU F 98 22.52 25.53 3.76
C GLU F 98 21.73 26.82 3.90
N LYS F 99 22.17 27.89 3.24
CA LYS F 99 21.51 29.20 3.32
C LYS F 99 20.31 29.30 2.38
N ALA F 100 19.80 28.18 1.89
CA ALA F 100 18.63 28.18 1.02
C ALA F 100 17.40 28.63 1.81
N PRO F 101 16.39 29.14 1.12
CA PRO F 101 15.16 29.55 1.82
C PRO F 101 14.44 28.34 2.42
N GLY F 102 13.83 28.57 3.59
CA GLY F 102 13.09 27.53 4.27
C GLY F 102 13.87 26.78 5.34
N GLY F 103 14.88 27.40 5.93
CA GLY F 103 15.66 26.76 6.98
C GLY F 103 16.96 26.19 6.46
N PRO F 104 17.95 26.07 7.35
CA PRO F 104 19.23 25.45 6.95
C PRO F 104 19.03 24.00 6.52
N TYR F 105 19.60 23.66 5.37
CA TYR F 105 19.55 22.32 4.82
C TYR F 105 20.95 21.71 4.83
N ARG F 106 21.03 20.41 5.10
CA ARG F 106 22.31 19.72 5.15
C ARG F 106 22.52 18.91 3.87
N LEU F 107 23.78 18.82 3.46
CA LEU F 107 24.17 18.15 2.21
C LEU F 107 23.92 16.65 2.35
N GLY F 108 22.80 16.18 1.80
CA GLY F 108 22.49 14.78 1.85
C GLY F 108 23.30 13.95 0.87
N THR F 109 24.16 13.08 1.38
CA THR F 109 24.91 12.16 0.55
C THR F 109 24.10 10.88 0.36
N SER F 110 24.73 9.83 -0.18
CA SER F 110 24.05 8.56 -0.40
C SER F 110 25.08 7.48 -0.67
N GLY F 111 24.81 6.28 -0.14
CA GLY F 111 25.69 5.15 -0.39
C GLY F 111 25.57 4.58 -1.79
N SER F 112 24.49 4.89 -2.50
CA SER F 112 24.30 4.41 -3.86
C SER F 112 25.19 5.11 -4.87
N CYS F 113 25.95 6.12 -4.45
CA CYS F 113 26.86 6.88 -5.34
C CYS F 113 28.21 7.08 -4.65
N PRO F 114 29.00 6.01 -4.52
CA PRO F 114 30.32 6.15 -3.90
C PRO F 114 31.33 6.72 -4.89
N ASN F 115 32.29 7.46 -4.32
CA ASN F 115 33.39 8.01 -5.09
C ASN F 115 34.72 7.46 -4.61
N ALA F 116 34.69 6.25 -4.03
CA ALA F 116 35.90 5.45 -3.84
C ALA F 116 36.78 5.96 -2.69
N THR F 117 36.49 7.15 -2.15
CA THR F 117 37.17 7.54 -0.92
C THR F 117 36.45 7.02 0.32
N SER F 118 35.12 7.18 0.33
CA SER F 118 34.24 6.52 1.28
C SER F 118 33.10 5.89 0.48
N LYS F 119 32.27 5.11 1.18
CA LYS F 119 31.20 4.38 0.52
C LYS F 119 30.03 5.26 0.13
N ILE F 120 30.06 6.56 0.42
CA ILE F 120 28.94 7.44 0.15
C ILE F 120 29.42 8.62 -0.71
N GLY F 121 28.46 9.40 -1.18
CA GLY F 121 28.73 10.50 -2.07
C GLY F 121 27.45 10.88 -2.81
N PHE F 122 27.57 11.90 -3.65
CA PHE F 122 26.41 12.40 -4.37
C PHE F 122 26.89 13.10 -5.64
N PHE F 123 25.94 13.56 -6.44
CA PHE F 123 26.27 14.30 -7.65
C PHE F 123 27.05 15.55 -7.32
N ALA F 124 27.99 15.90 -8.19
CA ALA F 124 28.61 17.22 -8.09
C ALA F 124 27.72 18.30 -8.69
N THR F 125 26.83 17.93 -9.63
CA THR F 125 25.94 18.90 -10.24
C THR F 125 24.85 19.37 -9.29
N MET F 126 24.42 18.49 -8.39
CA MET F 126 23.38 18.85 -7.43
C MET F 126 23.66 18.19 -6.09
N ALA F 127 23.40 18.93 -5.02
CA ALA F 127 23.50 18.42 -3.66
C ALA F 127 22.12 18.34 -3.03
N TRP F 128 21.92 17.34 -2.19
CA TRP F 128 20.62 17.10 -1.57
C TRP F 128 20.41 18.06 -0.41
N ALA F 129 19.26 18.73 -0.39
CA ALA F 129 18.87 19.62 0.69
C ALA F 129 17.84 18.94 1.58
N VAL F 130 18.13 18.88 2.87
CA VAL F 130 17.25 18.20 3.83
C VAL F 130 16.96 19.12 5.01
N PRO F 131 15.70 19.30 5.38
CA PRO F 131 15.40 20.15 6.55
C PRO F 131 15.88 19.49 7.83
N LYS F 132 16.42 20.31 8.73
CA LYS F 132 16.89 19.83 10.01
C LYS F 132 15.70 19.37 10.88
N ASP F 133 16.02 18.65 11.95
CA ASP F 133 15.01 18.22 12.92
C ASP F 133 14.70 19.31 13.94
N ASN F 134 14.61 20.56 13.47
CA ASN F 134 13.89 21.62 14.17
C ASN F 134 13.07 22.43 13.18
N TYR F 135 13.18 22.15 11.88
CA TYR F 135 12.33 22.74 10.84
C TYR F 135 11.34 21.74 10.29
N LYS F 136 10.97 20.74 11.08
CA LYS F 136 9.91 19.79 10.72
C LYS F 136 8.56 20.47 10.94
N ASN F 137 8.26 21.42 10.05
CA ASN F 137 7.03 22.18 10.11
C ASN F 137 6.65 22.63 8.70
N ALA F 138 5.35 22.68 8.45
CA ALA F 138 4.84 23.06 7.14
C ALA F 138 4.95 24.58 6.96
N THR F 139 5.71 25.01 5.96
CA THR F 139 5.86 26.42 5.62
C THR F 139 5.29 26.67 4.23
N ASN F 140 5.21 27.94 3.86
CA ASN F 140 4.64 28.34 2.59
C ASN F 140 5.62 28.07 1.44
N PRO F 141 5.12 27.92 0.22
CA PRO F 141 6.00 27.64 -0.92
C PRO F 141 7.06 28.72 -1.11
N LEU F 142 8.20 28.30 -1.64
CA LEU F 142 9.39 29.16 -1.78
C LEU F 142 9.86 29.15 -3.23
N THR F 143 10.72 30.11 -3.54
CA THR F 143 11.28 30.24 -4.88
C THR F 143 12.62 30.95 -4.78
N VAL F 144 13.49 30.70 -5.76
CA VAL F 144 14.77 31.40 -5.84
C VAL F 144 15.22 31.40 -7.30
N GLU F 145 15.68 32.55 -7.78
CA GLU F 145 16.18 32.65 -9.13
C GLU F 145 17.55 31.99 -9.25
N VAL F 146 17.89 31.57 -10.46
CA VAL F 146 19.12 30.84 -10.76
C VAL F 146 20.04 31.77 -11.52
N PRO F 147 21.23 32.07 -11.02
CA PRO F 147 22.11 33.04 -11.68
C PRO F 147 22.78 32.45 -12.92
N TYR F 148 23.21 33.35 -13.79
CA TYR F 148 23.98 33.01 -14.98
C TYR F 148 25.43 33.34 -14.68
N ILE F 149 26.17 32.36 -14.15
CA ILE F 149 27.57 32.57 -13.78
C ILE F 149 28.53 32.13 -14.88
N CYS F 150 28.02 31.54 -15.96
CA CYS F 150 28.87 31.13 -17.06
C CYS F 150 29.55 32.34 -17.71
N THR F 151 30.46 32.04 -18.63
CA THR F 151 31.30 33.08 -19.22
C THR F 151 30.58 33.88 -20.30
N GLU F 152 31.36 34.52 -21.17
CA GLU F 152 30.83 35.48 -22.14
C GLU F 152 29.77 34.85 -23.05
N GLY F 153 30.15 33.86 -23.85
CA GLY F 153 29.27 33.32 -24.85
C GLY F 153 28.74 31.93 -24.56
N GLU F 154 29.29 31.25 -23.56
CA GLU F 154 28.86 29.89 -23.23
C GLU F 154 27.45 29.92 -22.65
N ASP F 155 26.53 29.19 -23.29
CA ASP F 155 25.15 29.14 -22.84
C ASP F 155 25.03 28.23 -21.62
N GLN F 156 24.06 28.54 -20.76
CA GLN F 156 23.91 27.88 -19.47
C GLN F 156 22.93 26.72 -19.56
N ILE F 157 23.27 25.61 -18.91
CA ILE F 157 22.41 24.44 -18.78
C ILE F 157 22.29 24.12 -17.30
N THR F 158 21.12 24.38 -16.73
CA THR F 158 20.87 24.15 -15.32
C THR F 158 20.11 22.84 -15.13
N VAL F 159 20.54 22.05 -14.15
CA VAL F 159 19.98 20.72 -13.91
C VAL F 159 19.56 20.62 -12.45
N TRP F 160 18.30 20.27 -12.21
CA TRP F 160 17.74 20.12 -10.87
C TRP F 160 16.98 18.80 -10.79
N GLY F 161 16.54 18.46 -9.58
CA GLY F 161 15.82 17.22 -9.37
C GLY F 161 14.97 17.28 -8.12
N PHE F 162 14.32 16.17 -7.81
CA PHE F 162 13.50 16.09 -6.61
C PHE F 162 13.36 14.64 -6.17
N HIS F 163 13.15 14.46 -4.86
CA HIS F 163 13.08 13.15 -4.23
C HIS F 163 11.68 12.89 -3.70
N SER F 164 11.30 11.61 -3.63
CA SER F 164 10.03 11.22 -3.05
C SER F 164 10.13 9.77 -2.58
N ASP F 165 9.61 9.49 -1.38
CA ASP F 165 9.70 8.17 -0.78
C ASP F 165 8.32 7.75 -0.25
N ASN F 166 8.27 6.66 0.51
CA ASN F 166 7.02 6.21 1.11
C ASN F 166 6.50 7.27 2.08
N LYS F 167 5.19 7.21 2.34
CA LYS F 167 4.53 8.24 3.14
C LYS F 167 5.17 8.37 4.52
N ILE F 168 5.57 7.26 5.12
CA ILE F 168 6.22 7.32 6.44
C ILE F 168 7.62 7.90 6.31
N GLN F 169 8.36 7.51 5.25
CA GLN F 169 9.72 8.03 5.07
C GLN F 169 9.72 9.51 4.74
N MET F 170 8.69 9.99 4.04
CA MET F 170 8.57 11.43 3.79
C MET F 170 8.39 12.20 5.08
N LYS F 171 7.52 11.70 5.97
CA LYS F 171 7.28 12.37 7.25
C LYS F 171 8.49 12.28 8.17
N SER F 172 9.28 11.21 8.06
CA SER F 172 10.47 11.07 8.90
C SER F 172 11.59 12.00 8.46
N LEU F 173 11.54 12.51 7.22
CA LEU F 173 12.53 13.44 6.71
C LEU F 173 12.01 14.86 6.60
N TYR F 174 10.82 15.05 6.05
CA TYR F 174 10.20 16.36 5.89
C TYR F 174 8.95 16.44 6.77
N GLY F 175 8.25 17.57 6.67
CA GLY F 175 7.06 17.76 7.46
C GLY F 175 5.80 17.22 6.82
N ASP F 176 5.80 17.09 5.50
CA ASP F 176 4.61 16.74 4.73
C ASP F 176 4.62 15.26 4.34
N SER F 177 3.43 14.70 4.18
CA SER F 177 3.24 13.35 3.68
C SER F 177 2.49 13.29 2.36
N ASN F 178 1.73 14.32 2.02
CA ASN F 178 1.03 14.41 0.74
C ASN F 178 2.02 14.74 -0.37
N PRO F 179 1.60 14.62 -1.64
CA PRO F 179 2.49 15.01 -2.73
C PRO F 179 2.88 16.48 -2.67
N GLN F 180 4.02 16.80 -3.26
CA GLN F 180 4.56 18.16 -3.31
C GLN F 180 4.39 18.74 -4.71
N LYS F 181 4.65 20.04 -4.82
CA LYS F 181 4.47 20.78 -6.05
C LYS F 181 5.78 21.45 -6.45
N PHE F 182 6.23 21.21 -7.68
CA PHE F 182 7.45 21.81 -8.21
C PHE F 182 7.21 22.31 -9.62
N THR F 183 7.92 23.37 -10.01
CA THR F 183 7.88 23.88 -11.37
C THR F 183 9.11 24.73 -11.64
N SER F 184 9.66 24.58 -12.83
CA SER F 184 10.81 25.36 -13.28
C SER F 184 10.46 26.14 -14.53
N SER F 185 11.16 27.25 -14.74
CA SER F 185 10.89 28.12 -15.88
C SER F 185 12.13 28.95 -16.19
N ALA F 186 12.60 28.88 -17.43
CA ALA F 186 13.74 29.66 -17.89
C ALA F 186 13.53 29.97 -19.37
N ASN F 187 13.56 31.26 -19.71
CA ASN F 187 13.27 31.71 -21.07
C ASN F 187 11.87 31.28 -21.51
N GLY F 188 10.89 31.50 -20.62
CA GLY F 188 9.51 31.16 -20.89
C GLY F 188 9.20 29.68 -21.00
N VAL F 189 10.17 28.80 -20.78
CA VAL F 189 9.96 27.36 -20.87
C VAL F 189 9.60 26.87 -19.48
N THR F 190 8.31 26.95 -19.15
CA THR F 190 7.81 26.48 -17.87
C THR F 190 7.46 24.99 -17.96
N THR F 191 7.38 24.35 -16.79
CA THR F 191 7.00 22.94 -16.71
C THR F 191 6.61 22.64 -15.27
N HIS F 192 5.48 21.95 -15.09
CA HIS F 192 4.94 21.65 -13.76
C HIS F 192 5.11 20.17 -13.45
N TYR F 193 5.47 19.88 -12.20
CA TYR F 193 5.73 18.52 -11.76
C TYR F 193 4.93 18.22 -10.49
N VAL F 194 4.97 16.96 -10.09
CA VAL F 194 4.33 16.50 -8.86
C VAL F 194 5.04 15.25 -8.35
N SER F 195 5.38 15.22 -7.05
CA SER F 195 6.05 14.08 -6.48
C SER F 195 5.05 12.96 -6.17
N GLN F 196 5.54 11.72 -6.14
CA GLN F 196 4.71 10.54 -6.00
C GLN F 196 5.09 9.78 -4.73
N ILE F 197 4.08 9.24 -4.04
CA ILE F 197 4.27 8.53 -2.79
C ILE F 197 3.97 7.04 -3.02
N GLY F 198 4.91 6.19 -2.65
CA GLY F 198 4.71 4.75 -2.66
C GLY F 198 4.59 4.12 -4.04
N ASP F 199 4.61 2.78 -4.07
CA ASP F 199 4.47 1.98 -5.29
C ASP F 199 5.44 2.46 -6.37
N PHE F 200 6.73 2.38 -6.05
CA PHE F 200 7.58 2.78 -7.15
C PHE F 200 8.04 1.56 -7.93
N PRO F 201 8.20 1.68 -9.25
CA PRO F 201 8.69 0.55 -10.04
C PRO F 201 10.06 0.10 -9.55
N ASP F 202 10.41 -1.14 -9.92
CA ASP F 202 11.67 -1.72 -9.48
C ASP F 202 12.84 -0.82 -9.85
N GLN F 203 13.85 -0.79 -8.99
CA GLN F 203 14.99 0.11 -9.17
C GLN F 203 15.70 -0.21 -10.48
N THR F 204 15.89 0.82 -11.31
CA THR F 204 16.47 0.67 -12.62
C THR F 204 17.64 1.63 -12.78
N GLU F 205 18.74 1.12 -13.34
CA GLU F 205 19.90 1.94 -13.68
C GLU F 205 20.49 2.63 -12.44
N ASP F 206 20.86 1.81 -11.46
CA ASP F 206 21.41 2.31 -10.21
C ASP F 206 22.51 1.36 -9.74
N GLY F 207 23.01 1.62 -8.53
CA GLY F 207 24.06 0.82 -7.92
C GLY F 207 23.59 -0.48 -7.30
N GLY F 208 22.29 -0.79 -7.40
CA GLY F 208 21.79 -2.04 -6.89
C GLY F 208 21.56 -2.09 -5.39
N LEU F 209 21.19 -0.97 -4.78
CA LEU F 209 20.93 -0.92 -3.34
C LEU F 209 19.44 -0.79 -3.10
N PRO F 210 18.84 -1.61 -2.21
CA PRO F 210 17.40 -1.50 -1.93
C PRO F 210 17.02 -0.12 -1.39
N GLN F 211 16.28 0.66 -2.19
CA GLN F 211 15.92 2.02 -1.84
C GLN F 211 14.41 2.15 -1.78
N SER F 212 13.91 2.74 -0.68
CA SER F 212 12.50 3.06 -0.60
C SER F 212 12.18 4.37 -1.32
N GLY F 213 13.17 5.22 -1.55
CA GLY F 213 12.98 6.49 -2.22
C GLY F 213 13.33 6.42 -3.71
N ARG F 214 12.98 7.51 -4.41
CA ARG F 214 13.21 7.63 -5.84
C ARG F 214 13.62 9.06 -6.19
N ILE F 215 14.38 9.19 -7.26
CA ILE F 215 14.88 10.46 -7.74
C ILE F 215 14.36 10.70 -9.14
N VAL F 216 13.86 11.91 -9.40
CA VAL F 216 13.50 12.34 -10.75
C VAL F 216 14.22 13.65 -11.03
N VAL F 217 14.92 13.71 -12.15
CA VAL F 217 15.79 14.83 -12.48
C VAL F 217 15.34 15.43 -13.81
N ASP F 218 15.32 16.77 -13.88
CA ASP F 218 15.01 17.53 -15.08
C ASP F 218 16.06 18.62 -15.27
N TYR F 219 16.23 19.07 -16.51
CA TYR F 219 17.16 20.13 -16.83
C TYR F 219 16.43 21.28 -17.53
N MET F 220 16.84 22.50 -17.23
CA MET F 220 16.34 23.69 -17.90
C MET F 220 17.51 24.47 -18.48
N MET F 221 17.25 25.17 -19.58
CA MET F 221 18.28 25.86 -20.33
C MET F 221 18.18 27.37 -20.11
N GLN F 222 19.32 28.00 -19.88
CA GLN F 222 19.40 29.45 -19.72
C GLN F 222 20.29 30.02 -20.81
N LYS F 223 19.75 30.91 -21.62
CA LYS F 223 20.56 31.64 -22.58
C LYS F 223 21.42 32.67 -21.86
N PRO F 224 22.49 33.16 -22.52
CA PRO F 224 23.37 34.12 -21.83
C PRO F 224 22.64 35.35 -21.34
N GLY F 225 23.01 35.80 -20.14
CA GLY F 225 22.45 36.99 -19.55
C GLY F 225 21.03 36.86 -19.03
N LYS F 226 20.42 35.69 -19.15
CA LYS F 226 19.05 35.47 -18.71
C LYS F 226 19.04 34.43 -17.60
N THR F 227 18.33 34.74 -16.52
CA THR F 227 18.30 33.91 -15.34
C THR F 227 17.26 32.79 -15.49
N GLY F 228 17.22 31.92 -14.49
CA GLY F 228 16.22 30.86 -14.43
C GLY F 228 15.46 30.90 -13.13
N THR F 229 14.29 30.25 -13.09
CA THR F 229 13.44 30.25 -11.92
C THR F 229 13.03 28.82 -11.59
N ILE F 230 12.99 28.50 -10.29
CA ILE F 230 12.58 27.19 -9.81
C ILE F 230 11.70 27.39 -8.59
N VAL F 231 10.43 26.99 -8.69
CA VAL F 231 9.50 27.00 -7.57
C VAL F 231 9.43 25.58 -7.01
N TYR F 232 9.65 25.44 -5.71
CA TYR F 232 9.87 24.14 -5.11
C TYR F 232 9.21 24.06 -3.74
N GLN F 233 9.03 22.83 -3.27
CA GLN F 233 8.61 22.56 -1.90
C GLN F 233 9.53 21.51 -1.30
N ARG F 234 9.12 20.88 -0.20
CA ARG F 234 9.98 19.92 0.48
C ARG F 234 10.29 18.71 -0.40
N GLY F 235 11.55 18.30 -0.39
CA GLY F 235 11.99 17.12 -1.12
C GLY F 235 12.73 17.37 -2.43
N VAL F 236 13.34 18.55 -2.59
CA VAL F 236 13.93 18.95 -3.87
C VAL F 236 15.43 18.65 -3.85
N LEU F 237 15.98 18.45 -5.04
CA LEU F 237 17.43 18.33 -5.22
C LEU F 237 17.91 19.64 -5.83
N LEU F 238 18.63 20.42 -5.04
CA LEU F 238 19.08 21.71 -5.56
C LEU F 238 20.44 21.57 -6.25
N PRO F 239 20.68 22.29 -7.34
CA PRO F 239 21.94 22.13 -8.08
C PRO F 239 23.11 22.84 -7.41
N GLN F 240 24.30 22.31 -7.66
CA GLN F 240 25.56 22.93 -7.26
C GLN F 240 26.45 23.22 -8.45
N LYS F 241 26.70 22.23 -9.30
CA LYS F 241 27.43 22.43 -10.54
C LYS F 241 26.45 22.41 -11.72
N VAL F 242 26.83 23.14 -12.77
CA VAL F 242 26.04 23.25 -13.99
C VAL F 242 26.97 23.11 -15.18
N TRP F 243 26.40 23.13 -16.38
CA TRP F 243 27.15 22.97 -17.62
C TRP F 243 27.10 24.25 -18.42
N CYS F 244 28.28 24.79 -18.76
CA CYS F 244 28.40 25.89 -19.70
C CYS F 244 28.88 25.33 -21.04
N ALA F 245 28.05 25.46 -22.08
CA ALA F 245 28.33 24.88 -23.37
C ALA F 245 28.18 25.94 -24.46
N SER F 246 29.09 25.90 -25.44
CA SER F 246 29.06 26.82 -26.56
C SER F 246 29.65 26.14 -27.79
N GLY F 247 29.45 26.78 -28.94
CA GLY F 247 29.90 26.20 -30.20
C GLY F 247 29.04 25.05 -30.63
N ARG F 248 29.26 24.55 -31.85
CA ARG F 248 28.50 23.42 -32.38
C ARG F 248 29.46 22.36 -32.92
N SER F 249 29.12 21.10 -32.68
CA SER F 249 29.84 19.96 -33.24
C SER F 249 28.94 19.23 -34.23
N LYS F 250 29.53 18.72 -35.30
CA LYS F 250 28.78 17.97 -36.29
C LYS F 250 28.37 16.62 -35.67
N VAL F 251 27.05 16.37 -35.64
CA VAL F 251 26.49 15.17 -35.01
C VAL F 251 26.14 14.17 -36.09
N ILE F 252 26.47 12.90 -35.85
CA ILE F 252 26.16 11.84 -36.80
C ILE F 252 25.81 10.54 -36.07
#